data_8VR0
#
_entry.id   8VR0
#
_cell.length_a   83.891
_cell.length_b   101.385
_cell.length_c   124.234
_cell.angle_alpha   90.00
_cell.angle_beta   95.74
_cell.angle_gamma   90.00
#
_symmetry.space_group_name_H-M   'P 1 21 1'
#
loop_
_entity.id
_entity.type
_entity.pdbx_description
1 polymer 'Betaine aldehyde dehydrogenase'
2 non-polymer "GUANOSINE-5'-MONOPHOSPHATE"
3 non-polymer 'TRIETHYLENE GLYCOL'
4 non-polymer 'CHLORIDE ION'
5 water water
#
_entity_poly.entity_id   1
_entity_poly.type   'polypeptide(L)'
_entity_poly.pdbx_seq_one_letter_code
;MAHHHHHHHMSRMAEQQLYIHGKFVAATSGKTFETINPATGEVLATVQAAGREDVDRAVKSAQQGQKVWAAMSAMARSRI
LRKAVDILRERNDELARLETLDTGKPLSETAAVDIVTGADVLEYYAGLIPALEGSQIPLRDSSFVYTRREPLGVVAGIGA
WNYPIQIALWKSAPALAAGNAMIFKPSEVTPLTALKLAEIYREAGLPDGVFNVLPGIGAETGQYLTEHPDIAKISFTGGV
ASGKKVMANSAASSLKEVTMELGGKSPLIIAEDANLDLAADIAMMANFYSSGQVCTNGTRVFVPAKFKAEFEHKILERVG
RIRAGDLFADDTNFGPLVSFPHRQNVLRYIESGKSEGARLLCGGDVLKGEGFDNGAWVAPTVFTDCTDDMTIVREEIFGP
VMSILSYDDEAEVIRRANATEYGLAAGVVTPDLNRAHRIIHQLEAGICWINSWGESPAEMPVGGYKHSGIGRENGVMTLQ
SYTQVKSIQVEMGPFQSIF
;
_entity_poly.pdbx_strand_id   A,B,C,D
#
loop_
_chem_comp.id
_chem_comp.type
_chem_comp.name
_chem_comp.formula
5GP non-polymer GUANOSINE-5'-MONOPHOSPHATE 'C10 H14 N5 O8 P'
CL non-polymer 'CHLORIDE ION' 'Cl -1'
PGE non-polymer 'TRIETHYLENE GLYCOL' 'C6 H14 O4'
#
# COMPACT_ATOMS: atom_id res chain seq x y z
N ARG A 12 40.78 -21.86 -23.68
CA ARG A 12 40.58 -20.45 -24.06
C ARG A 12 39.21 -20.31 -24.73
N MET A 13 38.59 -19.17 -24.50
CA MET A 13 37.35 -18.78 -25.17
C MET A 13 37.67 -17.74 -26.24
N ALA A 14 36.67 -17.48 -27.09
CA ALA A 14 36.79 -16.44 -28.09
C ALA A 14 36.84 -15.07 -27.41
N GLU A 15 37.43 -14.10 -28.10
CA GLU A 15 37.53 -12.76 -27.56
C GLU A 15 36.15 -12.18 -27.26
N GLN A 16 35.99 -11.64 -26.06
CA GLN A 16 34.71 -11.12 -25.60
C GLN A 16 34.62 -9.63 -25.91
N GLN A 17 33.51 -9.24 -26.55
CA GLN A 17 33.27 -7.88 -27.00
C GLN A 17 32.23 -7.19 -26.12
N LEU A 18 31.98 -5.91 -26.41
CA LEU A 18 30.89 -5.20 -25.78
C LEU A 18 29.54 -5.69 -26.32
N TYR A 19 28.48 -5.48 -25.51
CA TYR A 19 27.12 -5.78 -25.95
C TYR A 19 26.34 -4.48 -25.93
N ILE A 20 26.07 -3.95 -27.13
CA ILE A 20 25.36 -2.69 -27.30
C ILE A 20 24.29 -2.88 -28.36
N HIS A 21 23.07 -2.52 -28.01
CA HIS A 21 21.93 -2.52 -28.94
C HIS A 21 21.73 -3.88 -29.59
N GLY A 22 21.69 -4.92 -28.76
CA GLY A 22 21.29 -6.24 -29.23
C GLY A 22 22.32 -7.01 -30.04
N LYS A 23 23.58 -6.61 -29.98
CA LYS A 23 24.59 -7.34 -30.72
C LYS A 23 25.94 -7.07 -30.07
N PHE A 24 26.87 -7.99 -30.27
CA PHE A 24 28.25 -7.76 -29.85
C PHE A 24 28.92 -6.78 -30.80
N VAL A 25 29.70 -5.87 -30.24
CA VAL A 25 30.34 -4.81 -30.99
C VAL A 25 31.73 -4.58 -30.42
N ALA A 26 32.69 -4.30 -31.29
CA ALA A 26 34.05 -3.99 -30.86
C ALA A 26 34.07 -2.68 -30.09
N ALA A 27 34.91 -2.63 -29.05
CA ALA A 27 35.14 -1.36 -28.38
C ALA A 27 35.97 -0.45 -29.27
N THR A 28 35.73 0.86 -29.16
CA THR A 28 36.51 1.85 -29.87
C THR A 28 37.61 2.42 -29.00
N SER A 29 37.79 1.88 -27.80
CA SER A 29 38.82 2.37 -26.91
C SER A 29 40.20 1.91 -27.33
N GLY A 30 40.28 0.81 -28.10
CA GLY A 30 41.57 0.19 -28.39
C GLY A 30 42.20 -0.53 -27.23
N LYS A 31 41.46 -0.80 -26.16
CA LYS A 31 42.00 -1.36 -24.93
C LYS A 31 41.34 -2.71 -24.64
N THR A 32 42.09 -3.59 -23.99
CA THR A 32 41.56 -4.89 -23.57
C THR A 32 42.11 -5.24 -22.20
N PHE A 33 41.51 -6.26 -21.59
CA PHE A 33 42.02 -6.86 -20.37
C PHE A 33 41.73 -8.35 -20.42
N GLU A 34 42.34 -9.10 -19.51
CA GLU A 34 42.19 -10.54 -19.45
C GLU A 34 41.45 -10.91 -18.17
N THR A 35 40.60 -11.92 -18.26
CA THR A 35 40.01 -12.53 -17.09
C THR A 35 40.60 -13.92 -16.95
N ILE A 36 40.99 -14.25 -15.73
CA ILE A 36 41.74 -15.44 -15.38
C ILE A 36 40.81 -16.45 -14.72
N ASN A 37 41.10 -17.72 -14.93
CA ASN A 37 40.48 -18.80 -14.15
C ASN A 37 41.17 -18.87 -12.80
N PRO A 38 40.49 -18.51 -11.70
CA PRO A 38 41.17 -18.45 -10.40
C PRO A 38 41.63 -19.80 -9.86
N ALA A 39 41.16 -20.91 -10.42
CA ALA A 39 41.63 -22.22 -9.97
C ALA A 39 42.94 -22.64 -10.65
N THR A 40 43.22 -22.15 -11.85
CA THR A 40 44.37 -22.60 -12.62
C THR A 40 45.30 -21.50 -13.07
N GLY A 41 44.88 -20.24 -13.04
CA GLY A 41 45.67 -19.14 -13.54
C GLY A 41 45.65 -18.96 -15.05
N GLU A 42 45.02 -19.87 -15.78
CA GLU A 42 44.98 -19.74 -17.22
C GLU A 42 44.08 -18.56 -17.62
N VAL A 43 44.40 -17.97 -18.76
CA VAL A 43 43.57 -16.90 -19.29
C VAL A 43 42.29 -17.51 -19.85
N LEU A 44 41.17 -17.08 -19.30
CA LEU A 44 39.88 -17.52 -19.82
C LEU A 44 39.57 -16.83 -21.14
N ALA A 45 39.81 -15.53 -21.21
CA ALA A 45 39.45 -14.78 -22.40
C ALA A 45 40.09 -13.41 -22.35
N THR A 46 40.34 -12.85 -23.53
CA THR A 46 40.64 -11.44 -23.66
C THR A 46 39.33 -10.70 -23.85
N VAL A 47 39.19 -9.59 -23.14
CA VAL A 47 37.92 -8.87 -23.06
C VAL A 47 38.13 -7.42 -23.43
N GLN A 48 37.31 -6.90 -24.33
CA GLN A 48 37.40 -5.50 -24.68
C GLN A 48 36.85 -4.61 -23.57
N ALA A 49 37.50 -3.44 -23.42
CA ALA A 49 37.19 -2.48 -22.38
C ALA A 49 36.47 -1.29 -23.00
N ALA A 50 35.34 -0.90 -22.41
CA ALA A 50 34.55 0.19 -22.97
C ALA A 50 35.21 1.53 -22.65
N GLY A 51 35.36 2.37 -23.68
CA GLY A 51 35.89 3.70 -23.51
C GLY A 51 34.79 4.72 -23.32
N ARG A 52 35.20 5.99 -23.26
CA ARG A 52 34.24 7.07 -23.08
CA ARG A 52 34.24 7.08 -23.09
C ARG A 52 33.26 7.11 -24.24
N GLU A 53 33.75 6.96 -25.47
CA GLU A 53 32.85 6.97 -26.63
C GLU A 53 31.92 5.75 -26.61
N ASP A 54 32.42 4.60 -26.19
CA ASP A 54 31.58 3.41 -26.10
C ASP A 54 30.45 3.61 -25.10
N VAL A 55 30.74 4.24 -23.95
CA VAL A 55 29.68 4.52 -22.99
C VAL A 55 28.64 5.45 -23.60
N ASP A 56 29.09 6.48 -24.33
CA ASP A 56 28.13 7.39 -24.93
C ASP A 56 27.27 6.67 -25.99
N ARG A 57 27.88 5.77 -26.77
CA ARG A 57 27.08 4.95 -27.68
C ARG A 57 26.08 4.08 -26.90
N ALA A 58 26.53 3.48 -25.81
CA ALA A 58 25.64 2.62 -25.04
C ALA A 58 24.47 3.44 -24.49
N VAL A 59 24.72 4.68 -24.05
CA VAL A 59 23.63 5.50 -23.51
C VAL A 59 22.63 5.86 -24.60
N LYS A 60 23.11 6.23 -25.78
CA LYS A 60 22.18 6.59 -26.86
C LYS A 60 21.41 5.37 -27.33
N SER A 61 22.06 4.21 -27.39
CA SER A 61 21.33 2.97 -27.61
C SER A 61 20.29 2.74 -26.52
N ALA A 62 20.67 2.93 -25.26
CA ALA A 62 19.73 2.68 -24.16
C ALA A 62 18.54 3.64 -24.21
N GLN A 63 18.79 4.92 -24.53
CA GLN A 63 17.69 5.86 -24.62
C GLN A 63 16.68 5.44 -25.68
N GLN A 64 17.16 4.98 -26.83
CA GLN A 64 16.25 4.56 -27.89
C GLN A 64 15.45 3.31 -27.49
N GLY A 65 16.12 2.32 -26.92
CA GLY A 65 15.43 1.12 -26.49
C GLY A 65 14.44 1.38 -25.38
N GLN A 66 14.81 2.24 -24.42
CA GLN A 66 13.93 2.48 -23.29
C GLN A 66 12.57 3.01 -23.76
N LYS A 67 12.55 3.83 -24.81
CA LYS A 67 11.29 4.38 -25.30
C LYS A 67 10.40 3.30 -25.90
N VAL A 68 10.98 2.38 -26.67
CA VAL A 68 10.22 1.25 -27.17
C VAL A 68 9.68 0.42 -26.02
N TRP A 69 10.54 0.13 -25.04
CA TRP A 69 10.20 -0.72 -23.90
C TRP A 69 9.10 -0.11 -23.05
N ALA A 70 9.22 1.19 -22.77
CA ALA A 70 8.25 1.82 -21.91
C ALA A 70 6.91 1.95 -22.60
N ALA A 71 6.90 2.02 -23.94
CA ALA A 71 5.67 2.15 -24.70
C ALA A 71 4.85 0.87 -24.77
N MET A 72 5.48 -0.29 -24.57
CA MET A 72 4.75 -1.54 -24.56
C MET A 72 3.78 -1.60 -23.36
N SER A 73 2.84 -2.53 -23.43
CA SER A 73 1.98 -2.77 -22.29
C SER A 73 2.75 -3.42 -21.15
N ALA A 74 2.19 -3.29 -19.95
CA ALA A 74 2.80 -3.88 -18.77
C ALA A 74 2.94 -5.39 -18.90
N MET A 75 1.90 -6.06 -19.37
CA MET A 75 1.97 -7.51 -19.52
C MET A 75 2.90 -7.89 -20.66
N ALA A 76 3.01 -7.06 -21.69
CA ALA A 76 3.99 -7.35 -22.74
C ALA A 76 5.40 -7.36 -22.16
N ARG A 77 5.72 -6.38 -21.30
CA ARG A 77 6.99 -6.42 -20.60
C ARG A 77 7.11 -7.64 -19.70
N SER A 78 6.04 -7.98 -18.97
CA SER A 78 6.08 -9.13 -18.08
CA SER A 78 6.08 -9.13 -18.08
C SER A 78 6.42 -10.40 -18.84
N ARG A 79 5.77 -10.61 -19.99
CA ARG A 79 5.96 -11.85 -20.74
C ARG A 79 7.39 -12.02 -21.25
N ILE A 80 8.02 -10.91 -21.64
CA ILE A 80 9.39 -10.95 -22.14
C ILE A 80 10.36 -11.33 -21.02
N LEU A 81 10.20 -10.71 -19.84
CA LEU A 81 11.08 -11.07 -18.74
C LEU A 81 10.88 -12.52 -18.34
N ARG A 82 9.65 -13.03 -18.45
CA ARG A 82 9.37 -14.42 -18.10
CA ARG A 82 9.38 -14.42 -18.10
C ARG A 82 10.01 -15.38 -19.10
N LYS A 83 10.09 -15.00 -20.38
CA LYS A 83 10.81 -15.82 -21.35
C LYS A 83 12.28 -15.90 -20.98
N ALA A 84 12.85 -14.78 -20.51
CA ALA A 84 14.23 -14.80 -20.06
C ALA A 84 14.41 -15.73 -18.86
N VAL A 85 13.43 -15.74 -17.93
CA VAL A 85 13.48 -16.67 -16.81
C VAL A 85 13.55 -18.11 -17.31
N ASP A 86 12.66 -18.47 -18.24
CA ASP A 86 12.62 -19.83 -18.76
C ASP A 86 13.97 -20.22 -19.36
N ILE A 87 14.61 -19.30 -20.09
CA ILE A 87 15.92 -19.61 -20.65
C ILE A 87 16.94 -19.83 -19.54
N LEU A 88 16.88 -19.01 -18.49
CA LEU A 88 17.83 -19.14 -17.39
C LEU A 88 17.65 -20.46 -16.66
N ARG A 89 16.41 -20.91 -16.49
CA ARG A 89 16.20 -22.21 -15.86
C ARG A 89 16.80 -23.31 -16.70
N GLU A 90 16.62 -23.24 -18.02
CA GLU A 90 17.09 -24.30 -18.90
C GLU A 90 18.60 -24.37 -18.93
N ARG A 91 19.27 -23.23 -18.90
CA ARG A 91 20.72 -23.16 -19.03
CA ARG A 91 20.72 -23.15 -19.04
C ARG A 91 21.43 -23.04 -17.70
N ASN A 92 20.72 -23.28 -16.60
CA ASN A 92 21.27 -23.08 -15.26
C ASN A 92 22.63 -23.75 -15.10
N ASP A 93 22.71 -25.02 -15.46
CA ASP A 93 23.98 -25.75 -15.23
C ASP A 93 25.10 -25.19 -16.11
N GLU A 94 24.83 -24.90 -17.38
CA GLU A 94 25.86 -24.33 -18.26
C GLU A 94 26.34 -22.97 -17.74
N LEU A 95 25.42 -22.10 -17.35
CA LEU A 95 25.80 -20.79 -16.83
C LEU A 95 26.56 -20.93 -15.52
N ALA A 96 26.15 -21.87 -14.66
CA ALA A 96 26.85 -22.09 -13.39
C ALA A 96 28.28 -22.53 -13.63
N ARG A 97 28.52 -23.39 -14.62
CA ARG A 97 29.88 -23.81 -14.93
C ARG A 97 30.72 -22.63 -15.40
N LEU A 98 30.16 -21.77 -16.24
CA LEU A 98 30.86 -20.56 -16.62
C LEU A 98 31.14 -19.68 -15.40
N GLU A 99 30.16 -19.55 -14.49
CA GLU A 99 30.39 -18.73 -13.30
C GLU A 99 31.53 -19.30 -12.47
N THR A 100 31.55 -20.64 -12.30
CA THR A 100 32.62 -21.29 -11.55
C THR A 100 33.99 -21.06 -12.18
N LEU A 101 34.10 -21.15 -13.51
CA LEU A 101 35.37 -20.89 -14.19
C LEU A 101 35.84 -19.47 -13.95
N ASP A 102 34.91 -18.52 -13.95
CA ASP A 102 35.26 -17.11 -13.85
C ASP A 102 35.53 -16.68 -12.42
N THR A 103 34.86 -17.28 -11.42
CA THR A 103 34.94 -16.85 -10.03
C THR A 103 35.74 -17.77 -9.13
N GLY A 104 35.87 -19.04 -9.47
CA GLY A 104 36.45 -20.00 -8.57
C GLY A 104 35.51 -20.55 -7.51
N LYS A 105 34.25 -20.19 -7.55
CA LYS A 105 33.33 -20.77 -6.59
C LYS A 105 32.96 -22.19 -7.02
N PRO A 106 32.77 -23.10 -6.07
CA PRO A 106 32.41 -24.48 -6.43
C PRO A 106 31.10 -24.54 -7.22
N LEU A 107 31.04 -25.51 -8.14
CA LEU A 107 29.80 -25.78 -8.87
C LEU A 107 28.67 -26.17 -7.92
N SER A 108 29.01 -26.79 -6.80
CA SER A 108 27.99 -27.13 -5.82
C SER A 108 27.25 -25.90 -5.33
N GLU A 109 27.91 -24.74 -5.36
CA GLU A 109 27.27 -23.47 -5.04
C GLU A 109 26.61 -22.85 -6.28
N THR A 110 27.37 -22.67 -7.37
CA THR A 110 26.88 -21.89 -8.49
C THR A 110 25.65 -22.54 -9.12
N ALA A 111 25.62 -23.86 -9.17
CA ALA A 111 24.50 -24.55 -9.81
C ALA A 111 23.25 -24.58 -8.93
N ALA A 112 23.37 -24.31 -7.65
CA ALA A 112 22.23 -24.33 -6.74
C ALA A 112 21.78 -22.96 -6.28
N VAL A 113 22.62 -21.93 -6.42
CA VAL A 113 22.32 -20.61 -5.88
C VAL A 113 22.35 -19.50 -6.93
N ASP A 114 23.47 -19.35 -7.64
CA ASP A 114 23.72 -18.10 -8.36
C ASP A 114 22.66 -17.79 -9.42
N ILE A 115 22.40 -18.72 -10.33
CA ILE A 115 21.38 -18.46 -11.34
C ILE A 115 19.99 -18.71 -10.79
N VAL A 116 19.82 -19.71 -9.90
CA VAL A 116 18.50 -20.01 -9.35
C VAL A 116 17.91 -18.77 -8.69
N THR A 117 18.70 -18.11 -7.81
CA THR A 117 18.20 -16.97 -7.07
C THR A 117 18.19 -15.69 -7.90
N GLY A 118 19.09 -15.58 -8.88
CA GLY A 118 18.99 -14.47 -9.82
C GLY A 118 17.72 -14.52 -10.63
N ALA A 119 17.41 -15.71 -11.16
CA ALA A 119 16.18 -15.89 -11.92
C ALA A 119 14.95 -15.75 -11.05
N ASP A 120 15.00 -16.19 -9.79
CA ASP A 120 13.86 -16.00 -8.88
C ASP A 120 13.48 -14.54 -8.78
N VAL A 121 14.48 -13.65 -8.73
CA VAL A 121 14.20 -12.22 -8.59
C VAL A 121 13.63 -11.66 -9.90
N LEU A 122 14.15 -12.10 -11.05
CA LEU A 122 13.58 -11.65 -12.32
C LEU A 122 12.15 -12.15 -12.48
N GLU A 123 11.90 -13.41 -12.12
CA GLU A 123 10.56 -13.96 -12.17
C GLU A 123 9.63 -13.19 -11.25
N TYR A 124 10.12 -12.84 -10.06
CA TYR A 124 9.32 -12.09 -9.11
C TYR A 124 8.89 -10.75 -9.70
N TYR A 125 9.86 -9.98 -10.22
CA TYR A 125 9.53 -8.66 -10.73
C TYR A 125 8.74 -8.73 -12.03
N ALA A 126 8.95 -9.75 -12.82
CA ALA A 126 8.18 -9.90 -14.06
C ALA A 126 6.68 -9.86 -13.75
N GLY A 127 6.29 -10.54 -12.67
CA GLY A 127 4.89 -10.62 -12.28
C GLY A 127 4.34 -9.38 -11.63
N LEU A 128 5.20 -8.54 -11.06
CA LEU A 128 4.72 -7.33 -10.39
C LEU A 128 4.53 -6.16 -11.33
N ILE A 129 5.00 -6.23 -12.57
CA ILE A 129 4.92 -5.07 -13.43
C ILE A 129 3.50 -4.51 -13.47
N PRO A 130 2.46 -5.36 -13.68
CA PRO A 130 1.09 -4.80 -13.78
C PRO A 130 0.56 -4.18 -12.51
N ALA A 131 1.17 -4.47 -11.37
CA ALA A 131 0.76 -3.92 -10.08
C ALA A 131 1.38 -2.55 -9.77
N LEU A 132 2.25 -2.04 -10.62
CA LEU A 132 2.89 -0.75 -10.38
C LEU A 132 1.90 0.36 -10.66
N GLU A 133 1.49 1.08 -9.63
CA GLU A 133 0.39 2.02 -9.71
C GLU A 133 0.78 3.35 -9.07
N GLY A 134 0.18 4.42 -9.58
CA GLY A 134 0.21 5.71 -8.93
C GLY A 134 -0.93 5.85 -7.94
N SER A 135 -1.15 7.10 -7.53
CA SER A 135 -2.15 7.43 -6.52
CA SER A 135 -2.16 7.41 -6.53
C SER A 135 -3.06 8.51 -7.07
N GLN A 136 -4.16 8.75 -6.35
CA GLN A 136 -5.09 9.82 -6.66
C GLN A 136 -5.55 10.39 -5.33
N ILE A 137 -5.56 11.71 -5.24
CA ILE A 137 -5.78 12.39 -3.99
C ILE A 137 -6.82 13.47 -4.24
N PRO A 138 -8.03 13.35 -3.70
CA PRO A 138 -9.00 14.44 -3.85
C PRO A 138 -8.62 15.59 -2.94
N LEU A 139 -8.64 16.79 -3.49
CA LEU A 139 -8.43 17.99 -2.68
C LEU A 139 -9.74 18.67 -2.30
N ARG A 140 -10.64 18.81 -3.27
CA ARG A 140 -11.93 19.49 -3.13
C ARG A 140 -12.71 19.11 -4.38
N ASP A 141 -13.99 19.50 -4.40
CA ASP A 141 -14.84 19.11 -5.52
C ASP A 141 -14.27 19.58 -6.86
N SER A 142 -13.53 20.68 -6.86
CA SER A 142 -13.05 21.26 -8.11
C SER A 142 -11.58 20.95 -8.42
N SER A 143 -10.91 20.14 -7.61
CA SER A 143 -9.51 19.88 -7.91
C SER A 143 -9.08 18.56 -7.27
N PHE A 144 -8.26 17.81 -7.99
CA PHE A 144 -7.71 16.58 -7.47
C PHE A 144 -6.30 16.42 -8.04
N VAL A 145 -5.55 15.55 -7.39
CA VAL A 145 -4.17 15.24 -7.75
C VAL A 145 -4.11 13.76 -8.10
N TYR A 146 -3.31 13.42 -9.12
CA TYR A 146 -2.92 12.03 -9.35
C TYR A 146 -1.43 11.96 -9.65
N THR A 147 -0.83 10.81 -9.38
CA THR A 147 0.59 10.62 -9.56
C THR A 147 0.85 9.50 -10.57
N ARG A 148 1.99 9.63 -11.26
CA ARG A 148 2.50 8.60 -12.15
C ARG A 148 3.84 8.13 -11.60
N ARG A 149 4.07 6.83 -11.68
CA ARG A 149 5.38 6.24 -11.41
CA ARG A 149 5.38 6.24 -11.41
C ARG A 149 6.05 6.05 -12.78
N GLU A 150 6.81 7.05 -13.19
CA GLU A 150 7.47 7.03 -14.50
C GLU A 150 8.85 6.39 -14.42
N PRO A 151 9.31 5.77 -15.51
CA PRO A 151 10.68 5.27 -15.54
C PRO A 151 11.67 6.40 -15.31
N LEU A 152 12.81 6.06 -14.71
CA LEU A 152 13.92 7.01 -14.59
C LEU A 152 14.54 7.32 -15.93
N GLY A 153 14.53 6.37 -16.85
CA GLY A 153 15.16 6.51 -18.13
C GLY A 153 16.26 5.48 -18.33
N VAL A 154 17.51 5.94 -18.36
CA VAL A 154 18.68 5.08 -18.46
C VAL A 154 19.35 5.04 -17.09
N VAL A 155 19.54 3.84 -16.59
CA VAL A 155 20.19 3.65 -15.30
C VAL A 155 21.41 2.77 -15.52
N ALA A 156 22.34 2.81 -14.57
CA ALA A 156 23.55 2.01 -14.69
C ALA A 156 23.71 1.12 -13.46
N GLY A 157 24.11 -0.10 -13.73
CA GLY A 157 24.46 -1.04 -12.66
C GLY A 157 25.92 -1.38 -12.75
N ILE A 158 26.59 -1.38 -11.61
CA ILE A 158 27.99 -1.72 -11.48
C ILE A 158 28.08 -2.94 -10.56
N GLY A 159 28.57 -4.04 -11.09
CA GLY A 159 28.55 -5.29 -10.38
C GLY A 159 29.86 -5.60 -9.66
N ALA A 160 29.78 -6.55 -8.73
CA ALA A 160 30.94 -7.08 -8.04
C ALA A 160 31.23 -8.48 -8.58
N TRP A 161 32.34 -9.05 -8.11
CA TRP A 161 32.86 -10.28 -8.68
C TRP A 161 32.47 -11.54 -7.91
N ASN A 162 31.89 -11.41 -6.71
CA ASN A 162 31.61 -12.63 -5.94
C ASN A 162 30.36 -13.33 -6.44
N TYR A 163 29.34 -12.59 -6.86
CA TYR A 163 28.10 -13.16 -7.42
C TYR A 163 27.74 -12.46 -8.74
N PRO A 164 28.51 -12.70 -9.80
CA PRO A 164 28.40 -11.86 -11.00
C PRO A 164 27.03 -11.84 -11.65
N ILE A 165 26.50 -13.02 -12.01
CA ILE A 165 25.23 -13.01 -12.71
C ILE A 165 24.08 -12.76 -11.73
N GLN A 166 24.21 -13.22 -10.47
CA GLN A 166 23.15 -12.94 -9.51
C GLN A 166 22.97 -11.44 -9.31
N ILE A 167 24.09 -10.70 -9.16
CA ILE A 167 24.01 -9.25 -9.03
C ILE A 167 23.45 -8.62 -10.30
N ALA A 168 23.91 -9.07 -11.48
CA ALA A 168 23.39 -8.53 -12.73
C ALA A 168 21.86 -8.71 -12.82
N LEU A 169 21.35 -9.85 -12.35
CA LEU A 169 19.91 -10.07 -12.34
C LEU A 169 19.20 -9.24 -11.27
N TRP A 170 19.77 -9.15 -10.07
CA TRP A 170 19.13 -8.38 -9.00
C TRP A 170 19.07 -6.90 -9.31
N LYS A 171 20.02 -6.39 -10.11
CA LYS A 171 19.97 -5.00 -10.54
C LYS A 171 19.11 -4.82 -11.79
N SER A 172 19.27 -5.68 -12.79
CA SER A 172 18.56 -5.45 -14.04
C SER A 172 17.08 -5.77 -13.92
N ALA A 173 16.70 -6.76 -13.09
CA ALA A 173 15.30 -7.16 -13.05
C ALA A 173 14.37 -6.04 -12.61
N PRO A 174 14.56 -5.42 -11.44
CA PRO A 174 13.67 -4.31 -11.08
C PRO A 174 13.80 -3.13 -12.01
N ALA A 175 15.00 -2.86 -12.50
CA ALA A 175 15.19 -1.72 -13.39
C ALA A 175 14.37 -1.87 -14.66
N LEU A 176 14.50 -3.04 -15.31
CA LEU A 176 13.71 -3.32 -16.52
C LEU A 176 12.23 -3.42 -16.23
N ALA A 177 11.85 -4.08 -15.11
CA ALA A 177 10.44 -4.21 -14.79
C ALA A 177 9.80 -2.85 -14.57
N ALA A 178 10.57 -1.86 -14.13
CA ALA A 178 10.07 -0.52 -13.91
C ALA A 178 10.01 0.33 -15.19
N GLY A 179 10.43 -0.21 -16.32
CA GLY A 179 10.37 0.50 -17.57
C GLY A 179 11.65 1.19 -17.99
N ASN A 180 12.76 0.93 -17.31
CA ASN A 180 14.03 1.55 -17.65
C ASN A 180 14.86 0.65 -18.57
N ALA A 181 15.87 1.27 -19.18
CA ALA A 181 17.00 0.54 -19.74
C ALA A 181 18.13 0.62 -18.74
N MET A 182 18.91 -0.46 -18.65
CA MET A 182 20.10 -0.51 -17.81
C MET A 182 21.34 -0.79 -18.64
N ILE A 183 22.39 -0.02 -18.39
CA ILE A 183 23.74 -0.33 -18.85
C ILE A 183 24.44 -0.97 -17.67
N PHE A 184 24.94 -2.19 -17.86
CA PHE A 184 25.55 -2.93 -16.78
C PHE A 184 27.03 -3.02 -17.00
N LYS A 185 27.81 -2.64 -15.97
CA LYS A 185 29.26 -2.81 -16.02
C LYS A 185 29.65 -3.90 -15.04
N PRO A 186 29.98 -5.09 -15.52
CA PRO A 186 30.43 -6.15 -14.61
C PRO A 186 31.84 -5.88 -14.10
N SER A 187 32.19 -6.54 -13.00
CA SER A 187 33.55 -6.47 -12.49
C SER A 187 34.54 -6.96 -13.55
N GLU A 188 35.67 -6.26 -13.65
CA GLU A 188 36.75 -6.69 -14.55
C GLU A 188 37.27 -8.07 -14.18
N VAL A 189 37.07 -8.49 -12.93
CA VAL A 189 37.45 -9.84 -12.54
C VAL A 189 36.55 -10.89 -13.16
N THR A 190 35.27 -10.58 -13.40
CA THR A 190 34.27 -11.60 -13.72
C THR A 190 33.25 -11.08 -14.74
N PRO A 191 33.67 -10.86 -15.99
CA PRO A 191 32.76 -10.25 -16.96
C PRO A 191 31.92 -11.22 -17.79
N LEU A 192 32.16 -12.53 -17.67
CA LEU A 192 31.67 -13.44 -18.72
C LEU A 192 30.17 -13.72 -18.61
N THR A 193 29.64 -13.94 -17.42
CA THR A 193 28.23 -14.31 -17.38
C THR A 193 27.32 -13.13 -17.71
N ALA A 194 27.78 -11.91 -17.44
CA ALA A 194 26.97 -10.75 -17.80
C ALA A 194 26.76 -10.68 -19.30
N LEU A 195 27.81 -11.01 -20.08
CA LEU A 195 27.66 -11.01 -21.53
C LEU A 195 26.66 -12.08 -21.96
N LYS A 196 26.70 -13.25 -21.32
CA LYS A 196 25.71 -14.29 -21.60
C LYS A 196 24.30 -13.83 -21.26
N LEU A 197 24.14 -13.13 -20.13
CA LEU A 197 22.79 -12.67 -19.76
C LEU A 197 22.23 -11.73 -20.82
N ALA A 198 23.09 -10.88 -21.39
CA ALA A 198 22.64 -9.93 -22.41
C ALA A 198 22.07 -10.63 -23.63
N GLU A 199 22.71 -11.74 -24.05
CA GLU A 199 22.19 -12.51 -25.17
C GLU A 199 20.84 -13.13 -24.80
N ILE A 200 20.75 -13.64 -23.58
CA ILE A 200 19.51 -14.28 -23.14
C ILE A 200 18.36 -13.29 -23.17
N TYR A 201 18.58 -12.07 -22.67
CA TYR A 201 17.51 -11.08 -22.70
C TYR A 201 17.04 -10.85 -24.14
N ARG A 202 17.98 -10.65 -25.07
CA ARG A 202 17.60 -10.42 -26.46
C ARG A 202 16.84 -11.61 -27.03
N GLU A 203 17.34 -12.83 -26.78
CA GLU A 203 16.66 -14.03 -27.24
C GLU A 203 15.23 -14.09 -26.67
N ALA A 204 15.04 -13.55 -25.46
CA ALA A 204 13.72 -13.52 -24.84
C ALA A 204 12.81 -12.46 -25.44
N GLY A 205 13.34 -11.55 -26.26
CA GLY A 205 12.55 -10.50 -26.86
C GLY A 205 12.75 -9.12 -26.27
N LEU A 206 13.72 -8.94 -25.40
CA LEU A 206 13.97 -7.60 -24.88
C LEU A 206 14.37 -6.67 -26.04
N PRO A 207 13.77 -5.48 -26.14
CA PRO A 207 14.15 -4.60 -27.25
C PRO A 207 15.62 -4.23 -27.19
N ASP A 208 16.22 -4.09 -28.38
CA ASP A 208 17.62 -3.71 -28.49
C ASP A 208 17.89 -2.41 -27.74
N GLY A 209 18.97 -2.40 -26.97
CA GLY A 209 19.38 -1.25 -26.20
C GLY A 209 18.91 -1.24 -24.76
N VAL A 210 17.95 -2.10 -24.42
CA VAL A 210 17.37 -2.04 -23.07
C VAL A 210 18.30 -2.61 -22.01
N PHE A 211 19.15 -3.58 -22.37
CA PHE A 211 20.19 -4.09 -21.48
C PHE A 211 21.47 -4.16 -22.29
N ASN A 212 22.36 -3.20 -22.07
CA ASN A 212 23.68 -3.16 -22.68
C ASN A 212 24.71 -3.49 -21.62
N VAL A 213 25.78 -4.17 -22.01
CA VAL A 213 26.82 -4.61 -21.09
C VAL A 213 28.16 -4.07 -21.56
N LEU A 214 28.87 -3.39 -20.66
CA LEU A 214 30.14 -2.73 -20.94
C LEU A 214 31.21 -3.24 -19.98
N PRO A 215 31.91 -4.32 -20.33
CA PRO A 215 33.08 -4.70 -19.56
C PRO A 215 34.12 -3.59 -19.58
N GLY A 216 34.96 -3.59 -18.57
CA GLY A 216 36.01 -2.61 -18.44
C GLY A 216 36.51 -2.59 -17.02
N ILE A 217 37.45 -1.67 -16.78
CA ILE A 217 38.02 -1.51 -15.45
C ILE A 217 37.31 -0.36 -14.75
N GLY A 218 37.30 -0.40 -13.42
CA GLY A 218 36.55 0.58 -12.66
C GLY A 218 37.05 1.99 -12.85
N ALA A 219 38.37 2.16 -12.91
CA ALA A 219 38.92 3.51 -13.00
C ALA A 219 38.53 4.22 -14.29
N GLU A 220 38.16 3.49 -15.32
CA GLU A 220 37.74 4.11 -16.59
C GLU A 220 36.29 3.87 -16.88
N THR A 221 35.89 2.64 -17.20
CA THR A 221 34.54 2.43 -17.68
C THR A 221 33.54 2.80 -16.61
N GLY A 222 33.79 2.36 -15.37
CA GLY A 222 32.90 2.69 -14.27
C GLY A 222 32.79 4.18 -14.06
N GLN A 223 33.92 4.88 -14.14
CA GLN A 223 33.90 6.33 -13.94
C GLN A 223 33.14 7.04 -15.04
N TYR A 224 33.30 6.57 -16.29
CA TYR A 224 32.57 7.20 -17.39
C TYR A 224 31.07 7.06 -17.21
N LEU A 225 30.61 5.93 -16.69
CA LEU A 225 29.17 5.77 -16.45
C LEU A 225 28.69 6.70 -15.35
N THR A 226 29.43 6.80 -14.24
CA THR A 226 28.99 7.63 -13.14
C THR A 226 28.98 9.10 -13.52
N GLU A 227 29.79 9.50 -14.51
CA GLU A 227 29.88 10.89 -14.92
C GLU A 227 28.93 11.25 -16.05
N HIS A 228 28.38 10.28 -16.75
CA HIS A 228 27.61 10.59 -17.95
C HIS A 228 26.37 11.40 -17.59
N PRO A 229 26.09 12.49 -18.30
CA PRO A 229 25.01 13.38 -17.87
C PRO A 229 23.61 12.83 -18.08
N ASP A 230 23.42 11.79 -18.90
CA ASP A 230 22.09 11.31 -19.25
C ASP A 230 21.74 10.00 -18.56
N ILE A 231 22.53 9.56 -17.61
CA ILE A 231 22.24 8.40 -16.79
C ILE A 231 21.59 8.93 -15.53
N ALA A 232 20.40 8.41 -15.21
CA ALA A 232 19.58 8.98 -14.16
C ALA A 232 19.82 8.34 -12.81
N LYS A 233 20.40 7.15 -12.77
CA LYS A 233 20.62 6.47 -11.51
C LYS A 233 21.76 5.48 -11.64
N ILE A 234 22.55 5.36 -10.57
CA ILE A 234 23.65 4.40 -10.47
C ILE A 234 23.30 3.45 -9.32
N SER A 235 23.39 2.14 -9.58
CA SER A 235 23.29 1.13 -8.55
C SER A 235 24.59 0.35 -8.49
N PHE A 236 25.25 0.37 -7.33
CA PHE A 236 26.60 -0.16 -7.15
C PHE A 236 26.61 -1.21 -6.05
N THR A 237 27.30 -2.31 -6.32
CA THR A 237 27.62 -3.33 -5.33
C THR A 237 29.15 -3.50 -5.31
N GLY A 238 29.74 -3.47 -4.12
CA GLY A 238 31.19 -3.57 -3.99
C GLY A 238 31.63 -3.27 -2.56
N GLY A 239 32.91 -2.87 -2.42
CA GLY A 239 33.42 -2.58 -1.09
C GLY A 239 33.00 -1.22 -0.58
N VAL A 240 33.05 -1.07 0.76
CA VAL A 240 32.63 0.17 1.41
C VAL A 240 33.44 1.35 0.89
N ALA A 241 34.74 1.15 0.70
CA ALA A 241 35.61 2.24 0.26
C ALA A 241 35.27 2.66 -1.17
N SER A 242 35.26 1.70 -2.09
CA SER A 242 34.93 2.02 -3.48
C SER A 242 33.56 2.66 -3.60
N GLY A 243 32.63 2.26 -2.73
CA GLY A 243 31.30 2.84 -2.75
C GLY A 243 31.31 4.34 -2.53
N LYS A 244 32.07 4.79 -1.52
CA LYS A 244 32.12 6.22 -1.25
C LYS A 244 32.63 7.00 -2.46
N LYS A 245 33.60 6.43 -3.20
CA LYS A 245 34.09 7.11 -4.39
C LYS A 245 33.00 7.22 -5.45
N VAL A 246 32.30 6.12 -5.73
CA VAL A 246 31.26 6.13 -6.77
C VAL A 246 30.18 7.14 -6.41
N MET A 247 29.72 7.12 -5.16
CA MET A 247 28.60 7.97 -4.76
C MET A 247 28.99 9.45 -4.89
N ALA A 248 30.25 9.76 -4.59
CA ALA A 248 30.73 11.14 -4.74
C ALA A 248 30.69 11.58 -6.21
N ASN A 249 31.27 10.77 -7.10
CA ASN A 249 31.36 11.19 -8.50
C ASN A 249 30.00 11.32 -9.14
N SER A 250 29.03 10.47 -8.73
CA SER A 250 27.69 10.53 -9.28
C SER A 250 26.98 11.82 -8.88
N ALA A 251 27.22 12.29 -7.66
CA ALA A 251 26.62 13.53 -7.21
C ALA A 251 27.27 14.74 -7.88
N ALA A 252 28.61 14.74 -7.92
CA ALA A 252 29.32 15.89 -8.47
C ALA A 252 29.02 16.10 -9.95
N SER A 253 28.78 15.04 -10.70
CA SER A 253 28.62 15.18 -12.14
C SER A 253 27.21 15.65 -12.52
N SER A 254 26.18 14.84 -12.21
CA SER A 254 24.83 15.18 -12.67
CA SER A 254 24.83 15.17 -12.67
C SER A 254 23.75 14.91 -11.62
N LEU A 255 24.12 14.75 -10.36
CA LEU A 255 23.15 14.58 -9.28
C LEU A 255 22.27 13.34 -9.49
N LYS A 256 22.92 12.20 -9.64
CA LYS A 256 22.20 10.97 -9.90
C LYS A 256 21.62 10.41 -8.60
N GLU A 257 20.47 9.75 -8.74
CA GLU A 257 19.98 8.87 -7.70
C GLU A 257 20.96 7.72 -7.53
N VAL A 258 21.10 7.22 -6.31
CA VAL A 258 22.11 6.24 -6.00
C VAL A 258 21.55 5.12 -5.12
N THR A 259 22.00 3.88 -5.39
CA THR A 259 21.79 2.73 -4.54
C THR A 259 23.15 2.06 -4.34
N MET A 260 23.43 1.65 -3.11
CA MET A 260 24.71 1.05 -2.78
C MET A 260 24.54 -0.10 -1.82
N GLU A 261 25.08 -1.25 -2.21
CA GLU A 261 25.12 -2.47 -1.40
C GLU A 261 26.61 -2.74 -1.13
N LEU A 262 27.05 -2.41 0.06
CA LEU A 262 28.46 -2.48 0.43
C LEU A 262 28.70 -3.64 1.40
N GLY A 263 29.91 -3.71 1.95
CA GLY A 263 30.28 -4.79 2.83
C GLY A 263 29.76 -4.63 4.24
N GLY A 264 30.20 -5.53 5.11
CA GLY A 264 29.78 -5.46 6.50
C GLY A 264 30.74 -6.20 7.40
N LYS A 265 30.46 -6.10 8.70
CA LYS A 265 31.07 -6.95 9.70
C LYS A 265 29.95 -7.47 10.61
N SER A 266 29.15 -8.39 10.07
CA SER A 266 27.85 -8.66 10.66
C SER A 266 27.96 -9.56 11.90
N PRO A 267 27.20 -9.28 12.96
CA PRO A 267 27.28 -10.12 14.15
C PRO A 267 26.30 -11.29 14.16
N LEU A 268 26.79 -12.44 14.61
CA LEU A 268 25.99 -13.62 14.89
C LEU A 268 26.01 -13.82 16.40
N ILE A 269 24.86 -13.64 17.04
CA ILE A 269 24.72 -13.70 18.49
C ILE A 269 24.14 -15.07 18.88
N ILE A 270 24.94 -15.85 19.58
CA ILE A 270 24.52 -17.14 20.09
C ILE A 270 24.03 -16.92 21.52
N ALA A 271 22.76 -17.24 21.76
CA ALA A 271 22.18 -17.02 23.07
C ALA A 271 22.56 -18.16 24.01
N GLU A 272 22.41 -17.90 25.32
CA GLU A 272 22.78 -18.91 26.30
C GLU A 272 21.92 -20.17 26.21
N ASP A 273 20.73 -20.08 25.62
CA ASP A 273 19.85 -21.25 25.52
C ASP A 273 19.92 -21.92 24.14
N ALA A 274 20.89 -21.57 23.33
CA ALA A 274 20.98 -22.12 21.99
C ALA A 274 21.56 -23.54 22.02
N ASN A 275 21.05 -24.40 21.15
CA ASN A 275 21.70 -25.68 20.87
C ASN A 275 22.98 -25.41 20.10
N LEU A 276 24.13 -25.90 20.60
CA LEU A 276 25.43 -25.50 20.07
C LEU A 276 25.79 -26.17 18.76
N ASP A 277 25.19 -27.32 18.43
CA ASP A 277 25.30 -27.87 17.08
C ASP A 277 24.60 -26.97 16.06
N LEU A 278 23.40 -26.50 16.37
CA LEU A 278 22.74 -25.57 15.46
C LEU A 278 23.57 -24.30 15.32
N ALA A 279 24.05 -23.76 16.45
CA ALA A 279 24.82 -22.51 16.38
C ALA A 279 26.07 -22.69 15.55
N ALA A 280 26.75 -23.82 15.69
CA ALA A 280 27.97 -24.06 14.93
C ALA A 280 27.69 -24.21 13.45
N ASP A 281 26.60 -24.91 13.10
CA ASP A 281 26.19 -25.05 11.71
C ASP A 281 25.89 -23.69 11.09
N ILE A 282 25.19 -22.82 11.83
CA ILE A 282 24.90 -21.49 11.31
C ILE A 282 26.20 -20.70 11.15
N ALA A 283 27.09 -20.77 12.14
CA ALA A 283 28.33 -20.00 12.06
C ALA A 283 29.17 -20.41 10.87
N MET A 284 29.23 -21.73 10.61
CA MET A 284 29.95 -22.22 9.46
C MET A 284 29.38 -21.67 8.17
N MET A 285 28.08 -21.78 8.00
CA MET A 285 27.44 -21.29 6.79
C MET A 285 27.57 -19.77 6.68
N ALA A 286 27.69 -19.09 7.81
CA ALA A 286 27.79 -17.64 7.85
C ALA A 286 29.20 -17.13 7.61
N ASN A 287 30.19 -18.04 7.48
CA ASN A 287 31.58 -17.62 7.35
C ASN A 287 32.37 -18.20 6.20
N PHE A 288 32.01 -19.41 5.76
CA PHE A 288 32.82 -20.15 4.82
C PHE A 288 32.14 -20.47 3.49
N TYR A 289 30.91 -20.03 3.27
CA TYR A 289 30.29 -20.16 1.95
C TYR A 289 30.96 -19.21 0.96
N SER A 290 31.11 -19.67 -0.28
CA SER A 290 31.84 -18.91 -1.30
C SER A 290 33.21 -18.48 -0.81
N SER A 291 33.84 -19.36 -0.02
CA SER A 291 35.19 -19.15 0.53
C SER A 291 35.27 -17.85 1.30
N GLY A 292 34.17 -17.46 1.95
CA GLY A 292 34.14 -16.28 2.80
C GLY A 292 33.99 -14.98 2.06
N GLN A 293 33.74 -15.02 0.76
CA GLN A 293 33.66 -13.80 -0.04
C GLN A 293 32.20 -13.38 -0.20
N VAL A 294 31.57 -13.10 0.94
CA VAL A 294 30.16 -12.72 0.99
C VAL A 294 29.98 -11.52 1.90
N CYS A 295 29.29 -10.50 1.39
CA CYS A 295 29.11 -9.24 2.10
C CYS A 295 28.37 -9.41 3.43
N THR A 296 27.39 -10.33 3.47
CA THR A 296 26.52 -10.52 4.62
C THR A 296 27.07 -11.49 5.66
N ASN A 297 28.30 -11.97 5.49
CA ASN A 297 28.79 -13.02 6.36
C ASN A 297 28.86 -12.57 7.80
N GLY A 298 28.57 -13.52 8.70
CA GLY A 298 28.55 -13.32 10.14
C GLY A 298 29.90 -13.56 10.76
N THR A 299 30.80 -12.60 10.55
CA THR A 299 32.21 -12.78 10.83
C THR A 299 32.59 -12.42 12.26
N ARG A 300 31.69 -11.86 13.03
CA ARG A 300 31.86 -11.67 14.47
C ARG A 300 30.86 -12.60 15.13
N VAL A 301 31.34 -13.71 15.67
CA VAL A 301 30.50 -14.72 16.29
C VAL A 301 30.61 -14.53 17.80
N PHE A 302 29.53 -14.06 18.40
CA PHE A 302 29.48 -13.83 19.83
C PHE A 302 28.90 -15.04 20.54
N VAL A 303 29.65 -15.61 21.47
CA VAL A 303 29.24 -16.83 22.17
C VAL A 303 29.32 -16.60 23.67
N PRO A 304 28.37 -17.09 24.46
CA PRO A 304 28.48 -16.93 25.91
C PRO A 304 29.76 -17.58 26.43
N ALA A 305 30.38 -16.90 27.40
CA ALA A 305 31.63 -17.39 27.97
C ALA A 305 31.54 -18.82 28.43
N LYS A 306 30.43 -19.20 29.05
CA LYS A 306 30.33 -20.55 29.59
C LYS A 306 30.22 -21.62 28.51
N PHE A 307 29.88 -21.26 27.29
CA PHE A 307 29.79 -22.23 26.20
C PHE A 307 30.95 -22.11 25.21
N LYS A 308 31.85 -21.16 25.42
CA LYS A 308 32.85 -20.84 24.43
C LYS A 308 33.74 -22.04 24.13
N ALA A 309 34.22 -22.72 25.17
CA ALA A 309 35.12 -23.83 24.94
C ALA A 309 34.43 -24.92 24.13
N GLU A 310 33.20 -25.28 24.52
CA GLU A 310 32.48 -26.31 23.79
C GLU A 310 32.16 -25.87 22.36
N PHE A 311 31.78 -24.60 22.18
CA PHE A 311 31.53 -24.09 20.84
C PHE A 311 32.79 -24.16 19.97
N GLU A 312 33.96 -23.79 20.52
CA GLU A 312 35.20 -23.89 19.75
C GLU A 312 35.42 -25.32 19.27
N HIS A 313 35.19 -26.30 20.14
N HIS A 313 35.20 -26.30 20.15
CA HIS A 313 35.38 -27.69 19.75
CA HIS A 313 35.38 -27.69 19.75
C HIS A 313 34.46 -28.07 18.59
C HIS A 313 34.46 -28.05 18.58
N LYS A 314 33.21 -27.60 18.63
CA LYS A 314 32.29 -27.92 17.55
C LYS A 314 32.68 -27.23 16.25
N ILE A 315 33.24 -26.03 16.31
CA ILE A 315 33.71 -25.39 15.11
C ILE A 315 34.90 -26.15 14.53
N LEU A 316 35.85 -26.56 15.38
CA LEU A 316 37.00 -27.29 14.87
C LEU A 316 36.58 -28.55 14.13
N GLU A 317 35.63 -29.29 14.69
CA GLU A 317 35.15 -30.50 14.04
C GLU A 317 34.52 -30.21 12.68
N ARG A 318 33.73 -29.15 12.57
CA ARG A 318 33.08 -28.89 11.29
C ARG A 318 34.06 -28.34 10.26
N VAL A 319 35.01 -27.51 10.70
CA VAL A 319 36.02 -26.99 9.79
C VAL A 319 36.85 -28.13 9.21
N GLY A 320 37.14 -29.14 10.02
CA GLY A 320 37.89 -30.26 9.52
C GLY A 320 37.20 -30.96 8.36
N ARG A 321 35.89 -30.77 8.23
CA ARG A 321 35.14 -31.39 7.16
C ARG A 321 35.15 -30.60 5.85
N ILE A 322 35.64 -29.36 5.84
CA ILE A 322 35.59 -28.57 4.61
C ILE A 322 36.42 -29.28 3.54
N ARG A 323 35.87 -29.34 2.33
CA ARG A 323 36.43 -30.14 1.24
C ARG A 323 36.84 -29.22 0.09
N ALA A 324 38.10 -28.81 0.11
CA ALA A 324 38.69 -28.13 -1.02
C ALA A 324 39.10 -29.15 -2.07
N GLY A 325 38.97 -28.76 -3.33
CA GLY A 325 39.39 -29.62 -4.42
C GLY A 325 38.80 -29.18 -5.74
N ASP A 326 38.71 -30.14 -6.66
CA ASP A 326 38.16 -29.92 -7.99
C ASP A 326 36.81 -29.24 -7.93
N LEU A 327 36.74 -28.03 -8.49
CA LEU A 327 35.56 -27.20 -8.33
C LEU A 327 34.34 -27.78 -9.05
N PHE A 328 34.53 -28.74 -9.96
CA PHE A 328 33.39 -29.36 -10.65
C PHE A 328 32.98 -30.68 -10.04
N ALA A 329 33.69 -31.17 -9.02
CA ALA A 329 33.30 -32.37 -8.30
C ALA A 329 32.16 -32.06 -7.35
N ASP A 330 31.26 -33.03 -7.19
CA ASP A 330 30.08 -32.83 -6.35
C ASP A 330 30.46 -32.52 -4.90
N ASP A 331 31.46 -33.21 -4.37
CA ASP A 331 31.72 -33.09 -2.95
C ASP A 331 32.59 -31.87 -2.59
N THR A 332 33.09 -31.14 -3.57
CA THR A 332 33.83 -29.93 -3.26
C THR A 332 32.88 -28.86 -2.74
N ASN A 333 33.21 -28.25 -1.60
CA ASN A 333 32.36 -27.19 -1.06
C ASN A 333 33.18 -25.98 -0.64
N PHE A 334 34.42 -25.86 -1.11
CA PHE A 334 35.29 -24.75 -0.75
C PHE A 334 36.23 -24.52 -1.91
N GLY A 335 36.35 -23.26 -2.32
CA GLY A 335 37.13 -22.88 -3.47
C GLY A 335 38.24 -21.92 -3.12
N PRO A 336 39.05 -21.59 -4.12
CA PRO A 336 40.06 -20.56 -3.91
C PRO A 336 39.42 -19.19 -3.87
N LEU A 337 40.17 -18.22 -3.36
CA LEU A 337 39.76 -16.84 -3.48
C LEU A 337 39.91 -16.39 -4.93
N VAL A 338 39.25 -15.29 -5.26
CA VAL A 338 39.06 -14.93 -6.65
C VAL A 338 40.38 -14.55 -7.34
N SER A 339 41.40 -14.15 -6.60
CA SER A 339 42.63 -13.71 -7.20
C SER A 339 43.75 -13.71 -6.18
N PHE A 340 44.98 -13.62 -6.67
CA PHE A 340 46.17 -13.62 -5.82
C PHE A 340 46.26 -12.29 -5.05
N PRO A 341 45.95 -11.14 -5.64
CA PRO A 341 45.92 -9.92 -4.82
C PRO A 341 44.89 -9.97 -3.70
N HIS A 342 43.71 -10.54 -3.93
CA HIS A 342 42.74 -10.62 -2.85
C HIS A 342 43.23 -11.55 -1.72
N ARG A 343 43.80 -12.69 -2.06
CA ARG A 343 44.35 -13.56 -1.02
C ARG A 343 45.43 -12.84 -0.23
N GLN A 344 46.24 -12.02 -0.90
CA GLN A 344 47.31 -11.30 -0.21
C GLN A 344 46.72 -10.44 0.90
N ASN A 345 45.61 -9.76 0.61
CA ASN A 345 44.95 -8.94 1.62
C ASN A 345 44.40 -9.80 2.75
N VAL A 346 43.78 -10.93 2.43
CA VAL A 346 43.27 -11.81 3.48
C VAL A 346 44.42 -12.32 4.34
N LEU A 347 45.55 -12.67 3.70
CA LEU A 347 46.70 -13.14 4.47
C LEU A 347 47.22 -12.06 5.41
N ARG A 348 47.21 -10.80 4.98
CA ARG A 348 47.66 -9.72 5.86
C ARG A 348 46.74 -9.57 7.07
N TYR A 349 45.43 -9.72 6.86
CA TYR A 349 44.52 -9.70 8.01
C TYR A 349 44.82 -10.86 8.94
N ILE A 350 45.05 -12.06 8.39
CA ILE A 350 45.35 -13.19 9.27
C ILE A 350 46.59 -12.88 10.09
N GLU A 351 47.63 -12.34 9.45
CA GLU A 351 48.85 -12.03 10.20
C GLU A 351 48.59 -10.96 11.24
N SER A 352 47.71 -10.01 10.95
CA SER A 352 47.36 -9.00 11.96
CA SER A 352 47.36 -9.00 11.96
C SER A 352 46.71 -9.66 13.17
N GLY A 353 45.81 -10.63 12.94
CA GLY A 353 45.21 -11.33 14.06
C GLY A 353 46.25 -12.00 14.94
N LYS A 354 47.24 -12.66 14.34
CA LYS A 354 48.27 -13.32 15.14
C LYS A 354 49.06 -12.29 15.93
N SER A 355 49.47 -11.20 15.30
CA SER A 355 50.34 -10.24 15.98
C SER A 355 49.58 -9.45 17.04
N GLU A 356 48.27 -9.31 16.92
CA GLU A 356 47.50 -8.58 17.93
C GLU A 356 47.04 -9.47 19.08
N GLY A 357 47.41 -10.74 19.07
CA GLY A 357 47.17 -11.59 20.21
C GLY A 357 45.92 -12.44 20.16
N ALA A 358 45.22 -12.47 19.04
CA ALA A 358 44.12 -13.42 18.93
C ALA A 358 44.68 -14.84 18.85
N ARG A 359 43.93 -15.79 19.39
CA ARG A 359 44.33 -17.19 19.40
C ARG A 359 43.83 -17.87 18.12
N LEU A 360 44.77 -18.44 17.37
CA LEU A 360 44.46 -19.13 16.13
C LEU A 360 43.93 -20.51 16.47
N LEU A 361 42.66 -20.75 16.15
CA LEU A 361 42.05 -22.04 16.41
C LEU A 361 42.32 -23.00 15.27
N CYS A 362 42.36 -22.52 14.03
CA CYS A 362 42.71 -23.38 12.92
C CYS A 362 42.95 -22.57 11.67
N GLY A 363 43.57 -23.22 10.69
CA GLY A 363 43.87 -22.59 9.41
C GLY A 363 44.96 -21.55 9.53
N GLY A 364 44.85 -20.52 8.70
CA GLY A 364 45.77 -19.41 8.71
C GLY A 364 46.86 -19.42 7.65
N ASP A 365 46.89 -20.41 6.77
CA ASP A 365 47.94 -20.49 5.77
C ASP A 365 47.36 -20.74 4.38
N VAL A 366 48.18 -20.48 3.37
CA VAL A 366 47.82 -20.88 2.02
C VAL A 366 47.77 -22.41 1.94
N LEU A 367 47.04 -22.91 0.95
CA LEU A 367 47.04 -24.33 0.65
C LEU A 367 48.13 -24.62 -0.38
N LYS A 368 48.79 -25.77 -0.24
CA LYS A 368 49.92 -26.13 -1.07
C LYS A 368 49.73 -27.53 -1.63
N GLY A 369 50.38 -27.81 -2.75
CA GLY A 369 50.36 -29.13 -3.34
C GLY A 369 49.65 -29.16 -4.69
N GLU A 370 49.60 -30.37 -5.24
CA GLU A 370 48.98 -30.58 -6.54
C GLU A 370 47.52 -30.13 -6.50
N GLY A 371 47.14 -29.31 -7.48
CA GLY A 371 45.80 -28.79 -7.57
C GLY A 371 45.57 -27.51 -6.82
N PHE A 372 46.53 -27.06 -6.00
CA PHE A 372 46.39 -25.84 -5.23
C PHE A 372 47.45 -24.79 -5.56
N ASP A 373 48.61 -25.19 -6.09
CA ASP A 373 49.69 -24.23 -6.32
C ASP A 373 49.35 -23.17 -7.34
N ASN A 374 48.41 -23.43 -8.25
CA ASN A 374 48.08 -22.45 -9.29
C ASN A 374 46.89 -21.57 -8.92
N GLY A 375 46.26 -21.83 -7.78
CA GLY A 375 45.14 -21.01 -7.36
C GLY A 375 45.42 -20.25 -6.08
N ALA A 376 44.62 -19.24 -5.80
CA ALA A 376 44.82 -18.40 -4.62
C ALA A 376 44.05 -18.96 -3.42
N TRP A 377 44.42 -20.16 -3.00
CA TRP A 377 43.70 -20.83 -1.94
C TRP A 377 44.20 -20.38 -0.58
N VAL A 378 43.26 -20.19 0.34
CA VAL A 378 43.54 -19.97 1.75
C VAL A 378 42.71 -20.97 2.55
N ALA A 379 43.33 -21.54 3.56
CA ALA A 379 42.68 -22.48 4.43
C ALA A 379 41.58 -21.80 5.25
N PRO A 380 40.47 -22.48 5.51
CA PRO A 380 39.46 -21.94 6.43
C PRO A 380 40.09 -21.61 7.77
N THR A 381 39.89 -20.38 8.23
CA THR A 381 40.60 -19.83 9.38
C THR A 381 39.62 -19.39 10.45
N VAL A 382 39.92 -19.75 11.70
CA VAL A 382 39.11 -19.36 12.85
C VAL A 382 40.02 -18.78 13.92
N PHE A 383 39.74 -17.55 14.35
CA PHE A 383 40.38 -16.92 15.48
C PHE A 383 39.41 -16.87 16.66
N THR A 384 39.91 -17.12 17.87
CA THR A 384 39.11 -16.99 19.07
C THR A 384 39.90 -16.14 20.07
N ASP A 385 39.31 -15.94 21.26
CA ASP A 385 39.82 -15.00 22.24
C ASP A 385 39.90 -13.59 21.64
N CYS A 386 38.98 -13.28 20.74
CA CYS A 386 39.05 -11.98 20.06
C CYS A 386 38.48 -10.89 20.95
N THR A 387 38.95 -9.67 20.72
CA THR A 387 38.48 -8.49 21.45
C THR A 387 38.08 -7.42 20.47
N ASP A 388 37.22 -6.51 20.94
CA ASP A 388 36.55 -5.60 20.03
C ASP A 388 37.50 -4.63 19.36
N ASP A 389 38.71 -4.46 19.88
CA ASP A 389 39.65 -3.50 19.31
C ASP A 389 40.54 -4.10 18.23
N MET A 390 40.48 -5.41 18.01
CA MET A 390 41.36 -6.04 17.05
C MET A 390 40.98 -5.68 15.61
N THR A 391 41.99 -5.59 14.75
CA THR A 391 41.77 -5.25 13.36
C THR A 391 40.88 -6.27 12.67
N ILE A 392 41.10 -7.57 12.92
CA ILE A 392 40.27 -8.62 12.31
C ILE A 392 38.83 -8.54 12.78
N VAL A 393 38.61 -7.98 13.97
CA VAL A 393 37.23 -7.87 14.47
C VAL A 393 36.56 -6.63 13.90
N ARG A 394 37.32 -5.57 13.63
CA ARG A 394 36.72 -4.31 13.24
C ARG A 394 36.51 -4.17 11.74
N GLU A 395 37.31 -4.85 10.91
CA GLU A 395 37.35 -4.59 9.48
C GLU A 395 36.90 -5.80 8.68
N GLU A 396 36.19 -5.54 7.59
CA GLU A 396 35.77 -6.61 6.70
C GLU A 396 36.99 -7.21 6.01
N ILE A 397 37.11 -8.52 6.07
CA ILE A 397 38.22 -9.24 5.47
C ILE A 397 37.86 -9.79 4.10
N PHE A 398 36.62 -10.25 3.93
CA PHE A 398 36.16 -10.82 2.66
C PHE A 398 36.94 -12.07 2.31
N GLY A 399 37.24 -12.86 3.33
CA GLY A 399 37.86 -14.14 3.18
C GLY A 399 37.34 -15.04 4.26
N PRO A 400 37.81 -16.27 4.28
CA PRO A 400 37.25 -17.27 5.20
C PRO A 400 37.92 -17.19 6.57
N VAL A 401 37.56 -16.15 7.32
CA VAL A 401 38.20 -15.84 8.61
C VAL A 401 37.09 -15.51 9.59
N MET A 402 36.80 -16.45 10.50
CA MET A 402 35.81 -16.28 11.56
C MET A 402 36.48 -15.77 12.83
N SER A 403 35.84 -14.79 13.48
CA SER A 403 36.30 -14.28 14.77
C SER A 403 35.29 -14.62 15.86
N ILE A 404 35.74 -15.34 16.88
CA ILE A 404 34.89 -15.76 17.99
C ILE A 404 35.17 -14.87 19.19
N LEU A 405 34.11 -14.30 19.74
CA LEU A 405 34.14 -13.34 20.84
C LEU A 405 33.23 -13.83 21.96
N SER A 406 33.73 -13.81 23.18
CA SER A 406 32.97 -14.19 24.36
CA SER A 406 32.94 -14.20 24.33
C SER A 406 32.20 -13.00 24.89
N TYR A 407 31.05 -13.27 25.51
CA TYR A 407 30.27 -12.23 26.14
C TYR A 407 29.58 -12.81 27.37
N ASP A 408 29.11 -11.91 28.23
CA ASP A 408 28.53 -12.30 29.50
C ASP A 408 27.03 -12.08 29.59
N ASP A 409 26.50 -10.96 29.08
CA ASP A 409 25.09 -10.67 29.25
C ASP A 409 24.49 -10.04 27.99
N GLU A 410 23.16 -10.06 27.93
CA GLU A 410 22.46 -9.66 26.72
C GLU A 410 22.66 -8.18 26.40
N ALA A 411 22.57 -7.30 27.40
CA ALA A 411 22.80 -5.88 27.13
C ALA A 411 24.19 -5.66 26.56
N GLU A 412 25.17 -6.36 27.11
CA GLU A 412 26.54 -6.21 26.63
C GLU A 412 26.65 -6.58 25.16
N VAL A 413 26.10 -7.75 24.79
CA VAL A 413 26.32 -8.25 23.44
C VAL A 413 25.59 -7.37 22.42
N ILE A 414 24.42 -6.83 22.76
CA ILE A 414 23.75 -5.92 21.85
C ILE A 414 24.60 -4.68 21.62
N ARG A 415 25.16 -4.13 22.69
CA ARG A 415 26.04 -2.97 22.57
CA ARG A 415 26.04 -2.97 22.56
C ARG A 415 27.21 -3.26 21.65
N ARG A 416 27.89 -4.38 21.87
CA ARG A 416 29.09 -4.71 21.11
C ARG A 416 28.75 -5.03 19.66
N ALA A 417 27.63 -5.72 19.44
CA ALA A 417 27.17 -5.98 18.08
C ALA A 417 26.92 -4.70 17.31
N ASN A 418 26.34 -3.68 17.97
CA ASN A 418 26.02 -2.42 17.32
C ASN A 418 27.18 -1.43 17.25
N ALA A 419 28.29 -1.68 17.93
CA ALA A 419 29.40 -0.74 18.00
C ALA A 419 30.31 -0.90 16.78
N THR A 420 29.77 -0.49 15.64
CA THR A 420 30.48 -0.63 14.37
C THR A 420 29.88 0.39 13.41
N GLU A 421 30.69 0.81 12.45
CA GLU A 421 30.22 1.64 11.35
C GLU A 421 29.46 0.84 10.31
N TYR A 422 29.65 -0.46 10.28
CA TYR A 422 28.94 -1.35 9.38
C TYR A 422 27.52 -1.61 9.90
N GLY A 423 26.66 -2.05 8.98
CA GLY A 423 25.26 -2.26 9.30
C GLY A 423 24.53 -3.25 8.43
N LEU A 424 25.20 -4.21 7.80
CA LEU A 424 24.52 -4.94 6.74
C LEU A 424 23.56 -5.99 7.29
N ALA A 425 24.07 -6.98 8.02
CA ALA A 425 23.26 -8.10 8.48
C ALA A 425 23.53 -8.37 9.96
N ALA A 426 22.71 -9.28 10.50
CA ALA A 426 22.84 -9.73 11.88
C ALA A 426 21.97 -10.97 12.05
N GLY A 427 22.20 -11.68 13.14
CA GLY A 427 21.42 -12.85 13.43
C GLY A 427 21.54 -13.24 14.88
N VAL A 428 20.57 -14.01 15.35
CA VAL A 428 20.54 -14.51 16.72
C VAL A 428 20.16 -15.97 16.65
N VAL A 429 20.75 -16.80 17.51
CA VAL A 429 20.40 -18.20 17.65
C VAL A 429 19.84 -18.38 19.05
N THR A 430 18.55 -18.71 19.13
CA THR A 430 17.87 -18.92 20.40
C THR A 430 16.51 -19.58 20.15
N PRO A 431 16.10 -20.52 20.98
CA PRO A 431 14.74 -21.07 20.86
C PRO A 431 13.69 -20.23 21.57
N ASP A 432 14.08 -19.19 22.28
CA ASP A 432 13.15 -18.45 23.11
C ASP A 432 12.45 -17.34 22.31
N LEU A 433 11.12 -17.33 22.39
CA LEU A 433 10.32 -16.38 21.63
C LEU A 433 10.72 -14.95 21.95
N ASN A 434 10.71 -14.59 23.24
CA ASN A 434 10.96 -13.20 23.62
C ASN A 434 12.38 -12.80 23.29
N ARG A 435 13.33 -13.67 23.56
CA ARG A 435 14.72 -13.32 23.32
C ARG A 435 14.94 -13.05 21.83
N ALA A 436 14.38 -13.89 20.97
CA ALA A 436 14.67 -13.76 19.55
C ALA A 436 14.21 -12.40 19.02
N HIS A 437 12.95 -12.04 19.26
CA HIS A 437 12.47 -10.76 18.73
C HIS A 437 13.08 -9.59 19.48
N ARG A 438 13.21 -9.72 20.80
CA ARG A 438 13.71 -8.63 21.62
C ARG A 438 15.11 -8.22 21.18
N ILE A 439 15.99 -9.19 20.95
CA ILE A 439 17.36 -8.87 20.56
C ILE A 439 17.41 -8.32 19.15
N ILE A 440 16.70 -8.98 18.22
CA ILE A 440 16.77 -8.57 16.82
C ILE A 440 16.28 -7.14 16.66
N HIS A 441 15.24 -6.76 17.41
CA HIS A 441 14.68 -5.43 17.25
C HIS A 441 15.66 -4.35 17.62
N GLN A 442 16.70 -4.68 18.41
CA GLN A 442 17.69 -3.70 18.85
C GLN A 442 18.95 -3.68 18.00
N LEU A 443 19.10 -4.58 17.03
CA LEU A 443 20.32 -4.66 16.25
C LEU A 443 20.22 -3.69 15.10
N GLU A 444 21.32 -2.98 14.84
CA GLU A 444 21.36 -1.94 13.82
C GLU A 444 21.88 -2.56 12.53
N ALA A 445 20.99 -3.32 11.87
CA ALA A 445 21.31 -3.94 10.59
C ALA A 445 20.05 -4.09 9.76
N GLY A 446 20.23 -4.08 8.43
CA GLY A 446 19.09 -4.15 7.52
C GLY A 446 18.57 -5.55 7.26
N ILE A 447 19.39 -6.57 7.49
CA ILE A 447 19.08 -7.97 7.16
C ILE A 447 19.30 -8.78 8.42
N CYS A 448 18.21 -9.29 9.02
CA CYS A 448 18.29 -10.00 10.28
C CYS A 448 17.73 -11.41 10.14
N TRP A 449 18.54 -12.39 10.59
CA TRP A 449 18.17 -13.80 10.51
C TRP A 449 18.05 -14.41 11.90
N ILE A 450 16.94 -15.10 12.15
CA ILE A 450 16.68 -15.79 13.40
C ILE A 450 16.81 -17.29 13.15
N ASN A 451 17.78 -17.92 13.82
CA ASN A 451 18.03 -19.35 13.72
C ASN A 451 18.29 -19.81 12.28
N SER A 452 18.96 -18.96 11.50
CA SER A 452 19.34 -19.30 10.14
CA SER A 452 19.35 -19.30 10.15
C SER A 452 20.40 -18.29 9.70
N TRP A 453 20.85 -18.43 8.46
CA TRP A 453 21.72 -17.42 7.86
C TRP A 453 21.68 -17.52 6.35
N GLY A 454 21.68 -16.36 5.67
CA GLY A 454 22.00 -16.27 4.26
C GLY A 454 20.81 -16.23 3.31
N GLU A 455 19.64 -16.69 3.72
CA GLU A 455 18.53 -16.77 2.78
C GLU A 455 18.04 -15.36 2.45
N SER A 456 17.84 -15.08 1.17
CA SER A 456 17.48 -13.75 0.70
C SER A 456 16.33 -13.84 -0.29
N PRO A 457 15.12 -14.07 0.18
CA PRO A 457 13.98 -14.26 -0.74
C PRO A 457 13.73 -13.05 -1.60
N ALA A 458 13.22 -13.30 -2.81
CA ALA A 458 12.95 -12.20 -3.72
C ALA A 458 12.03 -11.15 -3.11
N GLU A 459 11.15 -11.55 -2.18
CA GLU A 459 10.18 -10.67 -1.55
C GLU A 459 10.78 -9.77 -0.50
N MET A 460 11.98 -10.10 -0.02
CA MET A 460 12.50 -9.50 1.20
C MET A 460 13.48 -8.39 0.85
N PRO A 461 13.17 -7.13 1.13
CA PRO A 461 14.13 -6.06 0.87
C PRO A 461 15.38 -6.27 1.71
N VAL A 462 16.54 -6.08 1.10
CA VAL A 462 17.84 -6.28 1.74
C VAL A 462 18.76 -5.11 1.41
N GLY A 463 19.48 -4.66 2.42
CA GLY A 463 20.44 -3.58 2.27
C GLY A 463 20.97 -3.20 3.63
N GLY A 464 21.86 -2.22 3.65
CA GLY A 464 22.64 -1.93 4.83
C GLY A 464 22.20 -0.70 5.61
N TYR A 465 22.39 -0.76 6.93
CA TYR A 465 22.40 0.43 7.76
C TYR A 465 23.78 1.09 7.71
N LYS A 466 23.81 2.35 8.09
CA LYS A 466 25.08 3.07 8.34
C LYS A 466 26.01 2.97 7.13
N HIS A 467 27.26 2.57 7.28
CA HIS A 467 28.20 2.58 6.16
C HIS A 467 28.05 1.40 5.22
N SER A 468 27.12 0.49 5.48
CA SER A 468 26.99 -0.69 4.64
C SER A 468 26.08 -0.50 3.44
N GLY A 469 25.37 0.62 3.32
CA GLY A 469 24.60 0.80 2.10
C GLY A 469 23.69 2.01 2.10
N ILE A 470 23.16 2.27 0.90
CA ILE A 470 22.15 3.27 0.62
C ILE A 470 21.06 2.56 -0.16
N GLY A 471 19.82 2.70 0.27
CA GLY A 471 18.75 2.04 -0.45
C GLY A 471 18.71 0.55 -0.20
N ARG A 472 17.89 -0.11 -1.01
CA ARG A 472 17.60 -1.51 -0.85
C ARG A 472 17.53 -2.18 -2.21
N GLU A 473 17.67 -3.49 -2.20
CA GLU A 473 17.40 -4.36 -3.33
C GLU A 473 16.36 -5.38 -2.91
N ASN A 474 15.66 -5.90 -3.93
CA ASN A 474 14.58 -6.87 -3.77
C ASN A 474 13.37 -6.29 -3.05
N GLY A 475 12.27 -7.04 -3.05
CA GLY A 475 11.01 -6.59 -2.47
C GLY A 475 10.23 -5.67 -3.38
N VAL A 476 8.97 -5.42 -3.03
CA VAL A 476 8.16 -4.51 -3.85
CA VAL A 476 8.16 -4.52 -3.86
C VAL A 476 8.75 -3.12 -3.85
N MET A 477 9.39 -2.72 -2.75
CA MET A 477 9.91 -1.35 -2.69
C MET A 477 11.00 -1.11 -3.72
N THR A 478 11.74 -2.13 -4.11
CA THR A 478 12.82 -1.86 -5.05
C THR A 478 12.27 -1.61 -6.46
N LEU A 479 11.17 -2.25 -6.83
CA LEU A 479 10.52 -1.90 -8.09
C LEU A 479 10.12 -0.44 -8.11
N GLN A 480 9.51 0.04 -7.01
CA GLN A 480 9.11 1.43 -6.95
C GLN A 480 10.32 2.36 -7.01
N SER A 481 11.43 1.97 -6.39
CA SER A 481 12.60 2.83 -6.33
C SER A 481 13.28 3.00 -7.68
N TYR A 482 12.94 2.19 -8.66
CA TYR A 482 13.43 2.41 -10.02
C TYR A 482 12.43 3.19 -10.86
N THR A 483 11.42 3.77 -10.23
CA THR A 483 10.56 4.76 -10.85
C THR A 483 10.76 6.08 -10.12
N GLN A 484 10.29 7.15 -10.72
CA GLN A 484 10.26 8.46 -10.09
C GLN A 484 8.82 8.96 -10.11
N VAL A 485 8.42 9.63 -9.04
CA VAL A 485 7.06 10.11 -8.88
C VAL A 485 6.90 11.45 -9.58
N LYS A 486 5.86 11.54 -10.41
CA LYS A 486 5.36 12.80 -10.96
C LYS A 486 3.99 13.05 -10.36
N SER A 487 3.81 14.20 -9.72
CA SER A 487 2.51 14.61 -9.17
C SER A 487 1.85 15.58 -10.12
N ILE A 488 0.55 15.38 -10.38
CA ILE A 488 -0.19 16.17 -11.37
C ILE A 488 -1.45 16.71 -10.70
N GLN A 489 -1.59 18.03 -10.65
CA GLN A 489 -2.79 18.65 -10.11
C GLN A 489 -3.70 19.09 -11.25
N VAL A 490 -4.94 18.62 -11.21
CA VAL A 490 -5.97 19.08 -12.13
C VAL A 490 -6.79 20.13 -11.37
N GLU A 491 -6.68 21.38 -11.78
CA GLU A 491 -7.47 22.46 -11.21
C GLU A 491 -8.61 22.77 -12.18
N MET A 492 -9.82 22.38 -11.78
CA MET A 492 -11.02 22.60 -12.56
C MET A 492 -11.76 23.85 -12.13
N GLY A 493 -11.36 24.49 -11.04
CA GLY A 493 -11.97 25.73 -10.64
C GLY A 493 -11.28 26.91 -11.32
N PRO A 494 -11.86 28.09 -11.22
CA PRO A 494 -11.23 29.27 -11.85
C PRO A 494 -10.00 29.72 -11.07
N PHE A 495 -8.89 29.89 -11.78
CA PHE A 495 -7.65 30.28 -11.15
C PHE A 495 -7.69 31.74 -10.78
N GLN A 496 -7.27 32.05 -9.57
CA GLN A 496 -7.27 33.41 -9.04
C GLN A 496 -5.83 33.88 -8.91
N SER A 497 -5.54 35.02 -9.52
CA SER A 497 -4.26 35.70 -9.35
C SER A 497 -4.44 36.86 -8.39
N ILE A 498 -3.43 37.08 -7.53
CA ILE A 498 -3.45 38.23 -6.64
C ILE A 498 -2.88 39.50 -7.27
N PHE A 499 -2.44 39.43 -8.52
CA PHE A 499 -1.90 40.60 -9.20
C PHE A 499 -2.92 41.23 -10.15
N ARG B 12 -33.82 9.93 39.51
CA ARG B 12 -34.02 9.29 38.21
C ARG B 12 -33.65 10.24 37.07
N MET B 13 -33.39 9.69 35.90
CA MET B 13 -33.06 10.49 34.73
C MET B 13 -34.33 10.93 34.01
N ALA B 14 -34.19 11.98 33.22
CA ALA B 14 -35.28 12.44 32.37
C ALA B 14 -35.52 11.44 31.24
N GLU B 15 -36.74 11.46 30.71
CA GLU B 15 -37.08 10.58 29.60
C GLU B 15 -36.12 10.85 28.45
N GLN B 16 -35.53 9.79 27.93
CA GLN B 16 -34.52 9.89 26.89
C GLN B 16 -35.20 9.88 25.53
N GLN B 17 -34.82 10.85 24.69
CA GLN B 17 -35.42 11.02 23.39
C GLN B 17 -34.49 10.53 22.30
N LEU B 18 -34.98 10.57 21.06
CA LEU B 18 -34.16 10.32 19.89
C LEU B 18 -33.23 11.50 19.64
N TYR B 19 -32.14 11.23 18.93
CA TYR B 19 -31.22 12.29 18.51
C TYR B 19 -31.20 12.29 17.00
N ILE B 20 -31.82 13.30 16.40
CA ILE B 20 -31.89 13.43 14.95
C ILE B 20 -31.55 14.86 14.57
N HIS B 21 -30.60 15.00 13.66
CA HIS B 21 -30.19 16.29 13.08
C HIS B 21 -29.76 17.31 14.14
N GLY B 22 -28.85 16.88 15.03
CA GLY B 22 -28.21 17.78 15.98
C GLY B 22 -29.04 18.21 17.17
N LYS B 23 -30.12 17.52 17.47
CA LYS B 23 -30.94 17.84 18.63
C LYS B 23 -31.76 16.62 19.03
N PHE B 24 -32.18 16.61 20.29
CA PHE B 24 -33.11 15.60 20.77
C PHE B 24 -34.52 15.92 20.29
N VAL B 25 -35.23 14.88 19.85
CA VAL B 25 -36.57 15.00 19.31
C VAL B 25 -37.41 13.80 19.76
N ALA B 26 -38.69 14.07 19.99
CA ALA B 26 -39.62 13.04 20.38
C ALA B 26 -39.83 12.04 19.25
N ALA B 27 -39.95 10.77 19.62
CA ALA B 27 -40.33 9.75 18.66
C ALA B 27 -41.81 9.91 18.31
N THR B 28 -42.17 9.47 17.10
CA THR B 28 -43.57 9.41 16.67
C THR B 28 -44.15 8.01 16.72
N SER B 29 -43.45 7.06 17.29
CA SER B 29 -43.96 5.71 17.41
C SER B 29 -45.02 5.57 18.50
N GLY B 30 -45.03 6.46 19.47
CA GLY B 30 -45.89 6.26 20.61
C GLY B 30 -45.45 5.16 21.55
N LYS B 31 -44.23 4.66 21.39
CA LYS B 31 -43.76 3.54 22.19
C LYS B 31 -42.49 3.94 22.93
N THR B 32 -42.28 3.31 24.09
CA THR B 32 -41.11 3.53 24.92
C THR B 32 -40.67 2.19 25.50
N PHE B 33 -39.49 2.19 26.12
CA PHE B 33 -39.01 1.06 26.88
C PHE B 33 -38.18 1.57 28.03
N GLU B 34 -37.86 0.67 28.94
CA GLU B 34 -37.10 1.01 30.14
C GLU B 34 -35.77 0.28 30.10
N THR B 35 -34.72 0.94 30.58
CA THR B 35 -33.43 0.33 30.81
C THR B 35 -33.23 0.21 32.33
N ILE B 36 -32.78 -0.96 32.76
CA ILE B 36 -32.72 -1.35 34.17
C ILE B 36 -31.29 -1.20 34.66
N ASN B 37 -31.13 -0.78 35.91
CA ASN B 37 -29.81 -0.84 36.54
C ASN B 37 -29.58 -2.27 37.00
N PRO B 38 -28.64 -3.01 36.42
CA PRO B 38 -28.51 -4.44 36.77
C PRO B 38 -28.01 -4.69 38.18
N ALA B 39 -27.52 -3.68 38.87
CA ALA B 39 -27.05 -3.86 40.24
C ALA B 39 -28.19 -3.78 41.24
N THR B 40 -29.29 -3.11 40.89
CA THR B 40 -30.39 -2.90 41.81
C THR B 40 -31.75 -3.35 41.29
N GLY B 41 -31.91 -3.57 39.98
CA GLY B 41 -33.21 -3.85 39.42
C GLY B 41 -34.08 -2.62 39.18
N GLU B 42 -33.63 -1.44 39.60
CA GLU B 42 -34.38 -0.21 39.42
C GLU B 42 -34.36 0.27 37.98
N VAL B 43 -35.39 1.03 37.62
CA VAL B 43 -35.47 1.67 36.31
C VAL B 43 -34.53 2.86 36.27
N LEU B 44 -33.55 2.81 35.36
CA LEU B 44 -32.65 3.94 35.15
C LEU B 44 -33.31 5.07 34.36
N ALA B 45 -34.06 4.72 33.32
CA ALA B 45 -34.69 5.72 32.47
C ALA B 45 -35.72 5.06 31.59
N THR B 46 -36.73 5.83 31.24
CA THR B 46 -37.65 5.50 30.16
C THR B 46 -37.07 6.09 28.87
N VAL B 47 -37.09 5.29 27.80
CA VAL B 47 -36.41 5.64 26.55
C VAL B 47 -37.40 5.51 25.40
N GLN B 48 -37.47 6.55 24.58
CA GLN B 48 -38.36 6.52 23.41
C GLN B 48 -37.83 5.59 22.33
N ALA B 49 -38.75 4.92 21.65
CA ALA B 49 -38.40 3.92 20.64
C ALA B 49 -38.71 4.49 19.26
N ALA B 50 -37.76 4.41 18.36
CA ALA B 50 -37.93 4.98 17.03
C ALA B 50 -38.81 4.07 16.18
N GLY B 51 -39.84 4.66 15.58
CA GLY B 51 -40.72 3.93 14.68
C GLY B 51 -40.30 4.05 13.23
N ARG B 52 -41.11 3.45 12.36
CA ARG B 52 -40.75 3.41 10.95
C ARG B 52 -40.60 4.81 10.39
N GLU B 53 -41.49 5.72 10.77
CA GLU B 53 -41.39 7.09 10.30
C GLU B 53 -40.20 7.82 10.93
N ASP B 54 -39.86 7.53 12.19
CA ASP B 54 -38.68 8.15 12.79
C ASP B 54 -37.43 7.76 12.03
N VAL B 55 -37.35 6.49 11.62
CA VAL B 55 -36.23 6.02 10.81
C VAL B 55 -36.16 6.75 9.49
N ASP B 56 -37.32 6.94 8.85
CA ASP B 56 -37.33 7.69 7.59
C ASP B 56 -36.81 9.11 7.80
N ARG B 57 -37.19 9.72 8.93
CA ARG B 57 -36.72 11.07 9.20
C ARG B 57 -35.22 11.09 9.43
N ALA B 58 -34.69 10.12 10.15
CA ALA B 58 -33.26 10.01 10.44
C ALA B 58 -32.45 9.82 9.15
N VAL B 59 -32.95 9.03 8.22
CA VAL B 59 -32.22 8.80 6.98
C VAL B 59 -32.15 10.08 6.15
N LYS B 60 -33.25 10.83 6.06
CA LYS B 60 -33.23 12.08 5.30
C LYS B 60 -32.35 13.12 5.99
N SER B 61 -32.36 13.15 7.33
CA SER B 61 -31.39 13.97 8.05
C SER B 61 -29.97 13.56 7.70
N ALA B 62 -29.70 12.25 7.71
CA ALA B 62 -28.37 11.76 7.45
C ALA B 62 -27.93 12.08 6.03
N GLN B 63 -28.86 11.98 5.07
CA GLN B 63 -28.52 12.29 3.67
C GLN B 63 -28.08 13.74 3.54
N GLN B 64 -28.79 14.65 4.21
CA GLN B 64 -28.44 16.07 4.17
C GLN B 64 -27.10 16.33 4.86
N GLY B 65 -26.92 15.79 6.06
CA GLY B 65 -25.67 16.00 6.76
C GLY B 65 -24.48 15.41 6.02
N GLN B 66 -24.65 14.23 5.44
CA GLN B 66 -23.54 13.56 4.79
C GLN B 66 -22.95 14.42 3.66
N LYS B 67 -23.81 15.16 2.94
CA LYS B 67 -23.33 16.01 1.87
C LYS B 67 -22.48 17.15 2.41
N VAL B 68 -22.92 17.78 3.49
CA VAL B 68 -22.10 18.83 4.08
C VAL B 68 -20.75 18.26 4.52
N TRP B 69 -20.78 17.13 5.24
CA TRP B 69 -19.57 16.54 5.79
C TRP B 69 -18.58 16.16 4.71
N ALA B 70 -19.07 15.55 3.61
CA ALA B 70 -18.17 15.09 2.56
C ALA B 70 -17.61 16.24 1.74
N ALA B 71 -18.31 17.37 1.68
CA ALA B 71 -17.82 18.52 0.92
C ALA B 71 -16.69 19.25 1.63
N MET B 72 -16.57 19.10 2.95
CA MET B 72 -15.46 19.68 3.67
C MET B 72 -14.16 19.03 3.21
N SER B 73 -13.05 19.71 3.49
CA SER B 73 -11.74 19.11 3.27
C SER B 73 -11.49 17.96 4.23
N ALA B 74 -10.54 17.11 3.87
CA ALA B 74 -10.15 16.00 4.71
C ALA B 74 -9.63 16.47 6.07
N MET B 75 -8.78 17.50 6.08
CA MET B 75 -8.25 17.96 7.35
C MET B 75 -9.34 18.63 8.19
N ALA B 76 -10.35 19.24 7.56
CA ALA B 76 -11.47 19.80 8.32
C ALA B 76 -12.23 18.69 9.06
N ARG B 77 -12.46 17.57 8.38
CA ARG B 77 -13.07 16.42 9.05
C ARG B 77 -12.16 15.92 10.16
N SER B 78 -10.86 15.84 9.87
CA SER B 78 -9.92 15.36 10.87
CA SER B 78 -9.93 15.35 10.87
C SER B 78 -10.00 16.19 12.15
N ARG B 79 -10.07 17.51 12.01
CA ARG B 79 -10.04 18.38 13.17
C ARG B 79 -11.30 18.24 14.00
N ILE B 80 -12.44 18.06 13.34
CA ILE B 80 -13.70 17.92 14.07
C ILE B 80 -13.69 16.63 14.91
N LEU B 81 -13.23 15.52 14.32
CA LEU B 81 -13.20 14.28 15.09
C LEU B 81 -12.20 14.39 16.24
N ARG B 82 -11.09 15.10 16.03
CA ARG B 82 -10.10 15.29 17.09
CA ARG B 82 -10.12 15.28 17.10
C ARG B 82 -10.70 16.09 18.26
N LYS B 83 -11.55 17.08 17.95
CA LYS B 83 -12.22 17.79 19.04
C LYS B 83 -13.13 16.86 19.82
N ALA B 84 -13.82 15.94 19.13
CA ALA B 84 -14.63 14.95 19.84
C ALA B 84 -13.76 14.06 20.73
N VAL B 85 -12.57 13.70 20.25
CA VAL B 85 -11.64 12.95 21.07
C VAL B 85 -11.33 13.73 22.35
N ASP B 86 -11.03 15.03 22.21
CA ASP B 86 -10.65 15.83 23.37
C ASP B 86 -11.78 15.88 24.40
N ILE B 87 -13.03 16.03 23.93
CA ILE B 87 -14.16 16.05 24.85
C ILE B 87 -14.30 14.69 25.55
N LEU B 88 -14.12 13.60 24.82
CA LEU B 88 -14.26 12.28 25.41
C LEU B 88 -13.20 12.04 26.49
N ARG B 89 -11.97 12.50 26.27
CA ARG B 89 -10.94 12.37 27.30
C ARG B 89 -11.31 13.15 28.55
N GLU B 90 -11.83 14.38 28.38
CA GLU B 90 -12.22 15.22 29.51
C GLU B 90 -13.38 14.61 30.29
N ARG B 91 -14.34 14.01 29.57
N ARG B 91 -14.35 14.02 29.57
CA ARG B 91 -15.54 13.46 30.19
CA ARG B 91 -15.54 13.46 30.19
C ARG B 91 -15.43 11.96 30.43
C ARG B 91 -15.43 11.96 30.43
N ASN B 92 -14.22 11.41 30.37
CA ASN B 92 -14.04 9.97 30.53
C ASN B 92 -14.70 9.43 31.79
N ASP B 93 -14.42 10.03 32.95
CA ASP B 93 -14.97 9.51 34.20
C ASP B 93 -16.50 9.62 34.24
N GLU B 94 -17.04 10.75 33.79
CA GLU B 94 -18.49 10.90 33.79
C GLU B 94 -19.14 9.87 32.87
N LEU B 95 -18.59 9.66 31.67
CA LEU B 95 -19.19 8.68 30.76
C LEU B 95 -19.07 7.27 31.30
N ALA B 96 -17.93 6.94 31.92
CA ALA B 96 -17.73 5.61 32.49
C ALA B 96 -18.73 5.34 33.62
N ARG B 97 -19.01 6.33 34.45
CA ARG B 97 -20.00 6.12 35.51
C ARG B 97 -21.37 5.80 34.93
N LEU B 98 -21.77 6.51 33.88
CA LEU B 98 -23.04 6.22 33.21
C LEU B 98 -23.04 4.81 32.62
N GLU B 99 -21.93 4.41 32.00
CA GLU B 99 -21.82 3.07 31.43
C GLU B 99 -21.91 2.01 32.52
N THR B 100 -21.28 2.25 33.68
CA THR B 100 -21.40 1.29 34.77
C THR B 100 -22.86 1.13 35.21
N LEU B 101 -23.59 2.24 35.36
CA LEU B 101 -24.99 2.16 35.73
C LEU B 101 -25.80 1.36 34.73
N ASP B 102 -25.54 1.53 33.44
CA ASP B 102 -26.35 0.92 32.39
C ASP B 102 -25.98 -0.54 32.15
N THR B 103 -24.72 -0.92 32.35
CA THR B 103 -24.26 -2.26 32.01
C THR B 103 -23.96 -3.15 33.21
N GLY B 104 -23.75 -2.58 34.38
CA GLY B 104 -23.30 -3.36 35.51
C GLY B 104 -21.82 -3.63 35.53
N LYS B 105 -21.08 -3.11 34.60
CA LYS B 105 -19.66 -3.36 34.64
C LYS B 105 -18.99 -2.46 35.68
N PRO B 106 -18.01 -2.96 36.42
CA PRO B 106 -17.36 -2.14 37.45
C PRO B 106 -16.72 -0.89 36.86
N LEU B 107 -16.78 0.20 37.63
CA LEU B 107 -16.11 1.42 37.20
C LEU B 107 -14.62 1.20 37.01
N SER B 108 -14.04 0.23 37.73
CA SER B 108 -12.63 -0.07 37.51
C SER B 108 -12.37 -0.48 36.06
N GLU B 109 -13.37 -1.01 35.37
CA GLU B 109 -13.23 -1.35 33.95
C GLU B 109 -13.59 -0.17 33.06
N THR B 110 -14.79 0.39 33.24
CA THR B 110 -15.34 1.34 32.28
C THR B 110 -14.51 2.60 32.18
N ALA B 111 -13.92 3.04 33.29
CA ALA B 111 -13.12 4.26 33.30
C ALA B 111 -11.73 4.07 32.74
N ALA B 112 -11.29 2.82 32.60
CA ALA B 112 -9.95 2.53 32.10
C ALA B 112 -9.95 1.98 30.69
N VAL B 113 -11.08 1.46 30.21
CA VAL B 113 -11.12 0.73 28.95
C VAL B 113 -12.15 1.32 27.98
N ASP B 114 -13.40 1.40 28.42
CA ASP B 114 -14.50 1.55 27.47
C ASP B 114 -14.35 2.83 26.66
N ILE B 115 -14.24 3.97 27.34
CA ILE B 115 -14.11 5.22 26.62
C ILE B 115 -12.66 5.41 26.16
N VAL B 116 -11.68 4.97 26.94
CA VAL B 116 -10.28 5.13 26.57
C VAL B 116 -10.03 4.51 25.20
N THR B 117 -10.44 3.25 25.02
CA THR B 117 -10.17 2.56 23.76
C THR B 117 -11.16 2.95 22.66
N GLY B 118 -12.39 3.33 23.03
CA GLY B 118 -13.27 3.89 22.01
C GLY B 118 -12.68 5.16 21.43
N ALA B 119 -12.23 6.07 22.31
CA ALA B 119 -11.59 7.29 21.85
C ALA B 119 -10.27 7.02 21.14
N ASP B 120 -9.51 6.00 21.56
CA ASP B 120 -8.28 5.69 20.85
C ASP B 120 -8.56 5.45 19.36
N VAL B 121 -9.66 4.73 19.06
CA VAL B 121 -9.96 4.39 17.67
C VAL B 121 -10.41 5.63 16.90
N LEU B 122 -11.22 6.50 17.51
CA LEU B 122 -11.62 7.74 16.84
C LEU B 122 -10.42 8.62 16.57
N GLU B 123 -9.53 8.69 17.55
CA GLU B 123 -8.31 9.47 17.40
C GLU B 123 -7.46 8.91 16.27
N TYR B 124 -7.38 7.58 16.19
CA TYR B 124 -6.64 6.93 15.13
C TYR B 124 -7.20 7.29 13.77
N TYR B 125 -8.51 7.12 13.57
CA TYR B 125 -9.06 7.38 12.24
C TYR B 125 -9.06 8.86 11.90
N ALA B 126 -9.19 9.74 12.90
CA ALA B 126 -9.12 11.16 12.60
C ALA B 126 -7.82 11.50 11.86
N GLY B 127 -6.71 10.92 12.29
CA GLY B 127 -5.44 11.21 11.67
C GLY B 127 -5.26 10.59 10.30
N LEU B 128 -6.00 9.52 10.00
CA LEU B 128 -5.86 8.83 8.73
C LEU B 128 -6.69 9.41 7.60
N ILE B 129 -7.61 10.32 7.86
CA ILE B 129 -8.49 10.82 6.79
C ILE B 129 -7.66 11.34 5.61
N PRO B 130 -6.62 12.16 5.81
CA PRO B 130 -5.88 12.70 4.65
C PRO B 130 -5.10 11.66 3.87
N ALA B 131 -4.83 10.49 4.43
CA ALA B 131 -4.12 9.45 3.71
C ALA B 131 -5.05 8.57 2.88
N LEU B 132 -6.36 8.79 2.93
CA LEU B 132 -7.30 7.97 2.16
C LEU B 132 -7.21 8.37 0.70
N GLU B 133 -6.64 7.48 -0.13
CA GLU B 133 -6.26 7.79 -1.50
C GLU B 133 -6.77 6.72 -2.46
N GLY B 134 -7.04 7.13 -3.69
CA GLY B 134 -7.29 6.22 -4.79
C GLY B 134 -6.00 5.82 -5.46
N SER B 135 -6.14 5.25 -6.66
CA SER B 135 -5.02 4.74 -7.43
CA SER B 135 -5.02 4.75 -7.43
C SER B 135 -5.04 5.34 -8.84
N GLN B 136 -3.93 5.18 -9.54
CA GLN B 136 -3.84 5.55 -10.95
C GLN B 136 -3.07 4.44 -11.65
N ILE B 137 -3.60 3.99 -12.79
CA ILE B 137 -3.10 2.82 -13.49
C ILE B 137 -2.89 3.19 -14.94
N PRO B 138 -1.65 3.25 -15.45
CA PRO B 138 -1.44 3.51 -16.88
C PRO B 138 -1.71 2.25 -17.69
N LEU B 139 -2.51 2.39 -18.74
CA LEU B 139 -2.80 1.29 -19.66
C LEU B 139 -1.90 1.32 -20.88
N ARG B 140 -1.72 2.51 -21.44
CA ARG B 140 -0.95 2.75 -22.65
C ARG B 140 -0.81 4.26 -22.71
N ASP B 141 0.01 4.73 -23.64
CA ASP B 141 0.28 6.16 -23.71
C ASP B 141 -1.01 6.96 -23.86
N SER B 142 -2.02 6.40 -24.49
CA SER B 142 -3.23 7.14 -24.84
C SER B 142 -4.40 6.89 -23.90
N SER B 143 -4.20 6.15 -22.82
CA SER B 143 -5.29 5.87 -21.90
C SER B 143 -4.75 5.50 -20.53
N PHE B 144 -5.45 5.98 -19.50
CA PHE B 144 -5.12 5.62 -18.12
C PHE B 144 -6.41 5.53 -17.32
N VAL B 145 -6.29 4.88 -16.16
CA VAL B 145 -7.37 4.68 -15.21
C VAL B 145 -6.99 5.36 -13.91
N TYR B 146 -7.95 5.99 -13.24
CA TYR B 146 -7.75 6.38 -11.85
C TYR B 146 -9.01 6.04 -11.07
N THR B 147 -8.85 5.83 -9.77
CA THR B 147 -9.94 5.44 -8.91
C THR B 147 -10.18 6.48 -7.82
N ARG B 148 -11.42 6.55 -7.40
CA ARG B 148 -11.84 7.38 -6.28
C ARG B 148 -12.43 6.46 -5.22
N ARG B 149 -12.06 6.72 -3.97
CA ARG B 149 -12.64 6.05 -2.81
CA ARG B 149 -12.64 6.05 -2.81
C ARG B 149 -13.74 6.98 -2.28
N GLU B 150 -14.95 6.77 -2.79
CA GLU B 150 -16.10 7.62 -2.46
C GLU B 150 -16.82 7.11 -1.22
N PRO B 151 -17.45 8.01 -0.47
CA PRO B 151 -18.31 7.58 0.63
C PRO B 151 -19.42 6.67 0.15
N LEU B 152 -19.82 5.74 1.02
CA LEU B 152 -21.00 4.94 0.73
C LEU B 152 -22.27 5.78 0.78
N GLY B 153 -22.29 6.81 1.63
CA GLY B 153 -23.51 7.60 1.83
C GLY B 153 -24.02 7.57 3.26
N VAL B 154 -25.16 6.91 3.47
CA VAL B 154 -25.71 6.71 4.82
C VAL B 154 -25.47 5.27 5.21
N VAL B 155 -24.84 5.06 6.36
CA VAL B 155 -24.63 3.71 6.85
C VAL B 155 -25.30 3.58 8.21
N ALA B 156 -25.58 2.34 8.60
CA ALA B 156 -26.22 2.08 9.87
C ALA B 156 -25.31 1.21 10.73
N GLY B 157 -25.20 1.58 12.00
CA GLY B 157 -24.53 0.78 12.99
C GLY B 157 -25.54 0.26 14.01
N ILE B 158 -25.43 -1.02 14.30
CA ILE B 158 -26.30 -1.66 15.30
C ILE B 158 -25.38 -2.21 16.37
N GLY B 159 -25.50 -1.66 17.59
CA GLY B 159 -24.60 -2.00 18.67
C GLY B 159 -25.14 -3.09 19.59
N ALA B 160 -24.23 -3.64 20.39
CA ALA B 160 -24.54 -4.61 21.43
C ALA B 160 -24.43 -3.95 22.79
N TRP B 161 -24.80 -4.72 23.82
CA TRP B 161 -24.94 -4.15 25.15
C TRP B 161 -23.71 -4.30 26.03
N ASN B 162 -22.71 -5.10 25.67
CA ASN B 162 -21.62 -5.32 26.61
C ASN B 162 -20.61 -4.17 26.63
N TYR B 163 -20.32 -3.54 25.49
CA TYR B 163 -19.40 -2.39 25.42
C TYR B 163 -20.09 -1.28 24.65
N PRO B 164 -21.11 -0.66 25.23
CA PRO B 164 -21.99 0.20 24.42
C PRO B 164 -21.29 1.37 23.75
N ILE B 165 -20.58 2.20 24.51
CA ILE B 165 -20.02 3.38 23.87
C ILE B 165 -18.79 3.03 23.04
N GLN B 166 -18.02 2.02 23.45
CA GLN B 166 -16.89 1.58 22.65
C GLN B 166 -17.34 1.10 21.28
N ILE B 167 -18.41 0.29 21.23
CA ILE B 167 -18.92 -0.17 19.94
C ILE B 167 -19.41 1.01 19.10
N ALA B 168 -20.12 1.94 19.72
CA ALA B 168 -20.57 3.12 18.99
C ALA B 168 -19.40 3.88 18.37
N LEU B 169 -18.30 3.99 19.10
CA LEU B 169 -17.13 4.69 18.60
C LEU B 169 -16.40 3.88 17.53
N TRP B 170 -16.22 2.58 17.77
CA TRP B 170 -15.55 1.73 16.79
C TRP B 170 -16.31 1.64 15.48
N LYS B 171 -17.64 1.78 15.50
CA LYS B 171 -18.39 1.79 14.25
C LYS B 171 -18.46 3.17 13.60
N SER B 172 -18.72 4.22 14.38
CA SER B 172 -18.88 5.55 13.80
C SER B 172 -17.55 6.19 13.41
N ALA B 173 -16.45 5.88 14.10
CA ALA B 173 -15.19 6.53 13.76
C ALA B 173 -14.76 6.27 12.32
N PRO B 174 -14.63 5.02 11.86
CA PRO B 174 -14.27 4.82 10.45
C PRO B 174 -15.36 5.27 9.50
N ALA B 175 -16.63 5.09 9.88
CA ALA B 175 -17.71 5.50 8.98
C ALA B 175 -17.66 7.01 8.75
N LEU B 176 -17.57 7.79 9.82
CA LEU B 176 -17.45 9.23 9.70
C LEU B 176 -16.13 9.62 9.04
N ALA B 177 -15.04 8.95 9.42
CA ALA B 177 -13.74 9.34 8.88
C ALA B 177 -13.70 9.16 7.37
N ALA B 178 -14.46 8.21 6.84
CA ALA B 178 -14.54 7.96 5.41
C ALA B 178 -15.51 8.87 4.69
N GLY B 179 -16.19 9.77 5.39
CA GLY B 179 -17.08 10.71 4.74
C GLY B 179 -18.52 10.32 4.73
N ASN B 180 -18.91 9.31 5.50
CA ASN B 180 -20.30 8.92 5.60
C ASN B 180 -21.00 9.56 6.80
N ALA B 181 -22.32 9.53 6.74
CA ALA B 181 -23.15 9.69 7.93
C ALA B 181 -23.55 8.31 8.44
N MET B 182 -23.62 8.17 9.76
CA MET B 182 -24.05 6.92 10.38
C MET B 182 -25.28 7.16 11.24
N ILE B 183 -26.27 6.29 11.09
CA ILE B 183 -27.36 6.18 12.04
C ILE B 183 -27.04 5.00 12.94
N PHE B 184 -26.96 5.26 14.24
CA PHE B 184 -26.58 4.24 15.21
C PHE B 184 -27.78 3.85 16.06
N LYS B 185 -28.02 2.55 16.13
CA LYS B 185 -29.06 2.00 17.00
C LYS B 185 -28.41 1.27 18.16
N PRO B 186 -28.42 1.80 19.38
CA PRO B 186 -27.83 1.05 20.50
C PRO B 186 -28.75 -0.08 20.94
N SER B 187 -28.18 -1.03 21.69
CA SER B 187 -28.99 -2.09 22.27
C SER B 187 -30.04 -1.50 23.20
N GLU B 188 -31.25 -2.08 23.16
CA GLU B 188 -32.30 -1.69 24.07
C GLU B 188 -31.92 -1.91 25.52
N VAL B 189 -30.97 -2.82 25.78
CA VAL B 189 -30.48 -3.02 27.12
C VAL B 189 -29.67 -1.83 27.62
N THR B 190 -28.94 -1.13 26.74
CA THR B 190 -27.93 -0.15 27.13
C THR B 190 -27.91 1.04 26.18
N PRO B 191 -28.96 1.86 26.17
CA PRO B 191 -29.05 2.95 25.20
C PRO B 191 -28.45 4.29 25.61
N LEU B 192 -27.99 4.44 26.85
CA LEU B 192 -27.78 5.78 27.39
C LEU B 192 -26.51 6.46 26.91
N THR B 193 -25.37 5.75 26.83
CA THR B 193 -24.14 6.44 26.46
C THR B 193 -24.10 6.82 24.98
N ALA B 194 -24.80 6.07 24.13
CA ALA B 194 -24.83 6.41 22.71
C ALA B 194 -25.44 7.79 22.50
N LEU B 195 -26.48 8.11 23.26
CA LEU B 195 -27.11 9.42 23.16
C LEU B 195 -26.17 10.53 23.63
N LYS B 196 -25.38 10.26 24.68
CA LYS B 196 -24.34 11.22 25.10
C LYS B 196 -23.31 11.43 24.01
N LEU B 197 -22.88 10.34 23.34
CA LEU B 197 -21.91 10.49 22.27
C LEU B 197 -22.44 11.39 21.17
N ALA B 198 -23.74 11.27 20.85
CA ALA B 198 -24.31 12.14 19.82
C ALA B 198 -24.16 13.61 20.20
N GLU B 199 -24.41 13.95 21.47
CA GLU B 199 -24.24 15.33 21.91
C GLU B 199 -22.79 15.77 21.79
N ILE B 200 -21.86 14.88 22.16
CA ILE B 200 -20.43 15.21 22.10
C ILE B 200 -19.99 15.47 20.66
N TYR B 201 -20.43 14.63 19.72
CA TYR B 201 -20.09 14.85 18.32
C TYR B 201 -20.58 16.23 17.87
N ARG B 202 -21.81 16.60 18.21
CA ARG B 202 -22.32 17.91 17.81
C ARG B 202 -21.48 19.03 18.40
N GLU B 203 -21.12 18.90 19.68
CA GLU B 203 -20.29 19.90 20.34
C GLU B 203 -18.95 20.06 19.66
N ALA B 204 -18.40 18.98 19.12
CA ALA B 204 -17.13 19.08 18.42
C ALA B 204 -17.25 19.73 17.04
N GLY B 205 -18.47 19.94 16.54
CA GLY B 205 -18.67 20.54 15.25
C GLY B 205 -19.11 19.60 14.15
N LEU B 206 -19.46 18.38 14.48
CA LEU B 206 -19.95 17.47 13.46
C LEU B 206 -21.22 18.04 12.87
N PRO B 207 -21.35 18.12 11.55
CA PRO B 207 -22.58 18.66 10.94
C PRO B 207 -23.80 17.88 11.38
N ASP B 208 -24.90 18.62 11.52
CA ASP B 208 -26.18 18.04 11.90
C ASP B 208 -26.57 16.92 10.94
N GLY B 209 -26.95 15.77 11.50
CA GLY B 209 -27.37 14.63 10.71
C GLY B 209 -26.30 13.58 10.48
N VAL B 210 -25.04 13.92 10.72
CA VAL B 210 -23.97 12.99 10.40
C VAL B 210 -23.91 11.83 11.38
N PHE B 211 -24.33 12.05 12.62
CA PHE B 211 -24.44 10.96 13.60
C PHE B 211 -25.79 11.11 14.30
N ASN B 212 -26.75 10.31 13.89
CA ASN B 212 -28.07 10.24 14.52
C ASN B 212 -28.17 8.96 15.32
N VAL B 213 -28.88 9.02 16.45
CA VAL B 213 -29.03 7.90 17.35
C VAL B 213 -30.51 7.58 17.56
N LEU B 214 -30.86 6.31 17.34
CA LEU B 214 -32.23 5.83 17.41
C LEU B 214 -32.37 4.64 18.36
N PRO B 215 -32.66 4.90 19.63
CA PRO B 215 -32.99 3.79 20.53
C PRO B 215 -34.24 3.05 20.07
N GLY B 216 -34.32 1.79 20.44
CA GLY B 216 -35.46 0.96 20.11
C GLY B 216 -35.11 -0.50 20.25
N ILE B 217 -36.08 -1.34 19.90
CA ILE B 217 -35.93 -2.78 19.99
C ILE B 217 -35.54 -3.31 18.62
N GLY B 218 -34.87 -4.47 18.62
CA GLY B 218 -34.36 -5.02 17.38
C GLY B 218 -35.44 -5.36 16.37
N ALA B 219 -36.55 -5.94 16.85
CA ALA B 219 -37.62 -6.37 15.96
C ALA B 219 -38.29 -5.20 15.24
N GLU B 220 -38.18 -3.97 15.75
CA GLU B 220 -38.76 -2.82 15.06
C GLU B 220 -37.69 -1.85 14.57
N THR B 221 -36.99 -1.15 15.46
CA THR B 221 -36.05 -0.13 15.00
C THR B 221 -34.89 -0.76 14.24
N GLY B 222 -34.35 -1.86 14.76
CA GLY B 222 -33.25 -2.52 14.07
C GLY B 222 -33.65 -2.99 12.68
N GLN B 223 -34.82 -3.63 12.58
CA GLN B 223 -35.28 -4.13 11.29
C GLN B 223 -35.59 -3.00 10.33
N TYR B 224 -36.18 -1.90 10.82
CA TYR B 224 -36.50 -0.80 9.92
C TYR B 224 -35.23 -0.23 9.28
N LEU B 225 -34.12 -0.17 10.03
CA LEU B 225 -32.87 0.30 9.47
C LEU B 225 -32.30 -0.67 8.45
N THR B 226 -32.28 -1.96 8.78
CA THR B 226 -31.72 -2.95 7.87
C THR B 226 -32.50 -3.03 6.57
N GLU B 227 -33.79 -2.66 6.59
CA GLU B 227 -34.64 -2.74 5.42
C GLU B 227 -34.65 -1.47 4.59
N HIS B 228 -34.18 -0.36 5.13
CA HIS B 228 -34.38 0.92 4.46
C HIS B 228 -33.64 0.95 3.13
N PRO B 229 -34.27 1.44 2.06
CA PRO B 229 -33.60 1.37 0.75
C PRO B 229 -32.43 2.34 0.58
N ASP B 230 -32.35 3.39 1.40
CA ASP B 230 -31.35 4.44 1.22
C ASP B 230 -30.16 4.30 2.17
N ILE B 231 -30.09 3.19 2.89
CA ILE B 231 -28.94 2.87 3.73
C ILE B 231 -28.07 1.92 2.95
N ALA B 232 -26.79 2.29 2.80
CA ALA B 232 -25.87 1.63 1.89
C ALA B 232 -25.09 0.50 2.55
N LYS B 233 -24.99 0.51 3.87
CA LYS B 233 -24.20 -0.50 4.56
C LYS B 233 -24.72 -0.65 5.98
N ILE B 234 -24.69 -1.89 6.47
CA ILE B 234 -25.09 -2.19 7.84
C ILE B 234 -23.88 -2.79 8.55
N SER B 235 -23.56 -2.27 9.73
CA SER B 235 -22.53 -2.87 10.58
C SER B 235 -23.18 -3.33 11.88
N PHE B 236 -23.08 -4.62 12.17
CA PHE B 236 -23.79 -5.22 13.29
C PHE B 236 -22.82 -5.92 14.24
N THR B 237 -23.01 -5.70 15.54
CA THR B 237 -22.32 -6.44 16.58
C THR B 237 -23.38 -7.06 17.48
N GLY B 238 -23.26 -8.36 17.76
CA GLY B 238 -24.26 -9.05 18.55
C GLY B 238 -24.08 -10.56 18.51
N GLY B 239 -25.16 -11.28 18.80
CA GLY B 239 -25.08 -12.72 18.82
C GLY B 239 -25.14 -13.35 17.43
N VAL B 240 -24.61 -14.57 17.33
CA VAL B 240 -24.51 -15.25 16.04
C VAL B 240 -25.87 -15.40 15.38
N ALA B 241 -26.89 -15.76 16.16
CA ALA B 241 -28.22 -15.97 15.58
C ALA B 241 -28.81 -14.68 15.03
N SER B 242 -28.86 -13.62 15.87
CA SER B 242 -29.37 -12.34 15.41
C SER B 242 -28.60 -11.80 14.20
N GLY B 243 -27.30 -12.06 14.14
CA GLY B 243 -26.52 -11.62 12.99
C GLY B 243 -27.02 -12.22 11.69
N LYS B 244 -27.21 -13.55 11.67
CA LYS B 244 -27.68 -14.20 10.45
C LYS B 244 -29.01 -13.60 10.00
N LYS B 245 -29.88 -13.28 10.96
CA LYS B 245 -31.14 -12.63 10.62
C LYS B 245 -30.94 -11.24 10.03
N VAL B 246 -30.06 -10.44 10.64
CA VAL B 246 -29.78 -9.10 10.13
C VAL B 246 -29.27 -9.18 8.69
N MET B 247 -28.32 -10.09 8.46
CA MET B 247 -27.65 -10.17 7.16
C MET B 247 -28.63 -10.60 6.08
N ALA B 248 -29.56 -11.48 6.42
CA ALA B 248 -30.59 -11.89 5.48
C ALA B 248 -31.51 -10.74 5.12
N ASN B 249 -32.05 -10.04 6.13
CA ASN B 249 -33.01 -8.97 5.88
C ASN B 249 -32.38 -7.83 5.10
N SER B 250 -31.08 -7.60 5.26
CA SER B 250 -30.40 -6.57 4.49
C SER B 250 -30.35 -6.90 3.02
N ALA B 251 -30.20 -8.18 2.68
CA ALA B 251 -30.18 -8.59 1.28
C ALA B 251 -31.56 -8.49 0.66
N ALA B 252 -32.58 -8.95 1.38
CA ALA B 252 -33.93 -8.96 0.83
C ALA B 252 -34.42 -7.54 0.49
N SER B 253 -33.93 -6.54 1.20
CA SER B 253 -34.42 -5.18 0.96
C SER B 253 -33.70 -4.49 -0.20
N SER B 254 -32.41 -4.18 -0.04
CA SER B 254 -31.73 -3.36 -1.06
C SER B 254 -30.29 -3.78 -1.31
N LEU B 255 -29.88 -4.97 -0.89
CA LEU B 255 -28.55 -5.48 -1.23
C LEU B 255 -27.46 -4.59 -0.63
N LYS B 256 -27.50 -4.48 0.69
CA LYS B 256 -26.55 -3.66 1.42
C LYS B 256 -25.24 -4.40 1.63
N GLU B 257 -24.17 -3.63 1.69
CA GLU B 257 -22.91 -4.13 2.24
C GLU B 257 -23.11 -4.46 3.72
N VAL B 258 -22.37 -5.44 4.20
CA VAL B 258 -22.56 -5.94 5.56
C VAL B 258 -21.23 -6.14 6.27
N THR B 259 -21.21 -5.80 7.55
CA THR B 259 -20.14 -6.12 8.48
C THR B 259 -20.80 -6.71 9.72
N MET B 260 -20.24 -7.80 10.23
CA MET B 260 -20.76 -8.50 11.40
C MET B 260 -19.65 -8.92 12.33
N GLU B 261 -19.77 -8.52 13.60
CA GLU B 261 -18.89 -8.93 14.69
C GLU B 261 -19.75 -9.74 15.64
N LEU B 262 -19.64 -11.06 15.60
CA LEU B 262 -20.50 -11.94 16.37
C LEU B 262 -19.68 -12.59 17.49
N GLY B 263 -20.27 -13.56 18.15
CA GLY B 263 -19.62 -14.19 19.27
C GLY B 263 -18.62 -15.26 18.85
N GLY B 264 -18.09 -15.94 19.86
CA GLY B 264 -17.16 -17.02 19.62
C GLY B 264 -17.12 -18.03 20.75
N LYS B 265 -16.32 -19.06 20.53
CA LYS B 265 -15.93 -19.99 21.58
C LYS B 265 -14.41 -20.16 21.47
N SER B 266 -13.71 -19.15 21.88
CA SER B 266 -12.31 -19.03 21.47
C SER B 266 -11.42 -19.93 22.32
N PRO B 267 -10.47 -20.62 21.71
CA PRO B 267 -9.61 -21.51 22.47
C PRO B 267 -8.37 -20.81 23.01
N LEU B 268 -8.03 -21.14 24.25
CA LEU B 268 -6.77 -20.75 24.89
C LEU B 268 -5.95 -22.03 25.07
N ILE B 269 -4.83 -22.11 24.36
CA ILE B 269 -3.99 -23.30 24.35
C ILE B 269 -2.80 -23.06 25.27
N ILE B 270 -2.72 -23.84 26.34
CA ILE B 270 -1.58 -23.78 27.24
C ILE B 270 -0.62 -24.87 26.83
N ALA B 271 0.59 -24.47 26.47
CA ALA B 271 1.61 -25.40 26.00
C ALA B 271 2.31 -26.09 27.16
N GLU B 272 2.92 -27.24 26.85
CA GLU B 272 3.58 -28.05 27.86
C GLU B 272 4.77 -27.33 28.50
N ASP B 273 5.32 -26.30 27.86
CA ASP B 273 6.43 -25.58 28.45
C ASP B 273 6.01 -24.24 29.06
N ALA B 274 4.70 -24.03 29.24
CA ALA B 274 4.20 -22.77 29.77
C ALA B 274 4.37 -22.67 31.27
N ASN B 275 4.68 -21.46 31.73
CA ASN B 275 4.61 -21.15 33.15
C ASN B 275 3.15 -21.06 33.58
N LEU B 276 2.78 -21.85 34.58
CA LEU B 276 1.37 -22.03 34.91
C LEU B 276 0.76 -20.84 35.64
N ASP B 277 1.56 -20.04 36.35
CA ASP B 277 1.05 -18.79 36.91
C ASP B 277 0.65 -17.80 35.82
N LEU B 278 1.52 -17.66 34.80
CA LEU B 278 1.21 -16.82 33.65
C LEU B 278 -0.02 -17.36 32.93
N ALA B 279 -0.06 -18.69 32.72
CA ALA B 279 -1.22 -19.30 32.07
C ALA B 279 -2.48 -19.07 32.88
N ALA B 280 -2.40 -19.23 34.21
CA ALA B 280 -3.60 -19.01 35.00
C ALA B 280 -4.04 -17.55 34.92
N ASP B 281 -3.10 -16.61 34.95
CA ASP B 281 -3.46 -15.20 34.83
C ASP B 281 -4.12 -14.88 33.48
N ILE B 282 -3.60 -15.43 32.40
CA ILE B 282 -4.20 -15.20 31.08
C ILE B 282 -5.60 -15.79 31.02
N ALA B 283 -5.77 -17.01 31.54
CA ALA B 283 -7.09 -17.64 31.53
C ALA B 283 -8.10 -16.86 32.35
N MET B 284 -7.65 -16.29 33.49
CA MET B 284 -8.53 -15.47 34.30
C MET B 284 -8.99 -14.25 33.52
N MET B 285 -8.05 -13.53 32.92
CA MET B 285 -8.41 -12.34 32.16
C MET B 285 -9.20 -12.71 30.91
N ALA B 286 -9.02 -13.92 30.39
CA ALA B 286 -9.77 -14.36 29.23
C ALA B 286 -11.16 -14.88 29.57
N ASN B 287 -11.52 -14.95 30.85
CA ASN B 287 -12.83 -15.52 31.17
C ASN B 287 -13.72 -14.66 32.04
N PHE B 288 -13.15 -13.85 32.93
CA PHE B 288 -13.96 -13.20 33.96
C PHE B 288 -13.95 -11.69 33.88
N TYR B 289 -13.29 -11.09 32.88
CA TYR B 289 -13.40 -9.66 32.66
C TYR B 289 -14.80 -9.34 32.16
N SER B 290 -15.34 -8.20 32.61
CA SER B 290 -16.72 -7.81 32.29
C SER B 290 -17.68 -8.95 32.60
N SER B 291 -17.39 -9.69 33.68
CA SER B 291 -18.22 -10.80 34.15
C SER B 291 -18.47 -11.83 33.06
N GLY B 292 -17.48 -12.04 32.19
CA GLY B 292 -17.55 -13.04 31.16
C GLY B 292 -18.33 -12.64 29.93
N GLN B 293 -18.71 -11.38 29.82
CA GLN B 293 -19.56 -10.91 28.74
C GLN B 293 -18.73 -10.24 27.65
N VAL B 294 -17.81 -11.00 27.08
CA VAL B 294 -16.90 -10.51 26.05
C VAL B 294 -16.88 -11.51 24.91
N CYS B 295 -17.13 -11.04 23.68
CA CYS B 295 -17.19 -11.93 22.54
C CYS B 295 -15.90 -12.73 22.35
N THR B 296 -14.74 -12.14 22.67
CA THR B 296 -13.44 -12.74 22.42
C THR B 296 -12.94 -13.65 23.55
N ASN B 297 -13.77 -13.94 24.56
CA ASN B 297 -13.27 -14.63 25.73
C ASN B 297 -12.77 -16.04 25.41
N GLY B 298 -11.70 -16.44 26.10
CA GLY B 298 -11.08 -17.73 25.93
C GLY B 298 -11.71 -18.78 26.80
N THR B 299 -12.93 -19.17 26.44
CA THR B 299 -13.79 -19.98 27.28
C THR B 299 -13.52 -21.46 27.17
N ARG B 300 -12.70 -21.87 26.23
CA ARG B 300 -12.22 -23.25 26.15
C ARG B 300 -10.72 -23.20 26.44
N VAL B 301 -10.33 -23.63 27.63
CA VAL B 301 -8.95 -23.56 28.07
C VAL B 301 -8.37 -24.96 27.96
N PHE B 302 -7.47 -25.15 27.02
CA PHE B 302 -6.85 -26.44 26.78
C PHE B 302 -5.55 -26.50 27.58
N VAL B 303 -5.43 -27.50 28.43
CA VAL B 303 -4.29 -27.64 29.32
C VAL B 303 -3.72 -29.04 29.17
N PRO B 304 -2.39 -29.21 29.15
CA PRO B 304 -1.83 -30.56 29.07
C PRO B 304 -2.26 -31.41 30.27
N ALA B 305 -2.53 -32.69 30.02
CA ALA B 305 -2.96 -33.57 31.09
C ALA B 305 -2.00 -33.53 32.28
N LYS B 306 -0.69 -33.54 32.01
CA LYS B 306 0.27 -33.61 33.09
C LYS B 306 0.21 -32.37 34.00
N PHE B 307 -0.28 -31.24 33.49
CA PHE B 307 -0.36 -30.00 34.25
C PHE B 307 -1.78 -29.66 34.73
N LYS B 308 -2.77 -30.48 34.40
CA LYS B 308 -4.16 -30.07 34.64
C LYS B 308 -4.43 -29.86 36.12
N ALA B 309 -4.03 -30.80 36.96
CA ALA B 309 -4.33 -30.69 38.38
C ALA B 309 -3.71 -29.43 38.97
N GLU B 310 -2.46 -29.17 38.63
CA GLU B 310 -1.81 -27.97 39.13
C GLU B 310 -2.47 -26.71 38.57
N PHE B 311 -2.84 -26.73 37.28
CA PHE B 311 -3.51 -25.56 36.70
C PHE B 311 -4.83 -25.29 37.40
N GLU B 312 -5.60 -26.34 37.67
CA GLU B 312 -6.86 -26.20 38.35
C GLU B 312 -6.66 -25.51 39.70
N HIS B 313 -5.64 -25.92 40.44
CA HIS B 313 -5.33 -25.31 41.73
C HIS B 313 -5.06 -23.81 41.57
N LYS B 314 -4.27 -23.44 40.57
CA LYS B 314 -3.93 -22.03 40.39
C LYS B 314 -5.13 -21.18 39.95
N ILE B 315 -6.02 -21.76 39.16
CA ILE B 315 -7.23 -21.02 38.79
C ILE B 315 -8.08 -20.78 40.03
N LEU B 316 -8.25 -21.81 40.86
CA LEU B 316 -9.11 -21.69 42.03
C LEU B 316 -8.56 -20.64 42.99
N GLU B 317 -7.23 -20.59 43.15
CA GLU B 317 -6.63 -19.58 44.01
C GLU B 317 -6.96 -18.18 43.50
N ARG B 318 -6.86 -17.96 42.19
CA ARG B 318 -7.13 -16.63 41.64
C ARG B 318 -8.62 -16.30 41.67
N VAL B 319 -9.47 -17.30 41.48
CA VAL B 319 -10.91 -17.07 41.56
C VAL B 319 -11.28 -16.59 42.95
N GLY B 320 -10.63 -17.12 43.98
CA GLY B 320 -10.91 -16.69 45.33
C GLY B 320 -10.61 -15.22 45.58
N ARG B 321 -9.74 -14.64 44.77
CA ARG B 321 -9.39 -13.23 44.89
C ARG B 321 -10.33 -12.29 44.16
N ILE B 322 -11.28 -12.82 43.39
CA ILE B 322 -12.22 -11.95 42.68
C ILE B 322 -13.05 -11.17 43.70
N ARG B 323 -13.23 -9.88 43.43
CA ARG B 323 -13.87 -8.96 44.37
C ARG B 323 -15.14 -8.38 43.74
N ALA B 324 -16.27 -9.03 44.03
CA ALA B 324 -17.58 -8.52 43.70
C ALA B 324 -18.06 -7.58 44.80
N GLY B 325 -18.82 -6.56 44.40
CA GLY B 325 -19.39 -5.61 45.37
C GLY B 325 -19.81 -4.32 44.68
N ASP B 326 -19.77 -3.23 45.46
CA ASP B 326 -20.10 -1.90 44.98
C ASP B 326 -19.34 -1.57 43.71
N LEU B 327 -20.07 -1.31 42.64
CA LEU B 327 -19.47 -1.15 41.32
C LEU B 327 -18.65 0.13 41.18
N PHE B 328 -18.81 1.10 42.09
CA PHE B 328 -18.03 2.33 42.04
C PHE B 328 -16.83 2.29 42.98
N ALA B 329 -16.66 1.20 43.73
CA ALA B 329 -15.50 1.04 44.59
C ALA B 329 -14.25 0.70 43.78
N ASP B 330 -13.12 1.25 44.19
CA ASP B 330 -11.88 1.06 43.44
C ASP B 330 -11.53 -0.43 43.33
N ASP B 331 -11.71 -1.17 44.42
CA ASP B 331 -11.24 -2.56 44.47
C ASP B 331 -12.25 -3.55 43.90
N THR B 332 -13.44 -3.13 43.51
CA THR B 332 -14.36 -4.04 42.85
C THR B 332 -13.84 -4.34 41.45
N ASN B 333 -13.76 -5.63 41.10
CA ASN B 333 -13.30 -6.02 39.76
C ASN B 333 -14.23 -7.06 39.13
N PHE B 334 -15.46 -7.18 39.64
CA PHE B 334 -16.41 -8.16 39.12
C PHE B 334 -17.81 -7.60 39.34
N GLY B 335 -18.63 -7.68 38.30
CA GLY B 335 -19.96 -7.12 38.37
C GLY B 335 -21.06 -8.13 38.13
N PRO B 336 -22.30 -7.68 38.27
CA PRO B 336 -23.43 -8.52 37.87
C PRO B 336 -23.49 -8.64 36.36
N LEU B 337 -24.29 -9.59 35.89
CA LEU B 337 -24.57 -9.66 34.46
C LEU B 337 -25.47 -8.49 34.05
N VAL B 338 -25.55 -8.25 32.74
CA VAL B 338 -26.16 -7.01 32.24
C VAL B 338 -27.66 -6.93 32.52
N SER B 339 -28.31 -8.06 32.75
CA SER B 339 -29.76 -8.08 32.92
C SER B 339 -30.14 -9.38 33.58
N PHE B 340 -31.38 -9.43 34.11
CA PHE B 340 -31.89 -10.61 34.80
C PHE B 340 -32.27 -11.73 33.82
N PRO B 341 -32.87 -11.42 32.66
CA PRO B 341 -33.04 -12.49 31.65
C PRO B 341 -31.73 -13.08 31.16
N HIS B 342 -30.67 -12.28 31.02
CA HIS B 342 -29.40 -12.86 30.59
C HIS B 342 -28.86 -13.79 31.67
N ARG B 343 -29.02 -13.42 32.95
CA ARG B 343 -28.58 -14.31 34.01
C ARG B 343 -29.30 -15.64 33.91
N GLN B 344 -30.60 -15.62 33.60
CA GLN B 344 -31.35 -16.88 33.50
C GLN B 344 -30.73 -17.78 32.43
N ASN B 345 -30.33 -17.21 31.31
CA ASN B 345 -29.69 -18.00 30.25
C ASN B 345 -28.35 -18.58 30.69
N VAL B 346 -27.52 -17.79 31.40
CA VAL B 346 -26.24 -18.31 31.87
C VAL B 346 -26.46 -19.46 32.84
N LEU B 347 -27.47 -19.31 33.73
CA LEU B 347 -27.76 -20.36 34.71
C LEU B 347 -28.23 -21.63 34.01
N ARG B 348 -29.00 -21.49 32.93
CA ARG B 348 -29.38 -22.68 32.18
C ARG B 348 -28.15 -23.40 31.62
N TYR B 349 -27.17 -22.65 31.13
CA TYR B 349 -25.94 -23.28 30.64
C TYR B 349 -25.21 -23.96 31.77
N ILE B 350 -25.13 -23.31 32.94
CA ILE B 350 -24.42 -23.92 34.07
C ILE B 350 -25.09 -25.23 34.44
N GLU B 351 -26.42 -25.25 34.48
CA GLU B 351 -27.13 -26.48 34.83
C GLU B 351 -26.85 -27.57 33.81
N SER B 352 -26.75 -27.22 32.52
CA SER B 352 -26.42 -28.22 31.50
C SER B 352 -25.02 -28.80 31.72
N GLY B 353 -24.07 -27.97 32.16
CA GLY B 353 -22.76 -28.48 32.49
C GLY B 353 -22.81 -29.50 33.61
N LYS B 354 -23.61 -29.23 34.64
CA LYS B 354 -23.72 -30.18 35.73
C LYS B 354 -24.37 -31.48 35.25
N SER B 355 -25.46 -31.38 34.49
CA SER B 355 -26.22 -32.57 34.13
C SER B 355 -25.48 -33.41 33.08
N GLU B 356 -24.63 -32.81 32.29
CA GLU B 356 -23.87 -33.55 31.27
C GLU B 356 -22.56 -34.09 31.81
N GLY B 357 -22.29 -33.93 33.11
CA GLY B 357 -21.19 -34.61 33.73
C GLY B 357 -19.88 -33.86 33.83
N ALA B 358 -19.87 -32.57 33.48
CA ALA B 358 -18.69 -31.76 33.76
C ALA B 358 -18.56 -31.56 35.26
N ARG B 359 -17.31 -31.49 35.74
CA ARG B 359 -17.03 -31.35 37.16
C ARG B 359 -16.99 -29.87 37.54
N LEU B 360 -17.84 -29.48 38.48
CA LEU B 360 -17.90 -28.09 38.93
C LEU B 360 -16.82 -27.84 39.96
N LEU B 361 -15.87 -26.98 39.64
CA LEU B 361 -14.79 -26.68 40.56
C LEU B 361 -15.14 -25.54 41.49
N CYS B 362 -15.87 -24.54 41.00
CA CYS B 362 -16.27 -23.42 41.84
C CYS B 362 -17.43 -22.69 41.18
N GLY B 363 -18.15 -21.91 41.98
CA GLY B 363 -19.27 -21.15 41.50
C GLY B 363 -20.45 -22.04 41.17
N GLY B 364 -21.18 -21.64 40.13
CA GLY B 364 -22.32 -22.38 39.65
C GLY B 364 -23.66 -21.88 40.15
N ASP B 365 -23.68 -20.82 40.95
CA ASP B 365 -24.92 -20.29 41.49
C ASP B 365 -24.86 -18.77 41.45
N VAL B 366 -26.02 -18.16 41.69
CA VAL B 366 -26.08 -16.73 41.90
C VAL B 366 -25.34 -16.36 43.18
N LEU B 367 -24.97 -15.08 43.30
CA LEU B 367 -24.45 -14.53 44.54
C LEU B 367 -25.62 -14.05 45.38
N LYS B 368 -25.51 -14.21 46.70
CA LYS B 368 -26.59 -13.92 47.62
C LYS B 368 -26.10 -13.07 48.78
N GLY B 369 -27.05 -12.35 49.39
CA GLY B 369 -26.81 -11.53 50.55
C GLY B 369 -27.03 -10.05 50.26
N GLU B 370 -26.80 -9.25 51.30
CA GLU B 370 -26.97 -7.81 51.16
C GLU B 370 -26.06 -7.29 50.06
N GLY B 371 -26.64 -6.51 49.14
CA GLY B 371 -25.90 -5.95 48.03
C GLY B 371 -25.85 -6.82 46.80
N PHE B 372 -26.31 -8.06 46.88
CA PHE B 372 -26.34 -8.96 45.74
C PHE B 372 -27.72 -9.46 45.37
N ASP B 373 -28.65 -9.53 46.33
CA ASP B 373 -29.94 -10.16 46.07
C ASP B 373 -30.74 -9.41 45.01
N ASN B 374 -30.54 -8.10 44.88
CA ASN B 374 -31.26 -7.29 43.92
C ASN B 374 -30.52 -7.08 42.61
N GLY B 375 -29.34 -7.68 42.47
CA GLY B 375 -28.57 -7.55 41.25
C GLY B 375 -28.51 -8.86 40.49
N ALA B 376 -28.13 -8.82 39.22
CA ALA B 376 -28.14 -10.02 38.38
C ALA B 376 -26.81 -10.77 38.46
N TRP B 377 -26.44 -11.15 39.69
CA TRP B 377 -25.12 -11.71 39.92
C TRP B 377 -25.09 -13.21 39.69
N VAL B 378 -23.99 -13.65 39.07
CA VAL B 378 -23.61 -15.05 38.94
C VAL B 378 -22.17 -15.18 39.44
N ALA B 379 -21.91 -16.20 40.24
CA ALA B 379 -20.57 -16.41 40.76
C ALA B 379 -19.59 -16.82 39.65
N PRO B 380 -18.33 -16.42 39.75
CA PRO B 380 -17.32 -16.94 38.83
C PRO B 380 -17.31 -18.46 38.88
N THR B 381 -17.46 -19.08 37.72
CA THR B 381 -17.71 -20.52 37.61
C THR B 381 -16.65 -21.17 36.75
N VAL B 382 -16.13 -22.29 37.21
CA VAL B 382 -15.12 -23.05 36.48
C VAL B 382 -15.55 -24.51 36.47
N PHE B 383 -15.62 -25.09 35.28
CA PHE B 383 -15.84 -26.51 35.06
C PHE B 383 -14.54 -27.17 34.59
N THR B 384 -14.32 -28.41 35.00
CA THR B 384 -13.18 -29.16 34.46
C THR B 384 -13.65 -30.55 34.05
N ASP B 385 -12.71 -31.35 33.55
CA ASP B 385 -13.03 -32.65 32.96
C ASP B 385 -14.04 -32.51 31.82
N CYS B 386 -13.96 -31.40 31.10
CA CYS B 386 -14.90 -31.12 30.02
C CYS B 386 -14.50 -31.89 28.76
N THR B 387 -15.49 -32.18 27.94
CA THR B 387 -15.30 -32.88 26.68
C THR B 387 -15.96 -32.11 25.54
N ASP B 388 -15.50 -32.40 24.33
CA ASP B 388 -15.82 -31.56 23.18
C ASP B 388 -17.29 -31.59 22.79
N ASP B 389 -18.06 -32.57 23.25
CA ASP B 389 -19.47 -32.70 22.90
C ASP B 389 -20.41 -31.97 23.85
N MET B 390 -19.92 -31.47 24.98
CA MET B 390 -20.78 -30.84 25.97
C MET B 390 -21.32 -29.50 25.47
N THR B 391 -22.52 -29.17 25.92
CA THR B 391 -23.14 -27.92 25.51
C THR B 391 -22.31 -26.71 25.95
N ILE B 392 -21.80 -26.74 27.18
CA ILE B 392 -21.01 -25.61 27.67
C ILE B 392 -19.70 -25.47 26.89
N VAL B 393 -19.23 -26.54 26.24
CA VAL B 393 -18.02 -26.45 25.46
C VAL B 393 -18.31 -26.00 24.03
N ARG B 394 -19.49 -26.34 23.50
CA ARG B 394 -19.80 -26.04 22.12
C ARG B 394 -20.43 -24.66 21.90
N GLU B 395 -21.10 -24.11 22.90
CA GLU B 395 -21.94 -22.93 22.71
C GLU B 395 -21.40 -21.76 23.52
N GLU B 396 -21.51 -20.57 22.95
CA GLU B 396 -21.12 -19.37 23.66
C GLU B 396 -22.12 -19.11 24.78
N ILE B 397 -21.61 -18.90 26.00
CA ILE B 397 -22.43 -18.68 27.18
C ILE B 397 -22.60 -17.19 27.48
N PHE B 398 -21.55 -16.40 27.26
CA PHE B 398 -21.55 -14.95 27.50
C PHE B 398 -21.79 -14.65 28.98
N GLY B 399 -21.23 -15.50 29.84
CA GLY B 399 -21.20 -15.27 31.26
C GLY B 399 -19.92 -15.85 31.81
N PRO B 400 -19.73 -15.75 33.12
CA PRO B 400 -18.41 -16.10 33.72
C PRO B 400 -18.27 -17.59 33.95
N VAL B 401 -18.04 -18.32 32.87
CA VAL B 401 -17.99 -19.78 32.87
C VAL B 401 -16.82 -20.27 32.03
N MET B 402 -15.75 -20.69 32.70
CA MET B 402 -14.56 -21.25 32.06
C MET B 402 -14.71 -22.77 31.98
N SER B 403 -14.38 -23.33 30.81
CA SER B 403 -14.32 -24.77 30.59
C SER B 403 -12.87 -25.18 30.37
N ILE B 404 -12.37 -26.07 31.22
CA ILE B 404 -10.98 -26.54 31.15
C ILE B 404 -10.97 -27.93 30.50
N LEU B 405 -10.15 -28.09 29.48
CA LEU B 405 -10.11 -29.32 28.71
C LEU B 405 -8.68 -29.85 28.70
N SER B 406 -8.52 -31.12 28.98
CA SER B 406 -7.22 -31.77 28.94
CA SER B 406 -7.21 -31.74 28.94
C SER B 406 -6.86 -32.16 27.52
N TYR B 407 -5.56 -32.15 27.21
CA TYR B 407 -5.10 -32.65 25.93
C TYR B 407 -3.70 -33.26 26.07
N ASP B 408 -3.32 -34.05 25.06
CA ASP B 408 -2.10 -34.84 25.09
C ASP B 408 -1.01 -34.37 24.14
N ASP B 409 -1.34 -33.95 22.93
CA ASP B 409 -0.31 -33.57 21.98
C ASP B 409 -0.75 -32.39 21.15
N GLU B 410 0.23 -31.76 20.51
CA GLU B 410 0.00 -30.51 19.79
C GLU B 410 -0.94 -30.68 18.60
N ALA B 411 -0.78 -31.76 17.82
CA ALA B 411 -1.68 -31.96 16.70
C ALA B 411 -3.13 -32.09 17.16
N GLU B 412 -3.34 -32.80 18.27
CA GLU B 412 -4.68 -33.00 18.80
C GLU B 412 -5.31 -31.67 19.21
N VAL B 413 -4.58 -30.85 19.94
CA VAL B 413 -5.18 -29.64 20.48
C VAL B 413 -5.51 -28.68 19.34
N ILE B 414 -4.67 -28.63 18.31
CA ILE B 414 -4.96 -27.78 17.16
C ILE B 414 -6.26 -28.23 16.49
N ARG B 415 -6.43 -29.54 16.31
CA ARG B 415 -7.63 -30.05 15.67
CA ARG B 415 -7.63 -30.04 15.67
C ARG B 415 -8.87 -29.72 16.49
N ARG B 416 -8.79 -29.93 17.81
CA ARG B 416 -9.93 -29.67 18.68
C ARG B 416 -10.20 -28.19 18.82
N ALA B 417 -9.14 -27.38 18.84
CA ALA B 417 -9.31 -25.93 18.85
C ALA B 417 -10.07 -25.44 17.62
N ASN B 418 -9.76 -26.01 16.45
CA ASN B 418 -10.38 -25.61 15.20
C ASN B 418 -11.73 -26.26 14.94
N ALA B 419 -12.11 -27.29 15.69
CA ALA B 419 -13.32 -28.06 15.37
C ALA B 419 -14.53 -27.35 15.97
N THR B 420 -14.86 -26.20 15.37
CA THR B 420 -15.95 -25.37 15.83
C THR B 420 -16.42 -24.52 14.66
N GLU B 421 -17.69 -24.17 14.68
CA GLU B 421 -18.23 -23.23 13.71
C GLU B 421 -17.82 -21.80 14.03
N TYR B 422 -17.44 -21.54 15.29
CA TYR B 422 -16.99 -20.23 15.69
C TYR B 422 -15.55 -20.03 15.20
N GLY B 423 -15.13 -18.76 15.12
CA GLY B 423 -13.82 -18.40 14.61
C GLY B 423 -13.24 -17.07 15.04
N LEU B 424 -13.66 -16.51 16.18
CA LEU B 424 -13.32 -15.11 16.46
C LEU B 424 -11.89 -14.91 16.93
N ALA B 425 -11.51 -15.53 18.06
CA ALA B 425 -10.20 -15.34 18.66
C ALA B 425 -9.57 -16.67 19.05
N ALA B 426 -8.31 -16.61 19.44
CA ALA B 426 -7.53 -17.76 19.88
C ALA B 426 -6.25 -17.25 20.53
N GLY B 427 -5.58 -18.14 21.25
CA GLY B 427 -4.34 -17.74 21.89
C GLY B 427 -3.54 -18.94 22.33
N VAL B 428 -2.24 -18.72 22.51
CA VAL B 428 -1.32 -19.76 22.95
C VAL B 428 -0.42 -19.16 24.02
N VAL B 429 -0.07 -19.98 25.00
CA VAL B 429 0.89 -19.62 26.04
C VAL B 429 2.07 -20.56 25.87
N THR B 430 3.24 -20.00 25.51
CA THR B 430 4.48 -20.73 25.34
C THR B 430 5.65 -19.75 25.26
N PRO B 431 6.78 -20.04 25.92
CA PRO B 431 7.98 -19.21 25.75
C PRO B 431 8.79 -19.59 24.53
N ASP B 432 8.42 -20.65 23.83
CA ASP B 432 9.18 -21.19 22.73
C ASP B 432 8.81 -20.49 21.44
N LEU B 433 9.83 -20.00 20.72
CA LEU B 433 9.63 -19.27 19.49
C LEU B 433 8.86 -20.10 18.46
N ASN B 434 9.33 -21.30 18.15
CA ASN B 434 8.73 -22.05 17.04
C ASN B 434 7.30 -22.46 17.38
N ARG B 435 7.08 -22.93 18.61
CA ARG B 435 5.77 -23.40 19.00
C ARG B 435 4.74 -22.28 18.90
N ALA B 436 5.11 -21.07 19.31
CA ALA B 436 4.16 -19.96 19.34
C ALA B 436 3.65 -19.64 17.94
N HIS B 437 4.57 -19.38 17.00
CA HIS B 437 4.13 -19.05 15.65
C HIS B 437 3.55 -20.27 14.95
N ARG B 438 4.15 -21.43 15.13
CA ARG B 438 3.70 -22.63 14.43
C ARG B 438 2.24 -22.94 14.75
N ILE B 439 1.90 -22.89 16.04
CA ILE B 439 0.55 -23.18 16.45
C ILE B 439 -0.41 -22.09 15.97
N ILE B 440 -0.05 -20.83 16.20
CA ILE B 440 -0.96 -19.75 15.89
C ILE B 440 -1.29 -19.75 14.41
N HIS B 441 -0.31 -20.06 13.57
CA HIS B 441 -0.56 -20.03 12.13
C HIS B 441 -1.60 -21.06 11.71
N GLN B 442 -1.79 -22.11 12.51
CA GLN B 442 -2.74 -23.15 12.15
C GLN B 442 -4.14 -22.93 12.73
N LEU B 443 -4.33 -21.92 13.57
CA LEU B 443 -5.63 -21.73 14.24
C LEU B 443 -6.55 -20.90 13.35
N GLU B 444 -7.79 -21.35 13.23
CA GLU B 444 -8.75 -20.72 12.33
C GLU B 444 -9.53 -19.65 13.11
N ALA B 445 -8.85 -18.54 13.36
CA ALA B 445 -9.44 -17.43 14.10
C ALA B 445 -8.81 -16.13 13.61
N GLY B 446 -9.57 -15.05 13.68
CA GLY B 446 -9.08 -13.77 13.18
C GLY B 446 -8.23 -12.95 14.13
N ILE B 447 -8.31 -13.23 15.44
CA ILE B 447 -7.66 -12.46 16.49
C ILE B 447 -6.85 -13.45 17.34
N CYS B 448 -5.53 -13.39 17.25
CA CYS B 448 -4.67 -14.37 17.92
C CYS B 448 -3.70 -13.68 18.87
N TRP B 449 -3.65 -14.16 20.10
CA TRP B 449 -2.82 -13.57 21.15
C TRP B 449 -1.80 -14.58 21.63
N ILE B 450 -0.54 -14.15 21.69
CA ILE B 450 0.56 -14.97 22.18
C ILE B 450 0.97 -14.42 23.54
N ASN B 451 0.86 -15.24 24.57
CA ASN B 451 1.28 -14.86 25.92
C ASN B 451 0.58 -13.57 26.41
N SER B 452 -0.68 -13.42 26.01
CA SER B 452 -1.51 -12.31 26.48
CA SER B 452 -1.51 -12.30 26.45
C SER B 452 -2.95 -12.65 26.13
N TRP B 453 -3.86 -11.70 26.40
CA TRP B 453 -5.25 -11.82 26.00
C TRP B 453 -5.89 -10.45 26.09
N GLY B 454 -6.77 -10.13 25.12
CA GLY B 454 -7.73 -9.04 25.22
C GLY B 454 -7.33 -7.71 24.59
N GLU B 455 -6.04 -7.45 24.39
CA GLU B 455 -5.64 -6.14 23.87
C GLU B 455 -6.05 -6.04 22.41
N SER B 456 -6.67 -4.93 22.04
CA SER B 456 -7.20 -4.74 20.69
C SER B 456 -6.81 -3.37 20.17
N PRO B 457 -5.55 -3.21 19.73
CA PRO B 457 -5.08 -1.88 19.32
C PRO B 457 -5.89 -1.30 18.16
N ALA B 458 -5.99 0.03 18.13
CA ALA B 458 -6.73 0.67 17.06
C ALA B 458 -6.17 0.28 15.70
N GLU B 459 -4.87 0.00 15.62
CA GLU B 459 -4.19 -0.35 14.39
C GLU B 459 -4.49 -1.77 13.91
N MET B 460 -5.06 -2.59 14.78
CA MET B 460 -5.12 -4.03 14.55
C MET B 460 -6.48 -4.43 14.02
N PRO B 461 -6.61 -4.89 12.78
CA PRO B 461 -7.92 -5.36 12.32
C PRO B 461 -8.38 -6.56 13.13
N VAL B 462 -9.67 -6.55 13.52
CA VAL B 462 -10.25 -7.62 14.32
C VAL B 462 -11.61 -8.04 13.76
N GLY B 463 -11.83 -9.35 13.71
CA GLY B 463 -13.10 -9.90 13.27
C GLY B 463 -12.97 -11.40 13.17
N GLY B 464 -14.07 -12.05 12.80
CA GLY B 464 -14.18 -13.49 12.93
C GLY B 464 -13.98 -14.29 11.65
N TYR B 465 -13.45 -15.51 11.81
CA TYR B 465 -13.56 -16.56 10.79
C TYR B 465 -14.92 -17.26 10.91
N LYS B 466 -15.31 -17.93 9.81
CA LYS B 466 -16.46 -18.87 9.82
C LYS B 466 -17.69 -18.14 10.36
N HIS B 467 -18.40 -18.69 11.34
CA HIS B 467 -19.65 -18.10 11.79
C HIS B 467 -19.47 -16.92 12.73
N SER B 468 -18.23 -16.53 13.07
CA SER B 468 -18.05 -15.45 14.02
C SER B 468 -18.04 -14.06 13.38
N GLY B 469 -18.03 -13.94 12.06
CA GLY B 469 -18.13 -12.60 11.51
C GLY B 469 -17.98 -12.52 10.01
N ILE B 470 -18.27 -11.32 9.53
CA ILE B 470 -18.05 -10.88 8.16
C ILE B 470 -17.29 -9.56 8.24
N GLY B 471 -16.19 -9.44 7.52
CA GLY B 471 -15.49 -8.18 7.54
C GLY B 471 -14.68 -7.99 8.82
N ARG B 472 -14.20 -6.75 8.99
CA ARG B 472 -13.29 -6.42 10.08
C ARG B 472 -13.59 -5.02 10.60
N GLU B 473 -13.12 -4.77 11.81
CA GLU B 473 -13.10 -3.45 12.42
C GLU B 473 -11.67 -3.10 12.81
N ASN B 474 -11.41 -1.78 12.93
CA ASN B 474 -10.11 -1.22 13.25
C ASN B 474 -9.11 -1.46 12.13
N GLY B 475 -7.94 -0.82 12.22
CA GLY B 475 -6.95 -0.90 11.17
C GLY B 475 -7.28 -0.03 9.97
N VAL B 476 -6.27 0.14 9.10
CA VAL B 476 -6.44 0.95 7.90
CA VAL B 476 -6.45 0.97 7.91
C VAL B 476 -7.51 0.35 6.99
N MET B 477 -7.56 -0.97 6.92
CA MET B 477 -8.50 -1.61 6.02
C MET B 477 -9.95 -1.22 6.34
N THR B 478 -10.26 -0.94 7.61
CA THR B 478 -11.67 -0.66 7.92
C THR B 478 -12.09 0.75 7.48
N LEU B 479 -11.19 1.72 7.49
CA LEU B 479 -11.48 3.01 6.86
C LEU B 479 -11.79 2.82 5.37
N GLN B 480 -11.00 2.01 4.67
CA GLN B 480 -11.25 1.75 3.26
C GLN B 480 -12.56 1.02 3.04
N SER B 481 -12.91 0.10 3.91
CA SER B 481 -14.14 -0.66 3.73
C SER B 481 -15.39 0.19 3.93
N TYR B 482 -15.26 1.41 4.43
CA TYR B 482 -16.38 2.34 4.52
C TYR B 482 -16.41 3.31 3.36
N THR B 483 -15.62 3.05 2.31
CA THR B 483 -15.72 3.74 1.04
C THR B 483 -16.06 2.71 -0.03
N GLN B 484 -16.47 3.19 -1.20
CA GLN B 484 -16.66 2.36 -2.37
C GLN B 484 -15.80 2.86 -3.52
N VAL B 485 -15.26 1.94 -4.29
CA VAL B 485 -14.35 2.28 -5.36
C VAL B 485 -15.11 2.64 -6.61
N LYS B 486 -14.75 3.77 -7.21
CA LYS B 486 -15.15 4.15 -8.56
C LYS B 486 -13.92 4.11 -9.45
N SER B 487 -13.98 3.31 -10.51
CA SER B 487 -12.90 3.24 -11.49
C SER B 487 -13.26 4.12 -12.67
N ILE B 488 -12.32 4.94 -13.11
CA ILE B 488 -12.54 5.90 -14.19
C ILE B 488 -11.46 5.70 -15.24
N GLN B 489 -11.87 5.38 -16.47
CA GLN B 489 -10.96 5.27 -17.59
C GLN B 489 -11.01 6.52 -18.43
N VAL B 490 -9.87 7.14 -18.67
CA VAL B 490 -9.74 8.26 -19.58
C VAL B 490 -9.16 7.70 -20.89
N GLU B 491 -9.98 7.67 -21.93
CA GLU B 491 -9.54 7.21 -23.24
C GLU B 491 -9.26 8.44 -24.09
N MET B 492 -7.98 8.69 -24.36
CA MET B 492 -7.53 9.83 -25.15
C MET B 492 -7.28 9.48 -26.61
N GLY B 493 -7.32 8.19 -26.95
CA GLY B 493 -7.19 7.74 -28.32
C GLY B 493 -8.54 7.68 -29.00
N PRO B 494 -8.55 7.48 -30.32
CA PRO B 494 -9.82 7.41 -31.04
C PRO B 494 -10.55 6.10 -30.77
N PHE B 495 -11.83 6.22 -30.42
CA PHE B 495 -12.63 5.06 -30.12
C PHE B 495 -13.03 4.33 -31.40
N GLN B 496 -12.89 3.01 -31.39
CA GLN B 496 -13.15 2.17 -32.53
C GLN B 496 -14.41 1.36 -32.28
N SER B 497 -15.38 1.48 -33.18
CA SER B 497 -16.58 0.68 -33.13
C SER B 497 -16.47 -0.41 -34.19
N ILE B 498 -16.97 -1.60 -33.86
CA ILE B 498 -17.04 -2.68 -34.85
C ILE B 498 -18.31 -2.61 -35.69
N PHE B 499 -19.20 -1.67 -35.41
CA PHE B 499 -20.43 -1.52 -36.16
C PHE B 499 -20.29 -0.38 -37.16
N ARG C 12 16.99 46.41 17.16
CA ARG C 12 17.78 45.19 17.04
C ARG C 12 17.46 44.20 18.18
N MET C 13 17.88 42.96 18.00
CA MET C 13 17.66 41.87 18.94
C MET C 13 18.96 41.55 19.65
N ALA C 14 18.84 40.80 20.76
CA ALA C 14 20.02 40.33 21.47
C ALA C 14 20.75 39.26 20.66
N GLU C 15 22.02 39.04 21.00
CA GLU C 15 22.81 38.05 20.27
C GLU C 15 22.10 36.70 20.34
N GLN C 16 21.87 36.10 19.19
CA GLN C 16 21.08 34.89 19.09
C GLN C 16 21.97 33.69 19.33
N GLN C 17 21.50 32.77 20.18
CA GLN C 17 22.30 31.63 20.54
C GLN C 17 21.84 30.38 19.81
N LEU C 18 22.63 29.32 19.94
CA LEU C 18 22.25 28.02 19.43
C LEU C 18 21.10 27.45 20.27
N TYR C 19 20.39 26.49 19.69
CA TYR C 19 19.34 25.77 20.42
C TYR C 19 19.69 24.29 20.47
N ILE C 20 20.11 23.82 21.64
CA ILE C 20 20.53 22.44 21.83
C ILE C 20 19.91 21.89 23.10
N HIS C 21 19.28 20.74 22.99
CA HIS C 21 18.71 19.99 24.12
C HIS C 21 17.72 20.84 24.92
N GLY C 22 16.75 21.42 24.23
CA GLY C 22 15.65 22.08 24.88
C GLY C 22 15.97 23.43 25.50
N LYS C 23 17.10 24.04 25.15
CA LYS C 23 17.41 25.35 25.68
C LYS C 23 18.36 26.06 24.71
N PHE C 24 18.38 27.38 24.81
CA PHE C 24 19.37 28.19 24.13
C PHE C 24 20.70 28.07 24.85
N VAL C 25 21.78 27.92 24.08
CA VAL C 25 23.11 27.75 24.64
C VAL C 25 24.09 28.51 23.78
N ALA C 26 25.09 29.13 24.43
CA ALA C 26 26.11 29.87 23.71
C ALA C 26 26.99 28.94 22.90
N ALA C 27 27.36 29.39 21.70
CA ALA C 27 28.30 28.67 20.86
C ALA C 27 29.72 28.79 21.41
N THR C 28 30.50 27.74 21.17
CA THR C 28 31.91 27.72 21.53
C THR C 28 32.81 28.01 20.33
N SER C 29 32.24 28.40 19.21
CA SER C 29 33.05 28.70 18.03
C SER C 29 33.72 30.06 18.12
N GLY C 30 33.19 30.98 18.90
CA GLY C 30 33.69 32.35 18.88
C GLY C 30 33.36 33.14 17.64
N LYS C 31 32.44 32.65 16.81
CA LYS C 31 32.12 33.27 15.53
C LYS C 31 30.66 33.69 15.50
N THR C 32 30.40 34.76 14.74
CA THR C 32 29.04 35.27 14.59
C THR C 32 28.85 35.73 13.16
N PHE C 33 27.58 36.00 12.81
CA PHE C 33 27.22 36.61 11.54
C PHE C 33 25.98 37.46 11.77
N GLU C 34 25.65 38.27 10.77
CA GLU C 34 24.54 39.21 10.86
C GLU C 34 23.50 38.90 9.81
N THR C 35 22.23 39.09 10.17
CA THR C 35 21.13 39.02 9.22
C THR C 35 20.58 40.42 9.03
N ILE C 36 20.39 40.80 7.79
CA ILE C 36 20.04 42.15 7.39
C ILE C 36 18.56 42.17 7.05
N ASN C 37 17.93 43.29 7.36
CA ASN C 37 16.57 43.53 6.87
C ASN C 37 16.66 44.00 5.42
N PRO C 38 16.18 43.22 4.45
CA PRO C 38 16.36 43.63 3.04
C PRO C 38 15.56 44.84 2.64
N ALA C 39 14.58 45.27 3.46
CA ALA C 39 13.79 46.45 3.13
C ALA C 39 14.49 47.74 3.53
N THR C 40 15.38 47.69 4.51
CA THR C 40 16.02 48.88 5.05
C THR C 40 17.53 48.82 5.07
N GLY C 41 18.13 47.63 4.94
CA GLY C 41 19.57 47.47 5.10
C GLY C 41 20.06 47.38 6.53
N GLU C 42 19.17 47.55 7.50
CA GLU C 42 19.56 47.50 8.91
C GLU C 42 19.89 46.08 9.34
N VAL C 43 20.73 45.97 10.37
CA VAL C 43 21.04 44.70 10.99
C VAL C 43 19.85 44.29 11.87
N LEU C 44 19.25 43.13 11.57
CA LEU C 44 18.19 42.60 12.41
C LEU C 44 18.75 42.02 13.70
N ALA C 45 19.84 41.26 13.62
CA ALA C 45 20.40 40.59 14.78
C ALA C 45 21.78 40.06 14.44
N THR C 46 22.60 39.94 15.49
CA THR C 46 23.85 39.19 15.43
C THR C 46 23.55 37.76 15.89
N VAL C 47 24.06 36.78 15.15
CA VAL C 47 23.72 35.38 15.36
C VAL C 47 24.99 34.57 15.55
N GLN C 48 25.03 33.77 16.60
CA GLN C 48 26.16 32.88 16.86
C GLN C 48 26.18 31.75 15.84
N ALA C 49 27.40 31.34 15.48
CA ALA C 49 27.62 30.29 14.48
C ALA C 49 28.08 29.02 15.19
N ALA C 50 27.46 27.90 14.84
CA ALA C 50 27.79 26.64 15.49
C ALA C 50 29.13 26.10 14.98
N GLY C 51 30.02 25.76 15.92
CA GLY C 51 31.30 25.22 15.57
C GLY C 51 31.32 23.71 15.49
N ARG C 52 32.50 23.16 15.21
CA ARG C 52 32.61 21.71 15.09
C ARG C 52 32.25 21.02 16.39
N GLU C 53 32.70 21.57 17.52
CA GLU C 53 32.36 21.00 18.82
C GLU C 53 30.88 21.17 19.12
N ASP C 54 30.30 22.29 18.69
CA ASP C 54 28.87 22.52 18.89
C ASP C 54 28.04 21.50 18.13
N VAL C 55 28.44 21.18 16.90
CA VAL C 55 27.73 20.17 16.13
C VAL C 55 27.81 18.83 16.85
N ASP C 56 28.97 18.50 17.42
CA ASP C 56 29.09 17.22 18.11
C ASP C 56 28.21 17.18 19.36
N ARG C 57 28.10 18.29 20.11
CA ARG C 57 27.20 18.30 21.24
C ARG C 57 25.77 18.09 20.77
N ALA C 58 25.38 18.80 19.71
CA ALA C 58 24.02 18.70 19.21
C ALA C 58 23.67 17.29 18.78
N VAL C 59 24.63 16.58 18.17
CA VAL C 59 24.39 15.20 17.76
C VAL C 59 24.21 14.31 18.97
N LYS C 60 25.05 14.50 20.00
CA LYS C 60 24.93 13.66 21.20
C LYS C 60 23.64 13.96 21.94
N SER C 61 23.22 15.22 21.94
CA SER C 61 21.91 15.58 22.47
C SER C 61 20.81 14.89 21.66
N ALA C 62 20.93 14.93 20.33
CA ALA C 62 19.89 14.36 19.46
C ALA C 62 19.79 12.85 19.63
N GLN C 63 20.93 12.18 19.80
CA GLN C 63 20.90 10.74 20.01
C GLN C 63 20.12 10.40 21.28
N GLN C 64 20.33 11.17 22.34
CA GLN C 64 19.63 10.91 23.60
C GLN C 64 18.14 11.19 23.46
N GLY C 65 17.78 12.31 22.84
CA GLY C 65 16.37 12.64 22.66
C GLY C 65 15.64 11.64 21.78
N GLN C 66 16.29 11.21 20.69
CA GLN C 66 15.62 10.30 19.77
C GLN C 66 15.23 9.00 20.44
N LYS C 67 16.05 8.53 21.39
CA LYS C 67 15.73 7.28 22.07
C LYS C 67 14.46 7.43 22.92
N VAL C 68 14.33 8.55 23.64
CA VAL C 68 13.10 8.82 24.38
C VAL C 68 11.92 8.92 23.42
N TRP C 69 12.08 9.71 22.35
CA TRP C 69 11.00 9.96 21.40
C TRP C 69 10.53 8.68 20.74
N ALA C 70 11.47 7.84 20.30
CA ALA C 70 11.09 6.63 19.60
C ALA C 70 10.46 5.60 20.51
N ALA C 71 10.78 5.65 21.80
CA ALA C 71 10.22 4.70 22.74
C ALA C 71 8.77 5.02 23.09
N MET C 72 8.34 6.27 22.89
CA MET C 72 6.95 6.62 23.14
C MET C 72 6.02 5.86 22.19
N SER C 73 4.75 5.85 22.53
CA SER C 73 3.78 5.29 21.60
C SER C 73 3.65 6.20 20.39
N ALA C 74 3.12 5.61 19.32
CA ALA C 74 2.88 6.39 18.12
C ALA C 74 1.92 7.55 18.38
N MET C 75 0.82 7.29 19.10
CA MET C 75 -0.17 8.33 19.34
C MET C 75 0.35 9.39 20.30
N ALA C 76 1.26 9.03 21.21
CA ALA C 76 1.92 10.03 22.05
C ALA C 76 2.73 11.00 21.20
N ARG C 77 3.46 10.48 20.21
CA ARG C 77 4.17 11.36 19.28
C ARG C 77 3.20 12.22 18.48
N SER C 78 2.11 11.62 18.02
CA SER C 78 1.11 12.37 17.26
CA SER C 78 1.11 12.38 17.26
C SER C 78 0.58 13.55 18.07
N ARG C 79 0.27 13.32 19.36
CA ARG C 79 -0.32 14.38 20.17
C ARG C 79 0.64 15.55 20.35
N ILE C 80 1.94 15.26 20.53
CA ILE C 80 2.90 16.33 20.73
C ILE C 80 3.05 17.18 19.47
N LEU C 81 3.13 16.54 18.31
CA LEU C 81 3.21 17.30 17.07
C LEU C 81 1.93 18.11 16.82
N ARG C 82 0.78 17.58 17.25
CA ARG C 82 -0.47 18.33 17.09
CA ARG C 82 -0.46 18.34 17.09
C ARG C 82 -0.50 19.56 18.00
N LYS C 83 0.10 19.47 19.18
CA LYS C 83 0.22 20.65 20.04
C LYS C 83 1.13 21.69 19.39
N ALA C 84 2.20 21.26 18.71
CA ALA C 84 3.03 22.23 18.01
C ALA C 84 2.21 22.92 16.92
N VAL C 85 1.37 22.15 16.22
CA VAL C 85 0.49 22.74 15.21
C VAL C 85 -0.38 23.84 15.82
N ASP C 86 -1.03 23.55 16.97
CA ASP C 86 -1.92 24.52 17.60
C ASP C 86 -1.20 25.80 17.97
N ILE C 87 0.03 25.69 18.48
CA ILE C 87 0.82 26.86 18.82
C ILE C 87 1.17 27.65 17.56
N LEU C 88 1.50 26.95 16.46
CA LEU C 88 1.85 27.65 15.22
C LEU C 88 0.67 28.41 14.65
N ARG C 89 -0.53 27.81 14.73
CA ARG C 89 -1.73 28.52 14.29
C ARG C 89 -1.96 29.77 15.13
N GLU C 90 -1.79 29.64 16.45
CA GLU C 90 -2.00 30.74 17.37
C GLU C 90 -1.03 31.88 17.11
N ARG C 91 0.24 31.55 16.92
CA ARG C 91 1.28 32.54 16.75
C ARG C 91 1.54 32.85 15.29
N ASN C 92 0.59 32.58 14.42
CA ASN C 92 0.81 32.76 12.99
C ASN C 92 1.25 34.17 12.66
N ASP C 93 0.50 35.16 13.14
CA ASP C 93 0.79 36.55 12.78
C ASP C 93 2.13 37.00 13.34
N GLU C 94 2.45 36.63 14.57
CA GLU C 94 3.75 36.98 15.14
C GLU C 94 4.89 36.36 14.32
N LEU C 95 4.76 35.08 13.97
CA LEU C 95 5.81 34.45 13.19
C LEU C 95 5.91 35.06 11.79
N ALA C 96 4.77 35.35 11.17
CA ALA C 96 4.79 35.92 9.82
C ALA C 96 5.50 37.27 9.80
N ARG C 97 5.26 38.11 10.82
CA ARG C 97 5.93 39.40 10.86
C ARG C 97 7.43 39.22 10.95
N LEU C 98 7.89 38.29 11.80
CA LEU C 98 9.31 38.02 11.88
C LEU C 98 9.86 37.53 10.55
N GLU C 99 9.11 36.65 9.86
CA GLU C 99 9.55 36.16 8.57
C GLU C 99 9.66 37.28 7.55
N THR C 100 8.70 38.21 7.56
CA THR C 100 8.75 39.36 6.67
C THR C 100 9.98 40.21 6.93
N LEU C 101 10.28 40.47 8.20
CA LEU C 101 11.48 41.24 8.54
C LEU C 101 12.73 40.54 8.05
N ASP C 102 12.78 39.21 8.17
CA ASP C 102 14.01 38.49 7.85
C ASP C 102 14.17 38.24 6.34
N THR C 103 13.06 38.06 5.62
CA THR C 103 13.13 37.68 4.21
C THR C 103 12.77 38.80 3.26
N GLY C 104 12.05 39.81 3.72
CA GLY C 104 11.55 40.82 2.84
C GLY C 104 10.28 40.44 2.11
N LYS C 105 9.72 39.28 2.40
CA LYS C 105 8.47 38.93 1.72
C LYS C 105 7.30 39.69 2.36
N PRO C 106 6.33 40.11 1.56
CA PRO C 106 5.21 40.87 2.13
C PRO C 106 4.46 40.08 3.18
N LEU C 107 3.98 40.80 4.19
CA LEU C 107 3.14 40.17 5.20
C LEU C 107 1.90 39.54 4.58
N SER C 108 1.41 40.11 3.47
CA SER C 108 0.28 39.51 2.77
C SER C 108 0.59 38.09 2.32
N GLU C 109 1.87 37.77 2.11
CA GLU C 109 2.28 36.40 1.82
C GLU C 109 2.56 35.60 3.09
N THR C 110 3.44 36.12 3.95
CA THR C 110 3.95 35.32 5.06
C THR C 110 2.83 34.95 6.01
N ALA C 111 1.85 35.83 6.21
CA ALA C 111 0.76 35.59 7.14
C ALA C 111 -0.30 34.64 6.57
N ALA C 112 -0.31 34.44 5.25
CA ALA C 112 -1.30 33.59 4.61
C ALA C 112 -0.72 32.27 4.12
N VAL C 113 0.60 32.17 3.96
CA VAL C 113 1.20 31.02 3.31
C VAL C 113 2.26 30.33 4.16
N ASP C 114 3.26 31.08 4.62
CA ASP C 114 4.48 30.46 5.12
C ASP C 114 4.21 29.57 6.33
N ILE C 115 3.58 30.10 7.38
CA ILE C 115 3.34 29.28 8.55
C ILE C 115 2.14 28.36 8.32
N VAL C 116 1.11 28.83 7.61
CA VAL C 116 -0.08 28.02 7.38
C VAL C 116 0.30 26.71 6.70
N THR C 117 1.06 26.79 5.60
CA THR C 117 1.37 25.58 4.85
C THR C 117 2.45 24.75 5.53
N GLY C 118 3.37 25.38 6.24
CA GLY C 118 4.29 24.61 7.07
C GLY C 118 3.54 23.82 8.13
N ALA C 119 2.62 24.47 8.84
CA ALA C 119 1.84 23.76 9.85
C ALA C 119 0.91 22.73 9.22
N ASP C 120 0.38 23.01 8.02
CA ASP C 120 -0.46 22.02 7.34
C ASP C 120 0.27 20.70 7.19
N VAL C 121 1.59 20.76 6.89
CA VAL C 121 2.37 19.55 6.68
C VAL C 121 2.66 18.87 8.00
N LEU C 122 2.98 19.64 9.03
CA LEU C 122 3.19 19.03 10.34
C LEU C 122 1.93 18.33 10.82
N GLU C 123 0.77 18.96 10.63
CA GLU C 123 -0.50 18.41 11.04
C GLU C 123 -0.77 17.12 10.29
N TYR C 124 -0.48 17.11 9.01
CA TYR C 124 -0.65 15.91 8.19
C TYR C 124 0.21 14.76 8.71
N TYR C 125 1.51 14.99 8.93
CA TYR C 125 2.35 13.88 9.36
C TYR C 125 2.01 13.43 10.78
N ALA C 126 1.60 14.36 11.63
CA ALA C 126 1.19 13.97 12.98
C ALA C 126 0.13 12.88 12.92
N GLY C 127 -0.84 13.00 12.01
CA GLY C 127 -1.90 12.02 11.95
C GLY C 127 -1.53 10.69 11.34
N LEU C 128 -0.49 10.66 10.51
CA LEU C 128 -0.07 9.44 9.84
C LEU C 128 0.84 8.57 10.69
N ILE C 129 1.37 9.06 11.82
CA ILE C 129 2.33 8.26 12.59
C ILE C 129 1.77 6.87 12.90
N PRO C 130 0.52 6.72 13.35
CA PRO C 130 0.03 5.37 13.67
C PRO C 130 -0.11 4.45 12.47
N ALA C 131 -0.17 4.99 11.26
CA ALA C 131 -0.32 4.18 10.06
C ALA C 131 0.99 3.66 9.49
N LEU C 132 2.12 4.05 10.08
CA LEU C 132 3.43 3.62 9.61
C LEU C 132 3.63 2.15 9.99
N GLU C 133 3.60 1.27 8.99
CA GLU C 133 3.56 -0.16 9.21
C GLU C 133 4.61 -0.84 8.37
N GLY C 134 5.14 -1.95 8.88
CA GLY C 134 5.96 -2.84 8.11
C GLY C 134 5.08 -3.86 7.41
N SER C 135 5.72 -4.94 6.95
CA SER C 135 5.06 -5.96 6.16
CA SER C 135 5.06 -5.96 6.16
C SER C 135 5.39 -7.33 6.75
N GLN C 136 4.61 -8.32 6.32
CA GLN C 136 4.85 -9.71 6.68
C GLN C 136 4.70 -10.55 5.42
N ILE C 137 5.62 -11.50 5.23
CA ILE C 137 5.72 -12.25 3.99
C ILE C 137 5.86 -13.72 4.34
N PRO C 138 4.87 -14.57 4.05
CA PRO C 138 5.04 -16.01 4.29
C PRO C 138 5.95 -16.62 3.22
N LEU C 139 6.93 -17.39 3.65
CA LEU C 139 7.79 -18.10 2.72
C LEU C 139 7.32 -19.53 2.52
N ARG C 140 7.02 -20.20 3.63
CA ARG C 140 6.62 -21.59 3.67
C ARG C 140 6.11 -21.83 5.09
N ASP C 141 5.50 -22.99 5.31
CA ASP C 141 4.87 -23.25 6.59
C ASP C 141 5.85 -23.07 7.75
N SER C 142 7.14 -23.31 7.52
CA SER C 142 8.13 -23.30 8.57
C SER C 142 8.99 -22.03 8.61
N SER C 143 8.67 -21.01 7.82
CA SER C 143 9.44 -19.78 7.86
C SER C 143 8.64 -18.59 7.31
N PHE C 144 8.81 -17.43 7.93
CA PHE C 144 8.22 -16.20 7.43
C PHE C 144 9.18 -15.05 7.70
N VAL C 145 8.92 -13.96 6.98
CA VAL C 145 9.66 -12.71 7.04
C VAL C 145 8.69 -11.63 7.52
N TYR C 146 9.17 -10.73 8.36
CA TYR C 146 8.43 -9.49 8.61
C TYR C 146 9.42 -8.34 8.62
N THR C 147 8.92 -7.15 8.33
CA THR C 147 9.76 -5.96 8.28
C THR C 147 9.31 -4.93 9.28
N ARG C 148 10.29 -4.17 9.76
CA ARG C 148 10.13 -3.02 10.61
C ARG C 148 10.61 -1.78 9.87
N ARG C 149 9.86 -0.71 9.99
CA ARG C 149 10.25 0.60 9.46
CA ARG C 149 10.25 0.60 9.46
C ARG C 149 10.84 1.38 10.63
N GLU C 150 12.14 1.23 10.83
CA GLU C 150 12.82 1.82 11.97
C GLU C 150 13.27 3.25 11.68
N PRO C 151 13.37 4.08 12.72
CA PRO C 151 13.95 5.40 12.53
C PRO C 151 15.37 5.29 12.01
N LEU C 152 15.76 6.30 11.23
CA LEU C 152 17.14 6.44 10.81
C LEU C 152 18.02 6.81 11.99
N GLY C 153 17.48 7.55 12.95
CA GLY C 153 18.24 8.00 14.09
C GLY C 153 18.30 9.51 14.17
N VAL C 154 19.49 10.04 13.94
CA VAL C 154 19.70 11.48 13.88
C VAL C 154 19.84 11.87 12.42
N VAL C 155 19.00 12.81 11.97
CA VAL C 155 19.05 13.32 10.62
C VAL C 155 19.34 14.81 10.66
N ALA C 156 19.83 15.34 9.56
CA ALA C 156 20.12 16.77 9.46
C ALA C 156 19.34 17.37 8.29
N GLY C 157 18.75 18.50 8.54
CA GLY C 157 18.08 19.28 7.51
C GLY C 157 18.81 20.59 7.33
N ILE C 158 19.01 20.97 6.09
CA ILE C 158 19.68 22.23 5.76
C ILE C 158 18.70 23.06 4.95
N GLY C 159 18.31 24.21 5.50
CA GLY C 159 17.27 25.03 4.91
C GLY C 159 17.79 26.12 3.97
N ALA C 160 16.86 26.65 3.18
CA ALA C 160 17.09 27.77 2.29
C ALA C 160 16.41 29.02 2.83
N TRP C 161 16.66 30.15 2.16
CA TRP C 161 16.25 31.44 2.69
C TRP C 161 14.92 31.97 2.15
N ASN C 162 14.36 31.36 1.11
CA ASN C 162 13.15 31.97 0.55
C ASN C 162 11.90 31.63 1.36
N TYR C 163 11.82 30.45 1.95
CA TYR C 163 10.70 30.05 2.80
C TYR C 163 11.25 29.44 4.07
N PRO C 164 11.84 30.24 4.95
CA PRO C 164 12.63 29.69 6.06
C PRO C 164 11.86 28.77 6.99
N ILE C 165 10.75 29.22 7.56
CA ILE C 165 10.06 28.37 8.53
C ILE C 165 9.27 27.27 7.81
N GLN C 166 8.76 27.55 6.61
CA GLN C 166 8.05 26.50 5.87
C GLN C 166 8.97 25.32 5.57
N ILE C 167 10.19 25.60 5.09
CA ILE C 167 11.15 24.53 4.82
C ILE C 167 11.48 23.77 6.11
N ALA C 168 11.74 24.50 7.19
CA ALA C 168 12.03 23.86 8.47
C ALA C 168 10.90 22.91 8.89
N LEU C 169 9.66 23.30 8.64
CA LEU C 169 8.54 22.42 8.99
C LEU C 169 8.45 21.24 8.02
N TRP C 170 8.62 21.50 6.72
CA TRP C 170 8.51 20.42 5.76
C TRP C 170 9.61 19.38 5.93
N LYS C 171 10.77 19.76 6.48
CA LYS C 171 11.80 18.77 6.76
C LYS C 171 11.62 18.12 8.14
N SER C 172 11.33 18.91 9.18
CA SER C 172 11.27 18.35 10.52
C SER C 172 10.01 17.51 10.74
N ALA C 173 8.90 17.86 10.10
CA ALA C 173 7.65 17.14 10.31
C ALA C 173 7.72 15.67 9.93
N PRO C 174 8.10 15.29 8.71
CA PRO C 174 8.23 13.85 8.42
C PRO C 174 9.34 13.20 9.21
N ALA C 175 10.43 13.92 9.45
CA ALA C 175 11.56 13.35 10.18
C ALA C 175 11.16 12.99 11.61
N LEU C 176 10.52 13.93 12.32
CA LEU C 176 10.04 13.67 13.68
C LEU C 176 8.94 12.63 13.70
N ALA C 177 8.01 12.68 12.74
CA ALA C 177 6.91 11.73 12.73
C ALA C 177 7.41 10.31 12.55
N ALA C 178 8.53 10.13 11.85
CA ALA C 178 9.10 8.81 11.62
C ALA C 178 9.95 8.30 12.78
N GLY C 179 10.07 9.09 13.85
CA GLY C 179 10.76 8.68 15.04
C GLY C 179 12.19 9.16 15.15
N ASN C 180 12.61 10.06 14.28
CA ASN C 180 13.95 10.60 14.30
C ASN C 180 14.04 11.90 15.09
N ALA C 181 15.28 12.25 15.43
CA ALA C 181 15.64 13.60 15.82
C ALA C 181 16.26 14.30 14.61
N MET C 182 16.00 15.59 14.48
CA MET C 182 16.61 16.38 13.42
C MET C 182 17.41 17.52 14.02
N ILE C 183 18.62 17.71 13.51
CA ILE C 183 19.40 18.92 13.72
C ILE C 183 19.21 19.77 12.48
N PHE C 184 18.68 20.98 12.66
CA PHE C 184 18.34 21.86 11.55
C PHE C 184 19.30 23.04 11.50
N LYS C 185 19.87 23.28 10.33
CA LYS C 185 20.71 24.44 10.05
C LYS C 185 19.96 25.37 9.10
N PRO C 186 19.44 26.49 9.59
CA PRO C 186 18.79 27.43 8.67
C PRO C 186 19.81 28.15 7.83
N SER C 187 19.34 28.76 6.74
CA SER C 187 20.19 29.62 5.93
C SER C 187 20.75 30.75 6.77
N GLU C 188 22.02 31.10 6.55
CA GLU C 188 22.59 32.26 7.23
C GLU C 188 21.89 33.57 6.86
N VAL C 189 21.21 33.61 5.71
CA VAL C 189 20.45 34.80 5.34
C VAL C 189 19.22 34.99 6.23
N THR C 190 18.58 33.90 6.68
CA THR C 190 17.28 33.97 7.34
C THR C 190 17.23 32.96 8.49
N PRO C 191 17.99 33.20 9.56
CA PRO C 191 18.08 32.21 10.65
C PRO C 191 17.05 32.32 11.76
N LEU C 192 16.19 33.34 11.77
CA LEU C 192 15.48 33.67 12.99
C LEU C 192 14.26 32.78 13.26
N THR C 193 13.45 32.47 12.24
CA THR C 193 12.20 31.76 12.56
C THR C 193 12.47 30.32 12.97
N ALA C 194 13.58 29.72 12.51
CA ALA C 194 13.94 28.37 12.93
C ALA C 194 14.20 28.30 14.43
N LEU C 195 14.81 29.34 14.99
CA LEU C 195 15.02 29.37 16.43
C LEU C 195 13.69 29.45 17.17
N LYS C 196 12.73 30.23 16.66
CA LYS C 196 11.40 30.26 17.26
C LYS C 196 10.73 28.90 17.17
N LEU C 197 10.85 28.24 16.03
CA LEU C 197 10.21 26.93 15.89
C LEU C 197 10.75 25.96 16.93
N ALA C 198 12.06 26.03 17.21
CA ALA C 198 12.66 25.13 18.19
C ALA C 198 12.03 25.31 19.56
N GLU C 199 11.76 26.56 19.96
CA GLU C 199 11.08 26.81 21.23
C GLU C 199 9.67 26.26 21.22
N ILE C 200 8.95 26.46 20.11
CA ILE C 200 7.57 26.02 20.00
C ILE C 200 7.48 24.51 20.13
N TYR C 201 8.38 23.77 19.46
CA TYR C 201 8.38 22.32 19.58
C TYR C 201 8.53 21.90 21.04
N ARG C 202 9.48 22.51 21.74
CA ARG C 202 9.69 22.16 23.15
C ARG C 202 8.46 22.49 23.97
N GLU C 203 7.85 23.66 23.71
CA GLU C 203 6.63 24.00 24.42
C GLU C 203 5.53 22.98 24.18
N ALA C 204 5.50 22.35 23.01
CA ALA C 204 4.49 21.33 22.72
C ALA C 204 4.75 20.01 23.44
N GLY C 205 5.91 19.84 24.06
CA GLY C 205 6.26 18.60 24.71
C GLY C 205 7.27 17.75 23.95
N LEU C 206 7.89 18.26 22.91
CA LEU C 206 8.91 17.48 22.22
C LEU C 206 10.07 17.21 23.18
N PRO C 207 10.51 15.97 23.32
CA PRO C 207 11.64 15.70 24.23
C PRO C 207 12.89 16.47 23.83
N ASP C 208 13.65 16.85 24.86
CA ASP C 208 14.90 17.60 24.63
C ASP C 208 15.84 16.85 23.69
N GLY C 209 16.37 17.57 22.72
CA GLY C 209 17.30 17.02 21.77
C GLY C 209 16.69 16.59 20.45
N VAL C 210 15.37 16.44 20.38
CA VAL C 210 14.77 15.88 19.17
C VAL C 210 14.79 16.89 18.02
N PHE C 211 14.75 18.20 18.32
CA PHE C 211 14.88 19.25 17.31
C PHE C 211 15.88 20.29 17.83
N ASN C 212 17.10 20.23 17.34
CA ASN C 212 18.13 21.21 17.64
C ASN C 212 18.35 22.11 16.43
N VAL C 213 18.61 23.39 16.68
CA VAL C 213 18.81 24.35 15.62
C VAL C 213 20.19 24.95 15.76
N LEU C 214 20.98 24.88 14.69
CA LEU C 214 22.35 25.36 14.66
C LEU C 214 22.50 26.37 13.53
N PRO C 215 22.32 27.66 13.80
CA PRO C 215 22.66 28.68 12.79
C PRO C 215 24.15 28.60 12.46
N GLY C 216 24.49 29.07 11.27
CA GLY C 216 25.87 29.07 10.83
C GLY C 216 25.94 29.24 9.33
N ILE C 217 27.17 29.19 8.82
CA ILE C 217 27.43 29.35 7.39
C ILE C 217 27.62 27.98 6.76
N GLY C 218 27.34 27.91 5.44
CA GLY C 218 27.40 26.62 4.76
C GLY C 218 28.78 26.00 4.73
N ALA C 219 29.81 26.83 4.52
CA ALA C 219 31.15 26.30 4.41
C ALA C 219 31.68 25.73 5.73
N GLU C 220 31.12 26.13 6.89
CA GLU C 220 31.57 25.61 8.17
C GLU C 220 30.48 24.80 8.88
N THR C 221 29.39 25.43 9.33
CA THR C 221 28.41 24.68 10.10
C THR C 221 27.76 23.61 9.24
N GLY C 222 27.35 23.99 8.03
CA GLY C 222 26.73 23.01 7.15
C GLY C 222 27.64 21.84 6.86
N GLN C 223 28.93 22.12 6.61
CA GLN C 223 29.86 21.04 6.32
C GLN C 223 30.09 20.13 7.54
N TYR C 224 30.13 20.70 8.74
CA TYR C 224 30.32 19.88 9.94
C TYR C 224 29.18 18.88 10.11
N LEU C 225 27.96 19.28 9.74
CA LEU C 225 26.83 18.38 9.79
C LEU C 225 26.96 17.28 8.74
N THR C 226 27.30 17.67 7.50
CA THR C 226 27.37 16.66 6.45
C THR C 226 28.49 15.66 6.70
N GLU C 227 29.50 16.04 7.47
CA GLU C 227 30.63 15.16 7.70
C GLU C 227 30.47 14.27 8.91
N HIS C 228 29.55 14.59 9.81
CA HIS C 228 29.53 13.90 11.09
C HIS C 228 29.23 12.42 10.89
N PRO C 229 29.97 11.53 11.53
CA PRO C 229 29.77 10.10 11.27
C PRO C 229 28.48 9.53 11.84
N ASP C 230 27.83 10.22 12.78
CA ASP C 230 26.66 9.67 13.45
C ASP C 230 25.34 10.27 12.96
N ILE C 231 25.36 11.06 11.90
CA ILE C 231 24.15 11.57 11.25
C ILE C 231 23.85 10.67 10.06
N ALA C 232 22.64 10.15 10.02
CA ALA C 232 22.30 9.08 9.08
C ALA C 232 21.73 9.57 7.76
N LYS C 233 21.26 10.81 7.70
CA LYS C 233 20.60 11.34 6.52
C LYS C 233 20.73 12.86 6.54
N ILE C 234 20.92 13.44 5.35
CA ILE C 234 20.95 14.88 5.14
C ILE C 234 19.83 15.22 4.18
N SER C 235 19.04 16.22 4.53
CA SER C 235 18.03 16.74 3.62
C SER C 235 18.37 18.20 3.34
N PHE C 236 18.58 18.51 2.06
CA PHE C 236 19.07 19.82 1.64
C PHE C 236 18.11 20.47 0.66
N THR C 237 17.83 21.75 0.88
CA THR C 237 17.09 22.60 -0.05
C THR C 237 17.96 23.82 -0.34
N GLY C 238 18.11 24.16 -1.62
CA GLY C 238 18.99 25.24 -2.00
C GLY C 238 19.21 25.23 -3.50
N GLY C 239 20.36 25.79 -3.91
CA GLY C 239 20.72 25.83 -5.31
C GLY C 239 21.36 24.55 -5.81
N VAL C 240 21.37 24.41 -7.15
CA VAL C 240 21.92 23.20 -7.78
C VAL C 240 23.39 23.02 -7.42
N ALA C 241 24.17 24.10 -7.43
CA ALA C 241 25.61 23.98 -7.20
C ALA C 241 25.93 23.52 -5.79
N SER C 242 25.41 24.24 -4.78
CA SER C 242 25.67 23.84 -3.39
C SER C 242 25.16 22.44 -3.10
N GLY C 243 24.05 22.06 -3.73
CA GLY C 243 23.55 20.70 -3.55
C GLY C 243 24.57 19.66 -3.97
N LYS C 244 25.17 19.84 -5.14
CA LYS C 244 26.19 18.89 -5.60
C LYS C 244 27.36 18.84 -4.62
N LYS C 245 27.73 19.99 -4.04
CA LYS C 245 28.79 20.00 -3.03
C LYS C 245 28.36 19.22 -1.79
N VAL C 246 27.13 19.47 -1.30
CA VAL C 246 26.64 18.80 -0.09
C VAL C 246 26.59 17.29 -0.31
N MET C 247 26.01 16.86 -1.43
CA MET C 247 25.80 15.43 -1.64
C MET C 247 27.14 14.70 -1.73
N ALA C 248 28.16 15.35 -2.30
CA ALA C 248 29.50 14.76 -2.36
C ALA C 248 30.10 14.58 -0.98
N ASN C 249 30.08 15.65 -0.16
CA ASN C 249 30.70 15.58 1.15
C ASN C 249 29.98 14.60 2.07
N SER C 250 28.66 14.45 1.90
CA SER C 250 27.91 13.49 2.69
C SER C 250 28.29 12.05 2.36
N ALA C 251 28.63 11.79 1.10
CA ALA C 251 29.08 10.47 0.70
C ALA C 251 30.50 10.19 1.17
N ALA C 252 31.41 11.16 1.00
CA ALA C 252 32.81 10.94 1.35
C ALA C 252 32.97 10.70 2.85
N SER C 253 32.09 11.27 3.68
CA SER C 253 32.25 11.14 5.12
C SER C 253 31.69 9.83 5.66
N SER C 254 30.36 9.64 5.57
CA SER C 254 29.73 8.51 6.25
C SER C 254 28.61 7.86 5.44
N LEU C 255 28.58 8.03 4.13
CA LEU C 255 27.62 7.37 3.28
C LEU C 255 26.19 7.59 3.78
N LYS C 256 25.82 8.86 3.87
CA LYS C 256 24.52 9.23 4.35
C LYS C 256 23.48 9.05 3.25
N GLU C 257 22.26 8.74 3.67
CA GLU C 257 21.09 8.92 2.81
C GLU C 257 20.93 10.39 2.52
N VAL C 258 20.35 10.72 1.37
CA VAL C 258 20.27 12.10 0.92
C VAL C 258 18.90 12.42 0.32
N THR C 259 18.43 13.64 0.57
CA THR C 259 17.30 14.24 -0.14
C THR C 259 17.73 15.63 -0.56
N MET C 260 17.40 16.00 -1.79
CA MET C 260 17.79 17.31 -2.32
C MET C 260 16.63 17.91 -3.09
N GLU C 261 16.27 19.14 -2.71
CA GLU C 261 15.25 19.96 -3.37
C GLU C 261 15.99 21.17 -3.92
N LEU C 262 16.28 21.17 -5.22
CA LEU C 262 17.09 22.21 -5.82
C LEU C 262 16.22 23.10 -6.71
N GLY C 263 16.85 23.99 -7.46
CA GLY C 263 16.11 24.93 -8.28
C GLY C 263 15.59 24.28 -9.56
N GLY C 264 15.03 25.13 -10.41
CA GLY C 264 14.50 24.68 -11.69
C GLY C 264 14.48 25.79 -12.71
N LYS C 265 14.08 25.43 -13.93
CA LYS C 265 13.74 26.38 -14.98
C LYS C 265 12.40 25.91 -15.59
N SER C 266 11.37 25.94 -14.79
CA SER C 266 10.18 25.17 -15.12
C SER C 266 9.40 25.83 -16.24
N PRO C 267 8.90 25.05 -17.20
CA PRO C 267 8.13 25.62 -18.31
C PRO C 267 6.63 25.72 -18.08
N LEU C 268 6.06 26.83 -18.51
CA LEU C 268 4.61 27.01 -18.53
C LEU C 268 4.17 26.99 -20.00
N ILE C 269 3.45 25.97 -20.39
CA ILE C 269 3.03 25.79 -21.77
C ILE C 269 1.61 26.30 -21.94
N ILE C 270 1.44 27.34 -22.75
CA ILE C 270 0.13 27.86 -23.09
C ILE C 270 -0.31 27.21 -24.40
N ALA C 271 -1.43 26.47 -24.35
CA ALA C 271 -1.91 25.75 -25.51
C ALA C 271 -2.65 26.69 -26.46
N GLU C 272 -2.77 26.27 -27.72
CA GLU C 272 -3.38 27.14 -28.73
C GLU C 272 -4.86 27.41 -28.45
N ASP C 273 -5.52 26.59 -27.62
CA ASP C 273 -6.91 26.78 -27.26
C ASP C 273 -7.07 27.40 -25.87
N ALA C 274 -6.00 27.95 -25.30
CA ALA C 274 -6.08 28.53 -23.98
C ALA C 274 -6.73 29.90 -24.00
N ASN C 275 -7.53 30.17 -22.98
CA ASN C 275 -7.98 31.53 -22.69
C ASN C 275 -6.80 32.36 -22.17
N LEU C 276 -6.52 33.47 -22.84
CA LEU C 276 -5.29 34.20 -22.57
C LEU C 276 -5.34 35.04 -21.28
N ASP C 277 -6.53 35.39 -20.79
CA ASP C 277 -6.62 36.01 -19.47
C ASP C 277 -6.22 35.01 -18.39
N LEU C 278 -6.72 33.78 -18.49
CA LEU C 278 -6.34 32.73 -17.55
C LEU C 278 -4.85 32.43 -17.64
N ALA C 279 -4.33 32.32 -18.87
CA ALA C 279 -2.91 32.04 -19.07
C ALA C 279 -2.04 33.14 -18.49
N ALA C 280 -2.43 34.40 -18.70
CA ALA C 280 -1.66 35.51 -18.16
C ALA C 280 -1.68 35.51 -16.64
N ASP C 281 -2.84 35.21 -16.04
CA ASP C 281 -2.93 35.12 -14.60
C ASP C 281 -2.05 34.00 -14.04
N ILE C 282 -2.04 32.85 -14.70
CA ILE C 282 -1.20 31.77 -14.24
C ILE C 282 0.27 32.16 -14.37
N ALA C 283 0.64 32.79 -15.49
CA ALA C 283 2.03 33.21 -15.70
C ALA C 283 2.48 34.24 -14.67
N MET C 284 1.59 35.17 -14.31
CA MET C 284 1.94 36.14 -13.28
C MET C 284 2.25 35.46 -11.95
N MET C 285 1.35 34.57 -11.51
CA MET C 285 1.55 33.89 -10.24
C MET C 285 2.75 32.95 -10.28
N ALA C 286 3.08 32.43 -11.47
CA ALA C 286 4.22 31.54 -11.60
C ALA C 286 5.55 32.28 -11.68
N ASN C 287 5.53 33.62 -11.69
CA ASN C 287 6.78 34.36 -11.85
C ASN C 287 7.06 35.41 -10.79
N PHE C 288 6.02 36.01 -10.20
CA PHE C 288 6.22 37.20 -9.38
C PHE C 288 5.81 37.03 -7.93
N TYR C 289 5.33 35.86 -7.53
CA TYR C 289 5.11 35.59 -6.12
C TYR C 289 6.45 35.48 -5.41
N SER C 290 6.51 36.00 -4.19
CA SER C 290 7.75 36.09 -3.42
C SER C 290 8.86 36.75 -4.25
N SER C 291 8.47 37.75 -5.04
CA SER C 291 9.42 38.51 -5.86
C SER C 291 10.26 37.58 -6.75
N GLY C 292 9.65 36.48 -7.20
CA GLY C 292 10.33 35.55 -8.08
C GLY C 292 11.29 34.59 -7.39
N GLN C 293 11.32 34.55 -6.07
CA GLN C 293 12.26 33.71 -5.35
C GLN C 293 11.61 32.39 -4.91
N VAL C 294 11.12 31.63 -5.89
CA VAL C 294 10.46 30.35 -5.69
C VAL C 294 11.08 29.34 -6.66
N CYS C 295 11.52 28.19 -6.14
CA CYS C 295 12.21 27.20 -6.95
C CYS C 295 11.34 26.68 -8.10
N THR C 296 10.03 26.60 -7.90
CA THR C 296 9.11 26.01 -8.83
C THR C 296 8.56 26.99 -9.87
N ASN C 297 9.09 28.21 -9.90
CA ASN C 297 8.50 29.26 -10.74
C ASN C 297 8.57 28.88 -12.22
N GLY C 298 7.50 29.25 -12.94
CA GLY C 298 7.40 28.94 -14.36
C GLY C 298 8.03 30.02 -15.19
N THR C 299 9.35 30.04 -15.18
CA THR C 299 10.11 31.16 -15.69
C THR C 299 10.36 31.11 -17.19
N ARG C 300 9.99 30.02 -17.84
CA ARG C 300 9.98 29.90 -19.29
C ARG C 300 8.52 29.74 -19.72
N VAL C 301 7.94 30.80 -20.25
CA VAL C 301 6.53 30.82 -20.64
C VAL C 301 6.45 30.66 -22.15
N PHE C 302 5.95 29.51 -22.61
CA PHE C 302 5.84 29.22 -24.03
C PHE C 302 4.46 29.63 -24.51
N VAL C 303 4.41 30.51 -25.51
CA VAL C 303 3.15 31.02 -26.01
C VAL C 303 3.07 30.79 -27.51
N PRO C 304 1.92 30.38 -28.05
CA PRO C 304 1.83 30.21 -29.50
C PRO C 304 2.10 31.52 -30.22
N ALA C 305 2.82 31.42 -31.35
CA ALA C 305 3.19 32.60 -32.11
C ALA C 305 1.97 33.46 -32.42
N LYS C 306 0.86 32.83 -32.78
CA LYS C 306 -0.32 33.61 -33.14
C LYS C 306 -0.89 34.41 -31.98
N PHE C 307 -0.60 34.04 -30.74
CA PHE C 307 -1.13 34.72 -29.56
C PHE C 307 -0.11 35.61 -28.85
N LYS C 308 1.13 35.63 -29.33
CA LYS C 308 2.21 36.23 -28.54
C LYS C 308 1.97 37.71 -28.28
N ALA C 309 1.61 38.46 -29.32
CA ALA C 309 1.43 39.90 -29.16
C ALA C 309 0.32 40.21 -28.17
N GLU C 310 -0.81 39.52 -28.29
CA GLU C 310 -1.93 39.75 -27.38
C GLU C 310 -1.54 39.35 -25.95
N PHE C 311 -0.85 38.22 -25.80
CA PHE C 311 -0.39 37.78 -24.48
C PHE C 311 0.55 38.81 -23.86
N GLU C 312 1.49 39.35 -24.64
CA GLU C 312 2.41 40.36 -24.11
C GLU C 312 1.66 41.56 -23.58
N HIS C 313 0.65 42.02 -24.30
CA HIS C 313 -0.16 43.12 -23.80
CA HIS C 313 -0.17 43.12 -23.81
C HIS C 313 -0.85 42.75 -22.50
N LYS C 314 -1.41 41.54 -22.42
CA LYS C 314 -2.06 41.13 -21.18
C LYS C 314 -1.06 41.03 -20.03
N ILE C 315 0.20 40.64 -20.29
CA ILE C 315 1.18 40.63 -19.22
C ILE C 315 1.50 42.05 -18.77
N LEU C 316 1.72 42.96 -19.73
CA LEU C 316 2.07 44.33 -19.37
C LEU C 316 0.99 44.96 -18.51
N GLU C 317 -0.27 44.71 -18.86
CA GLU C 317 -1.38 45.22 -18.07
C GLU C 317 -1.31 44.74 -16.63
N ARG C 318 -1.09 43.44 -16.42
CA ARG C 318 -1.06 42.90 -15.07
C ARG C 318 0.21 43.29 -14.32
N VAL C 319 1.34 43.42 -15.02
CA VAL C 319 2.56 43.86 -14.33
C VAL C 319 2.34 45.27 -13.77
N GLY C 320 1.62 46.12 -14.50
CA GLY C 320 1.32 47.44 -13.99
C GLY C 320 0.52 47.46 -12.71
N ARG C 321 -0.21 46.40 -12.43
CA ARG C 321 -1.02 46.32 -11.22
C ARG C 321 -0.22 45.88 -10.00
N ILE C 322 1.03 45.47 -10.17
CA ILE C 322 1.83 45.02 -9.03
C ILE C 322 2.02 46.18 -8.07
N ARG C 323 1.89 45.90 -6.78
CA ARG C 323 1.90 46.93 -5.74
C ARG C 323 3.08 46.67 -4.81
N ALA C 324 4.21 47.28 -5.14
CA ALA C 324 5.34 47.30 -4.24
C ALA C 324 5.19 48.42 -3.22
N GLY C 325 5.71 48.18 -2.02
CA GLY C 325 5.70 49.21 -1.00
C GLY C 325 5.92 48.61 0.38
N ASP C 326 5.41 49.32 1.39
CA ASP C 326 5.52 48.88 2.77
C ASP C 326 5.12 47.42 2.89
N LEU C 327 6.02 46.60 3.42
CA LEU C 327 5.77 45.16 3.47
C LEU C 327 4.68 44.78 4.46
N PHE C 328 4.34 45.68 5.39
CA PHE C 328 3.27 45.44 6.35
C PHE C 328 1.95 46.07 5.93
N ALA C 329 1.91 46.76 4.80
CA ALA C 329 0.66 47.29 4.30
C ALA C 329 -0.18 46.17 3.71
N ASP C 330 -1.49 46.30 3.86
CA ASP C 330 -2.42 45.26 3.41
C ASP C 330 -2.32 45.03 1.91
N ASP C 331 -2.20 46.11 1.13
CA ASP C 331 -2.25 46.04 -0.31
C ASP C 331 -0.91 45.74 -0.97
N THR C 332 0.19 45.70 -0.22
CA THR C 332 1.47 45.34 -0.81
C THR C 332 1.48 43.87 -1.18
N ASN C 333 1.88 43.56 -2.42
CA ASN C 333 1.98 42.18 -2.87
C ASN C 333 3.30 41.89 -3.59
N PHE C 334 4.32 42.74 -3.40
CA PHE C 334 5.62 42.57 -4.04
C PHE C 334 6.67 43.14 -3.11
N GLY C 335 7.76 42.41 -2.89
CA GLY C 335 8.78 42.84 -1.96
C GLY C 335 10.15 42.96 -2.59
N PRO C 336 11.12 43.42 -1.81
CA PRO C 336 12.52 43.41 -2.26
C PRO C 336 13.02 41.99 -2.28
N LEU C 337 14.18 41.82 -2.91
CA LEU C 337 14.85 40.54 -2.84
C LEU C 337 15.43 40.32 -1.44
N VAL C 338 15.79 39.07 -1.15
CA VAL C 338 16.15 38.67 0.20
C VAL C 338 17.40 39.37 0.69
N SER C 339 18.24 39.84 -0.23
CA SER C 339 19.51 40.43 0.19
C SER C 339 20.05 41.27 -0.94
N PHE C 340 21.01 42.12 -0.60
CA PHE C 340 21.60 43.00 -1.61
C PHE C 340 22.55 42.22 -2.52
N PRO C 341 23.35 41.28 -2.00
CA PRO C 341 24.15 40.45 -2.92
C PRO C 341 23.29 39.67 -3.90
N HIS C 342 22.12 39.19 -3.47
CA HIS C 342 21.24 38.47 -4.38
C HIS C 342 20.70 39.40 -5.47
N ARG C 343 20.36 40.64 -5.11
CA ARG C 343 19.90 41.57 -6.13
C ARG C 343 20.99 41.77 -7.19
N GLN C 344 22.25 41.86 -6.76
CA GLN C 344 23.32 42.06 -7.72
C GLN C 344 23.37 40.93 -8.74
N ASN C 345 23.19 39.68 -8.29
CA ASN C 345 23.17 38.58 -9.23
C ASN C 345 21.98 38.65 -10.16
N VAL C 346 20.80 39.00 -9.64
CA VAL C 346 19.62 39.12 -10.48
C VAL C 346 19.84 40.20 -11.54
N LEU C 347 20.46 41.32 -11.16
CA LEU C 347 20.73 42.39 -12.11
C LEU C 347 21.69 41.92 -13.20
N ARG C 348 22.68 41.11 -12.82
CA ARG C 348 23.62 40.59 -13.83
CA ARG C 348 23.62 40.56 -13.81
C ARG C 348 22.89 39.73 -14.85
N TYR C 349 21.90 38.94 -14.42
CA TYR C 349 21.13 38.15 -15.38
C TYR C 349 20.35 39.07 -16.33
N ILE C 350 19.77 40.13 -15.77
CA ILE C 350 19.01 41.07 -16.59
C ILE C 350 19.90 41.70 -17.66
N GLU C 351 21.11 42.12 -17.27
CA GLU C 351 22.02 42.71 -18.24
C GLU C 351 22.40 41.68 -19.30
N SER C 352 22.56 40.43 -18.89
CA SER C 352 22.83 39.37 -19.85
C SER C 352 21.72 39.26 -20.87
N GLY C 353 20.45 39.33 -20.42
CA GLY C 353 19.34 39.33 -21.34
C GLY C 353 19.41 40.47 -22.35
N LYS C 354 19.75 41.68 -21.89
CA LYS C 354 19.87 42.80 -22.80
C LYS C 354 20.99 42.58 -23.81
N SER C 355 22.14 42.10 -23.36
CA SER C 355 23.32 42.01 -24.21
C SER C 355 23.17 40.92 -25.28
N GLU C 356 22.36 39.90 -25.02
CA GLU C 356 22.10 38.83 -25.98
C GLU C 356 20.88 39.13 -26.86
N GLY C 357 20.27 40.29 -26.71
CA GLY C 357 19.26 40.71 -27.65
C GLY C 357 17.83 40.35 -27.28
N ALA C 358 17.60 39.82 -26.09
CA ALA C 358 16.21 39.63 -25.65
C ALA C 358 15.55 41.00 -25.52
N ARG C 359 14.26 41.05 -25.82
CA ARG C 359 13.54 42.31 -25.80
C ARG C 359 12.93 42.55 -24.43
N LEU C 360 13.29 43.68 -23.82
CA LEU C 360 12.79 44.05 -22.50
C LEU C 360 11.38 44.59 -22.69
N LEU C 361 10.39 43.88 -22.15
CA LEU C 361 8.99 44.28 -22.24
C LEU C 361 8.59 45.23 -21.12
N CYS C 362 9.15 45.05 -19.93
CA CYS C 362 8.94 45.94 -18.81
C CYS C 362 9.97 45.62 -17.74
N GLY C 363 10.12 46.55 -16.79
CA GLY C 363 11.06 46.37 -15.69
C GLY C 363 12.49 46.43 -16.18
N GLY C 364 13.36 45.70 -15.49
CA GLY C 364 14.77 45.63 -15.83
C GLY C 364 15.69 46.50 -14.99
N ASP C 365 15.15 47.24 -14.03
CA ASP C 365 15.95 48.15 -13.22
C ASP C 365 15.52 48.03 -11.76
N VAL C 366 16.35 48.57 -10.88
CA VAL C 366 15.98 48.70 -9.48
C VAL C 366 14.84 49.70 -9.33
N LEU C 367 14.14 49.61 -8.21
CA LEU C 367 13.15 50.61 -7.84
C LEU C 367 13.84 51.70 -7.04
N LYS C 368 13.39 52.94 -7.26
CA LYS C 368 13.99 54.13 -6.68
C LYS C 368 12.90 55.00 -6.08
N GLY C 369 13.31 55.87 -5.16
CA GLY C 369 12.41 56.81 -4.53
C GLY C 369 12.27 56.52 -3.05
N GLU C 370 11.43 57.34 -2.43
CA GLU C 370 11.16 57.20 -0.99
C GLU C 370 10.62 55.82 -0.70
N GLY C 371 11.24 55.13 0.26
CA GLY C 371 10.81 53.79 0.65
C GLY C 371 11.44 52.65 -0.14
N PHE C 372 12.18 52.94 -1.21
CA PHE C 372 12.83 51.92 -2.02
C PHE C 372 14.33 52.05 -2.08
N ASP C 373 14.88 53.25 -1.88
CA ASP C 373 16.32 53.46 -2.07
C ASP C 373 17.14 52.64 -1.08
N ASN C 374 16.58 52.31 0.07
CA ASN C 374 17.30 51.56 1.09
C ASN C 374 17.05 50.05 1.04
N GLY C 375 16.20 49.57 0.13
CA GLY C 375 15.91 48.16 0.02
C GLY C 375 16.43 47.54 -1.26
N ALA C 376 16.50 46.21 -1.28
CA ALA C 376 17.09 45.47 -2.40
C ALA C 376 16.03 45.16 -3.47
N TRP C 377 15.43 46.22 -4.00
CA TRP C 377 14.28 46.08 -4.88
C TRP C 377 14.74 45.88 -6.33
N VAL C 378 14.04 44.98 -7.01
CA VAL C 378 14.14 44.82 -8.45
C VAL C 378 12.74 44.92 -9.04
N ALA C 379 12.60 45.67 -10.12
CA ALA C 379 11.31 45.82 -10.76
C ALA C 379 10.86 44.48 -11.37
N PRO C 380 9.56 44.22 -11.37
CA PRO C 380 9.06 43.07 -12.13
C PRO C 380 9.50 43.20 -13.58
N THR C 381 10.16 42.16 -14.09
CA THR C 381 10.84 42.21 -15.36
C THR C 381 10.30 41.13 -16.27
N VAL C 382 10.04 41.50 -17.52
CA VAL C 382 9.58 40.55 -18.51
C VAL C 382 10.42 40.74 -19.77
N PHE C 383 11.05 39.66 -20.22
CA PHE C 383 11.76 39.64 -21.49
C PHE C 383 10.90 38.85 -22.47
N THR C 384 10.86 39.30 -23.72
CA THR C 384 10.18 38.53 -24.74
C THR C 384 11.09 38.39 -25.96
N ASP C 385 10.59 37.73 -26.99
CA ASP C 385 11.38 37.32 -28.13
C ASP C 385 12.54 36.41 -27.72
N CYS C 386 12.36 35.61 -26.65
CA CYS C 386 13.45 34.81 -26.11
C CYS C 386 13.66 33.52 -26.91
N THR C 387 14.89 33.01 -26.87
CA THR C 387 15.27 31.77 -27.54
C THR C 387 15.96 30.83 -26.57
N ASP C 388 15.98 29.54 -26.92
CA ASP C 388 16.39 28.50 -26.00
C ASP C 388 17.86 28.58 -25.59
N ASP C 389 18.70 29.29 -26.35
CA ASP C 389 20.12 29.37 -26.05
C ASP C 389 20.48 30.55 -25.17
N MET C 390 19.54 31.45 -24.88
CA MET C 390 19.88 32.63 -24.10
C MET C 390 20.20 32.24 -22.67
N THR C 391 21.10 33.01 -22.05
CA THR C 391 21.48 32.71 -20.66
C THR C 391 20.29 32.82 -19.73
N ILE C 392 19.48 33.88 -19.88
CA ILE C 392 18.32 34.02 -19.01
C ILE C 392 17.34 32.89 -19.21
N VAL C 393 17.37 32.23 -20.37
CA VAL C 393 16.44 31.13 -20.60
C VAL C 393 17.00 29.83 -20.06
N ARG C 394 18.33 29.67 -20.05
CA ARG C 394 18.94 28.40 -19.67
C ARG C 394 19.14 28.26 -18.17
N GLU C 395 19.30 29.39 -17.47
CA GLU C 395 19.77 29.40 -16.09
C GLU C 395 18.69 29.97 -15.17
N GLU C 396 18.62 29.39 -13.97
CA GLU C 396 17.71 29.89 -12.95
C GLU C 396 18.19 31.22 -12.40
N ILE C 397 17.29 32.21 -12.39
CA ILE C 397 17.64 33.55 -11.95
C ILE C 397 17.25 33.78 -10.50
N PHE C 398 16.12 33.21 -10.07
CA PHE C 398 15.66 33.35 -8.69
C PHE C 398 15.38 34.82 -8.40
N GLY C 399 14.80 35.50 -9.37
CA GLY C 399 14.32 36.84 -9.22
C GLY C 399 13.11 37.05 -10.10
N PRO C 400 12.57 38.25 -10.09
CA PRO C 400 11.31 38.49 -10.82
C PRO C 400 11.54 38.73 -12.30
N VAL C 401 11.89 37.67 -13.03
CA VAL C 401 12.28 37.79 -14.43
C VAL C 401 11.57 36.69 -15.23
N MET C 402 10.53 37.08 -15.96
CA MET C 402 9.80 36.17 -16.85
C MET C 402 10.40 36.22 -18.25
N SER C 403 10.57 35.04 -18.86
CA SER C 403 11.02 34.90 -20.24
C SER C 403 9.90 34.30 -21.06
N ILE C 404 9.49 35.01 -22.10
CA ILE C 404 8.41 34.59 -22.99
C ILE C 404 9.03 34.07 -24.28
N LEU C 405 8.63 32.86 -24.68
CA LEU C 405 9.18 32.18 -25.84
C LEU C 405 8.05 31.78 -26.77
N SER C 406 8.20 32.10 -28.05
CA SER C 406 7.20 31.73 -29.04
CA SER C 406 7.20 31.73 -29.04
C SER C 406 7.40 30.30 -29.52
N TYR C 407 6.31 29.65 -29.89
CA TYR C 407 6.38 28.31 -30.46
C TYR C 407 5.24 28.13 -31.44
N ASP C 408 5.35 27.09 -32.26
CA ASP C 408 4.44 26.83 -33.36
C ASP C 408 3.58 25.58 -33.18
N ASP C 409 4.12 24.47 -32.67
CA ASP C 409 3.34 23.24 -32.62
C ASP C 409 3.63 22.47 -31.34
N GLU C 410 2.75 21.49 -31.07
CA GLU C 410 2.77 20.79 -29.79
C GLU C 410 4.04 19.96 -29.62
N ALA C 411 4.41 19.18 -30.64
CA ALA C 411 5.62 18.37 -30.52
C ALA C 411 6.84 19.24 -30.24
N GLU C 412 6.92 20.38 -30.92
CA GLU C 412 8.06 21.29 -30.72
C GLU C 412 8.13 21.76 -29.28
N VAL C 413 7.01 22.22 -28.72
CA VAL C 413 7.05 22.82 -27.39
C VAL C 413 7.39 21.77 -26.33
N ILE C 414 6.94 20.52 -26.52
CA ILE C 414 7.31 19.47 -25.58
C ILE C 414 8.81 19.24 -25.61
N ARG C 415 9.41 19.21 -26.81
CA ARG C 415 10.85 18.99 -26.92
CA ARG C 415 10.84 18.98 -26.91
C ARG C 415 11.64 20.11 -26.26
N ARG C 416 11.20 21.35 -26.46
CA ARG C 416 11.93 22.49 -25.92
C ARG C 416 11.73 22.61 -24.42
N ALA C 417 10.52 22.31 -23.93
CA ALA C 417 10.28 22.33 -22.50
C ALA C 417 11.20 21.35 -21.77
N ASN C 418 11.43 20.18 -22.37
CA ASN C 418 12.23 19.13 -21.78
C ASN C 418 13.73 19.27 -22.01
N ALA C 419 14.17 20.15 -22.90
CA ALA C 419 15.60 20.24 -23.26
C ALA C 419 16.32 21.12 -22.24
N THR C 420 16.47 20.56 -21.04
CA THR C 420 17.10 21.26 -19.93
C THR C 420 17.60 20.21 -18.94
N GLU C 421 18.63 20.57 -18.17
CA GLU C 421 19.08 19.74 -17.06
C GLU C 421 18.14 19.83 -15.86
N TYR C 422 17.34 20.89 -15.79
CA TYR C 422 16.42 21.06 -14.68
C TYR C 422 15.20 20.18 -14.88
N GLY C 423 14.50 19.92 -13.78
CA GLY C 423 13.36 19.02 -13.83
C GLY C 423 12.32 19.24 -12.76
N LEU C 424 12.21 20.45 -12.23
CA LEU C 424 11.43 20.57 -11.00
C LEU C 424 9.93 20.56 -11.27
N ALA C 425 9.44 21.56 -12.00
CA ALA C 425 8.02 21.72 -12.21
C ALA C 425 7.70 21.99 -13.68
N ALA C 426 6.41 22.00 -13.98
CA ALA C 426 5.91 22.30 -15.31
C ALA C 426 4.41 22.51 -15.21
N GLY C 427 3.84 23.13 -16.24
CA GLY C 427 2.41 23.33 -16.28
C GLY C 427 1.91 23.60 -17.68
N VAL C 428 0.62 23.33 -17.88
CA VAL C 428 -0.01 23.54 -19.17
C VAL C 428 -1.33 24.25 -18.92
N VAL C 429 -1.70 25.15 -19.84
CA VAL C 429 -2.97 25.83 -19.82
C VAL C 429 -3.75 25.37 -21.05
N THR C 430 -4.85 24.69 -20.81
CA THR C 430 -5.68 24.21 -21.91
C THR C 430 -7.02 23.73 -21.37
N PRO C 431 -8.13 24.01 -22.05
CA PRO C 431 -9.40 23.42 -21.61
C PRO C 431 -9.64 22.02 -22.13
N ASP C 432 -8.77 21.51 -23.00
CA ASP C 432 -9.00 20.24 -23.69
C ASP C 432 -8.54 19.06 -22.84
N LEU C 433 -9.45 18.09 -22.64
CA LEU C 433 -9.17 16.92 -21.82
C LEU C 433 -7.94 16.15 -22.31
N ASN C 434 -7.94 15.77 -23.59
CA ASN C 434 -6.84 14.96 -24.10
C ASN C 434 -5.54 15.75 -24.06
N ARG C 435 -5.58 17.03 -24.46
CA ARG C 435 -4.36 17.82 -24.54
C ARG C 435 -3.70 17.97 -23.18
N ALA C 436 -4.50 18.22 -22.15
CA ALA C 436 -3.94 18.47 -20.82
C ALA C 436 -3.15 17.25 -20.34
N HIS C 437 -3.79 16.08 -20.35
CA HIS C 437 -3.13 14.87 -19.87
C HIS C 437 -2.04 14.43 -20.84
N ARG C 438 -2.31 14.54 -22.14
CA ARG C 438 -1.35 14.08 -23.14
C ARG C 438 -0.03 14.83 -23.00
N ILE C 439 -0.10 16.16 -22.85
CA ILE C 439 1.13 16.95 -22.77
C ILE C 439 1.83 16.70 -21.44
N ILE C 440 1.07 16.74 -20.33
CA ILE C 440 1.68 16.62 -19.03
C ILE C 440 2.42 15.30 -18.92
N HIS C 441 1.85 14.24 -19.49
CA HIS C 441 2.47 12.93 -19.37
C HIS C 441 3.83 12.86 -20.04
N GLN C 442 4.11 13.77 -20.99
CA GLN C 442 5.39 13.77 -21.69
C GLN C 442 6.43 14.71 -21.10
N LEU C 443 6.07 15.54 -20.14
CA LEU C 443 7.00 16.52 -19.60
C LEU C 443 7.84 15.88 -18.50
N GLU C 444 9.14 16.22 -18.49
CA GLU C 444 10.11 15.63 -17.56
C GLU C 444 10.28 16.53 -16.35
N ALA C 445 9.25 16.50 -15.48
CA ALA C 445 9.23 17.30 -14.26
C ALA C 445 8.41 16.54 -13.22
N GLY C 446 8.74 16.75 -11.95
CA GLY C 446 8.10 16.04 -10.85
C GLY C 446 6.81 16.67 -10.37
N ILE C 447 6.63 17.96 -10.65
CA ILE C 447 5.51 18.75 -10.14
C ILE C 447 4.82 19.38 -11.34
N CYS C 448 3.60 18.93 -11.63
CA CYS C 448 2.88 19.35 -12.82
C CYS C 448 1.52 19.91 -12.47
N TRP C 449 1.23 21.10 -12.98
CA TRP C 449 -0.01 21.82 -12.74
C TRP C 449 -0.78 21.99 -14.03
N ILE C 450 -2.06 21.66 -14.01
CA ILE C 450 -2.95 21.87 -15.14
C ILE C 450 -3.90 23.01 -14.78
N ASN C 451 -3.81 24.08 -15.57
CA ASN C 451 -4.67 25.26 -15.42
C ASN C 451 -4.55 25.88 -14.04
N SER C 452 -3.33 25.90 -13.51
CA SER C 452 -3.07 26.52 -12.22
CA SER C 452 -3.07 26.51 -12.21
C SER C 452 -1.55 26.61 -12.06
N TRP C 453 -1.12 27.09 -10.89
CA TRP C 453 0.31 27.07 -10.57
C TRP C 453 0.47 27.25 -9.08
N GLY C 454 1.44 26.54 -8.49
CA GLY C 454 1.98 26.84 -7.19
C GLY C 454 1.43 26.04 -6.02
N GLU C 455 0.24 25.44 -6.13
CA GLU C 455 -0.34 24.77 -4.97
C GLU C 455 0.41 23.47 -4.66
N SER C 456 0.78 23.28 -3.41
CA SER C 456 1.60 22.15 -2.98
C SER C 456 0.98 21.47 -1.77
N PRO C 457 -0.10 20.71 -1.96
CA PRO C 457 -0.79 20.09 -0.82
C PRO C 457 0.13 19.13 -0.06
N ALA C 458 -0.11 19.04 1.25
CA ALA C 458 0.66 18.16 2.10
C ALA C 458 0.64 16.72 1.61
N GLU C 459 -0.45 16.30 0.96
CA GLU C 459 -0.60 14.95 0.46
C GLU C 459 0.22 14.68 -0.81
N MET C 460 0.74 15.71 -1.47
CA MET C 460 1.28 15.59 -2.82
C MET C 460 2.79 15.55 -2.77
N PRO C 461 3.43 14.42 -3.11
CA PRO C 461 4.90 14.42 -3.14
C PRO C 461 5.43 15.40 -4.17
N VAL C 462 6.47 16.14 -3.80
CA VAL C 462 7.09 17.13 -4.65
C VAL C 462 8.60 17.01 -4.62
N GLY C 463 9.20 17.11 -5.79
CA GLY C 463 10.65 17.09 -5.92
C GLY C 463 11.01 17.03 -7.40
N GLY C 464 12.30 17.02 -7.66
CA GLY C 464 12.82 17.24 -8.99
C GLY C 464 13.25 16.01 -9.77
N TYR C 465 13.08 16.08 -11.10
CA TYR C 465 13.77 15.21 -12.03
C TYR C 465 15.18 15.77 -12.31
N LYS C 466 16.05 14.91 -12.82
CA LYS C 466 17.36 15.31 -13.39
C LYS C 466 18.13 16.13 -12.36
N HIS C 467 18.67 17.30 -12.70
CA HIS C 467 19.51 18.04 -11.77
C HIS C 467 18.71 18.83 -10.73
N SER C 468 17.38 18.77 -10.77
CA SER C 468 16.59 19.53 -9.82
C SER C 468 16.36 18.80 -8.49
N GLY C 469 16.73 17.53 -8.35
CA GLY C 469 16.64 16.98 -7.01
C GLY C 469 16.85 15.49 -6.89
N ILE C 470 16.94 15.06 -5.63
CA ILE C 470 16.99 13.67 -5.24
C ILE C 470 15.87 13.46 -4.23
N GLY C 471 15.06 12.45 -4.43
CA GLY C 471 14.00 12.18 -3.48
C GLY C 471 12.84 13.16 -3.61
N ARG C 472 11.94 13.07 -2.62
CA ARG C 472 10.71 13.84 -2.59
C ARG C 472 10.46 14.33 -1.16
N GLU C 473 9.61 15.34 -1.05
CA GLU C 473 9.03 15.79 0.20
C GLU C 473 7.52 15.74 0.12
N ASN C 474 6.89 15.67 1.30
CA ASN C 474 5.44 15.61 1.44
C ASN C 474 4.90 14.27 0.92
N GLY C 475 3.61 14.03 1.14
CA GLY C 475 3.00 12.77 0.78
C GLY C 475 3.37 11.68 1.76
N VAL C 476 2.67 10.55 1.63
CA VAL C 476 2.96 9.40 2.49
CA VAL C 476 2.96 9.42 2.51
C VAL C 476 4.37 8.87 2.24
N MET C 477 4.84 8.92 1.00
CA MET C 477 6.16 8.37 0.71
C MET C 477 7.27 9.06 1.50
N THR C 478 7.11 10.33 1.83
CA THR C 478 8.20 11.02 2.52
C THR C 478 8.26 10.61 3.98
N LEU C 479 7.13 10.27 4.60
CA LEU C 479 7.19 9.66 5.92
C LEU C 479 7.99 8.37 5.90
N GLN C 480 7.72 7.52 4.91
CA GLN C 480 8.46 6.26 4.78
C GLN C 480 9.94 6.49 4.49
N SER C 481 10.27 7.52 3.71
CA SER C 481 11.67 7.76 3.37
C SER C 481 12.49 8.25 4.55
N TYR C 482 11.86 8.62 5.66
CA TYR C 482 12.59 8.93 6.88
C TYR C 482 12.67 7.73 7.83
N THR C 483 12.31 6.54 7.36
CA THR C 483 12.60 5.31 8.06
C THR C 483 13.51 4.45 7.22
N GLN C 484 14.11 3.46 7.85
CA GLN C 484 14.89 2.46 7.13
C GLN C 484 14.30 1.08 7.40
N VAL C 485 14.30 0.26 6.35
CA VAL C 485 13.67 -1.05 6.41
C VAL C 485 14.62 -2.06 7.02
N LYS C 486 14.14 -2.78 8.02
CA LYS C 486 14.82 -3.95 8.55
C LYS C 486 13.98 -5.17 8.23
N SER C 487 14.59 -6.13 7.52
CA SER C 487 13.93 -7.39 7.19
C SER C 487 14.37 -8.45 8.18
N ILE C 488 13.41 -9.21 8.67
CA ILE C 488 13.66 -10.22 9.71
C ILE C 488 13.06 -11.55 9.27
N GLN C 489 13.90 -12.56 9.14
CA GLN C 489 13.44 -13.89 8.81
C GLN C 489 13.40 -14.76 10.06
N VAL C 490 12.25 -15.37 10.31
CA VAL C 490 12.08 -16.34 11.36
C VAL C 490 12.11 -17.72 10.71
N GLU C 491 13.16 -18.48 11.00
CA GLU C 491 13.31 -19.84 10.51
C GLU C 491 12.94 -20.81 11.62
N MET C 492 11.82 -21.49 11.46
CA MET C 492 11.36 -22.47 12.42
C MET C 492 11.70 -23.90 12.03
N GLY C 493 12.23 -24.10 10.84
CA GLY C 493 12.68 -25.40 10.40
C GLY C 493 14.11 -25.63 10.80
N PRO C 494 14.57 -26.88 10.66
CA PRO C 494 15.98 -27.18 11.00
C PRO C 494 16.92 -26.60 9.96
N PHE C 495 17.91 -25.87 10.44
CA PHE C 495 18.89 -25.27 9.55
C PHE C 495 19.87 -26.30 9.03
N GLN C 496 20.11 -26.26 7.73
CA GLN C 496 20.97 -27.22 7.06
C GLN C 496 22.27 -26.52 6.68
N SER C 497 23.37 -27.06 7.16
CA SER C 497 24.72 -26.66 6.77
C SER C 497 25.27 -27.66 5.77
N ILE C 498 25.95 -27.16 4.73
CA ILE C 498 26.58 -28.05 3.75
C ILE C 498 27.95 -28.51 4.20
N PHE C 499 28.40 -28.08 5.37
CA PHE C 499 29.71 -28.47 5.86
C PHE C 499 29.59 -29.61 6.88
N MET D 13 -22.94 -33.95 -29.18
CA MET D 13 -21.83 -34.23 -28.28
C MET D 13 -22.19 -35.32 -27.27
N ALA D 14 -21.17 -35.86 -26.61
CA ALA D 14 -21.40 -36.84 -25.56
C ALA D 14 -22.01 -36.20 -24.32
N GLU D 15 -22.72 -37.02 -23.54
CA GLU D 15 -23.33 -36.53 -22.30
C GLU D 15 -22.27 -36.01 -21.34
N GLN D 16 -22.47 -34.77 -20.87
CA GLN D 16 -21.47 -34.08 -20.06
C GLN D 16 -21.63 -34.40 -18.58
N GLN D 17 -20.52 -34.71 -17.93
CA GLN D 17 -20.50 -35.12 -16.54
C GLN D 17 -20.03 -33.99 -15.64
N LEU D 18 -20.10 -34.22 -14.33
CA LEU D 18 -19.48 -33.31 -13.36
C LEU D 18 -17.95 -33.46 -13.40
N TYR D 19 -17.26 -32.44 -12.89
CA TYR D 19 -15.81 -32.49 -12.76
C TYR D 19 -15.47 -32.34 -11.29
N ILE D 20 -15.02 -33.44 -10.66
CA ILE D 20 -14.69 -33.43 -9.25
C ILE D 20 -13.35 -34.12 -9.06
N HIS D 21 -12.43 -33.43 -8.38
CA HIS D 21 -11.12 -33.97 -8.04
C HIS D 21 -10.35 -34.45 -9.26
N GLY D 22 -10.27 -33.60 -10.28
CA GLY D 22 -9.39 -33.90 -11.38
C GLY D 22 -9.87 -34.96 -12.35
N LYS D 23 -11.16 -35.26 -12.37
CA LYS D 23 -11.67 -36.25 -13.32
C LYS D 23 -13.15 -35.97 -13.53
N PHE D 24 -13.67 -36.41 -14.67
CA PHE D 24 -15.10 -36.40 -14.89
C PHE D 24 -15.76 -37.54 -14.15
N VAL D 25 -16.88 -37.24 -13.49
CA VAL D 25 -17.57 -38.21 -12.66
C VAL D 25 -19.06 -38.05 -12.91
N ALA D 26 -19.75 -39.19 -12.89
CA ALA D 26 -21.20 -39.18 -13.03
C ALA D 26 -21.82 -38.51 -11.81
N ALA D 27 -22.87 -37.72 -12.07
CA ALA D 27 -23.65 -37.13 -10.99
C ALA D 27 -24.46 -38.20 -10.27
N THR D 28 -24.68 -37.97 -8.98
CA THR D 28 -25.48 -38.86 -8.16
C THR D 28 -26.91 -38.36 -8.04
N SER D 29 -27.28 -37.34 -8.77
CA SER D 29 -28.64 -36.81 -8.68
C SER D 29 -29.66 -37.67 -9.41
N GLY D 30 -29.23 -38.42 -10.42
CA GLY D 30 -30.17 -39.07 -11.31
C GLY D 30 -30.89 -38.12 -12.22
N LYS D 31 -30.43 -36.86 -12.30
CA LYS D 31 -31.09 -35.79 -13.05
C LYS D 31 -30.15 -35.22 -14.11
N THR D 32 -30.73 -34.74 -15.21
CA THR D 32 -30.00 -34.08 -16.27
C THR D 32 -30.80 -32.90 -16.80
N PHE D 33 -30.15 -32.07 -17.61
CA PHE D 33 -30.80 -30.97 -18.30
C PHE D 33 -30.13 -30.81 -19.66
N GLU D 34 -30.75 -30.01 -20.52
CA GLU D 34 -30.27 -29.80 -21.88
C GLU D 34 -29.85 -28.35 -22.07
N THR D 35 -28.78 -28.15 -22.85
CA THR D 35 -28.40 -26.82 -23.30
C THR D 35 -28.66 -26.74 -24.80
N ILE D 36 -29.34 -25.68 -25.22
CA ILE D 36 -29.84 -25.54 -26.58
C ILE D 36 -28.87 -24.64 -27.33
N ASN D 37 -28.65 -24.95 -28.60
CA ASN D 37 -27.92 -24.03 -29.47
C ASN D 37 -28.87 -22.92 -29.88
N PRO D 38 -28.65 -21.67 -29.45
CA PRO D 38 -29.62 -20.61 -29.76
C PRO D 38 -29.73 -20.26 -31.22
N ALA D 39 -28.77 -20.70 -32.06
CA ALA D 39 -28.84 -20.41 -33.49
C ALA D 39 -29.73 -21.40 -34.26
N THR D 40 -29.92 -22.61 -33.75
CA THR D 40 -30.68 -23.64 -34.46
C THR D 40 -31.84 -24.23 -33.66
N GLY D 41 -31.89 -24.03 -32.35
CA GLY D 41 -32.88 -24.68 -31.52
C GLY D 41 -32.55 -26.11 -31.18
N GLU D 42 -31.49 -26.65 -31.77
CA GLU D 42 -31.09 -28.04 -31.53
C GLU D 42 -30.46 -28.19 -30.15
N VAL D 43 -30.55 -29.39 -29.61
CA VAL D 43 -29.89 -29.70 -28.34
C VAL D 43 -28.39 -29.86 -28.59
N LEU D 44 -27.59 -29.03 -27.92
CA LEU D 44 -26.13 -29.17 -27.99
C LEU D 44 -25.65 -30.36 -27.18
N ALA D 45 -26.19 -30.54 -25.97
CA ALA D 45 -25.70 -31.61 -25.14
C ALA D 45 -26.64 -31.81 -23.97
N THR D 46 -26.67 -33.04 -23.48
CA THR D 46 -27.30 -33.35 -22.21
C THR D 46 -26.22 -33.30 -21.14
N VAL D 47 -26.54 -32.64 -20.03
CA VAL D 47 -25.57 -32.34 -18.99
C VAL D 47 -26.10 -32.85 -17.65
N GLN D 48 -25.29 -33.61 -16.95
CA GLN D 48 -25.66 -34.09 -15.62
C GLN D 48 -25.67 -32.96 -14.60
N ALA D 49 -26.61 -33.04 -13.67
CA ALA D 49 -26.84 -31.98 -12.69
C ALA D 49 -26.36 -32.44 -11.32
N ALA D 50 -25.60 -31.60 -10.65
CA ALA D 50 -25.08 -31.96 -9.34
C ALA D 50 -26.17 -31.87 -8.29
N GLY D 51 -26.33 -32.94 -7.52
CA GLY D 51 -27.27 -32.97 -6.42
C GLY D 51 -26.60 -32.57 -5.12
N ARG D 52 -27.38 -32.67 -4.04
CA ARG D 52 -26.87 -32.26 -2.73
C ARG D 52 -25.67 -33.11 -2.33
N GLU D 53 -25.70 -34.40 -2.66
CA GLU D 53 -24.59 -35.30 -2.38
C GLU D 53 -23.36 -34.96 -3.21
N ASP D 54 -23.57 -34.59 -4.47
CA ASP D 54 -22.46 -34.21 -5.33
C ASP D 54 -21.75 -32.98 -4.79
N VAL D 55 -22.52 -32.00 -4.32
CA VAL D 55 -21.92 -30.80 -3.77
C VAL D 55 -21.05 -31.14 -2.56
N ASP D 56 -21.52 -32.02 -1.68
CA ASP D 56 -20.72 -32.39 -0.53
C ASP D 56 -19.45 -33.12 -0.94
N ARG D 57 -19.52 -33.95 -1.98
CA ARG D 57 -18.31 -34.57 -2.52
C ARG D 57 -17.37 -33.51 -3.07
N ALA D 58 -17.91 -32.52 -3.80
CA ALA D 58 -17.08 -31.47 -4.35
C ALA D 58 -16.39 -30.68 -3.25
N VAL D 59 -17.09 -30.42 -2.15
CA VAL D 59 -16.52 -29.66 -1.04
C VAL D 59 -15.38 -30.45 -0.39
N LYS D 60 -15.60 -31.73 -0.15
CA LYS D 60 -14.57 -32.54 0.49
C LYS D 60 -13.36 -32.70 -0.42
N SER D 61 -13.58 -32.86 -1.72
CA SER D 61 -12.48 -32.83 -2.66
C SER D 61 -11.77 -31.48 -2.62
N ALA D 62 -12.54 -30.39 -2.57
CA ALA D 62 -11.96 -29.05 -2.53
C ALA D 62 -11.16 -28.84 -1.25
N GLN D 63 -11.64 -29.35 -0.12
CA GLN D 63 -10.89 -29.20 1.12
C GLN D 63 -9.53 -29.88 1.02
N GLN D 64 -9.50 -31.06 0.42
CA GLN D 64 -8.25 -31.81 0.25
C GLN D 64 -7.30 -31.09 -0.71
N GLY D 65 -7.81 -30.62 -1.84
CA GLY D 65 -6.96 -29.91 -2.78
C GLY D 65 -6.42 -28.61 -2.23
N GLN D 66 -7.27 -27.83 -1.55
CA GLN D 66 -6.83 -26.52 -1.07
C GLN D 66 -5.63 -26.63 -0.15
N LYS D 67 -5.57 -27.69 0.68
CA LYS D 67 -4.42 -27.86 1.56
C LYS D 67 -3.14 -28.13 0.77
N VAL D 68 -3.20 -28.97 -0.25
CA VAL D 68 -2.04 -29.16 -1.12
C VAL D 68 -1.66 -27.84 -1.78
N TRP D 69 -2.67 -27.15 -2.34
CA TRP D 69 -2.44 -25.90 -3.07
C TRP D 69 -1.84 -24.83 -2.17
N ALA D 70 -2.37 -24.66 -0.95
CA ALA D 70 -1.89 -23.61 -0.07
C ALA D 70 -0.52 -23.91 0.51
N ALA D 71 -0.15 -25.19 0.58
CA ALA D 71 1.18 -25.55 1.08
C ALA D 71 2.28 -25.27 0.07
N MET D 72 1.96 -25.17 -1.21
CA MET D 72 2.98 -24.84 -2.18
C MET D 72 3.51 -23.43 -1.93
N SER D 73 4.67 -23.14 -2.51
CA SER D 73 5.19 -21.78 -2.48
C SER D 73 4.31 -20.88 -3.32
N ALA D 74 4.43 -19.57 -3.08
CA ALA D 74 3.68 -18.60 -3.89
C ALA D 74 4.07 -18.69 -5.36
N MET D 75 5.37 -18.77 -5.66
CA MET D 75 5.78 -18.85 -7.05
C MET D 75 5.38 -20.19 -7.67
N ALA D 76 5.31 -21.26 -6.89
CA ALA D 76 4.82 -22.53 -7.44
C ALA D 76 3.39 -22.39 -7.93
N ARG D 77 2.53 -21.71 -7.14
CA ARG D 77 1.17 -21.45 -7.59
C ARG D 77 1.18 -20.56 -8.82
N SER D 78 2.02 -19.52 -8.81
CA SER D 78 2.09 -18.63 -9.96
CA SER D 78 2.09 -18.62 -9.97
C SER D 78 2.41 -19.40 -11.25
N ARG D 79 3.39 -20.30 -11.18
CA ARG D 79 3.80 -20.98 -12.39
C ARG D 79 2.69 -21.86 -12.94
N ILE D 80 1.93 -22.50 -12.05
CA ILE D 80 0.84 -23.36 -12.49
C ILE D 80 -0.25 -22.54 -13.17
N LEU D 81 -0.62 -21.40 -12.60
CA LEU D 81 -1.64 -20.57 -13.24
C LEU D 81 -1.14 -20.05 -14.58
N ARG D 82 0.15 -19.67 -14.65
CA ARG D 82 0.72 -19.20 -15.90
CA ARG D 82 0.71 -19.20 -15.91
C ARG D 82 0.67 -20.28 -16.98
N LYS D 83 0.89 -21.55 -16.60
CA LYS D 83 0.77 -22.65 -17.56
C LYS D 83 -0.65 -22.76 -18.08
N ALA D 84 -1.65 -22.55 -17.20
CA ALA D 84 -3.03 -22.57 -17.65
C ALA D 84 -3.26 -21.45 -18.66
N VAL D 85 -2.68 -20.27 -18.41
CA VAL D 85 -2.75 -19.17 -19.37
C VAL D 85 -2.20 -19.59 -20.73
N ASP D 86 -1.02 -20.23 -20.74
CA ASP D 86 -0.44 -20.64 -22.03
C ASP D 86 -1.37 -21.58 -22.79
N ILE D 87 -1.99 -22.53 -22.07
CA ILE D 87 -2.91 -23.45 -22.72
C ILE D 87 -4.12 -22.70 -23.26
N LEU D 88 -4.62 -21.72 -22.51
CA LEU D 88 -5.79 -20.98 -22.97
C LEU D 88 -5.47 -20.18 -24.22
N ARG D 89 -4.28 -19.59 -24.29
CA ARG D 89 -3.90 -18.86 -25.49
C ARG D 89 -3.85 -19.80 -26.69
N GLU D 90 -3.28 -21.00 -26.51
CA GLU D 90 -3.15 -21.94 -27.62
C GLU D 90 -4.51 -22.42 -28.11
N ARG D 91 -5.42 -22.67 -27.20
CA ARG D 91 -6.73 -23.22 -27.55
CA ARG D 91 -6.73 -23.21 -27.55
C ARG D 91 -7.79 -22.13 -27.67
N ASN D 92 -7.37 -20.87 -27.83
CA ASN D 92 -8.32 -19.76 -27.90
C ASN D 92 -9.43 -20.03 -28.92
N ASP D 93 -9.05 -20.40 -30.13
CA ASP D 93 -10.03 -20.58 -31.21
C ASP D 93 -10.96 -21.76 -30.92
N GLU D 94 -10.40 -22.89 -30.48
CA GLU D 94 -11.23 -24.05 -30.16
C GLU D 94 -12.23 -23.73 -29.07
N LEU D 95 -11.79 -23.05 -28.01
CA LEU D 95 -12.70 -22.70 -26.93
C LEU D 95 -13.75 -21.71 -27.40
N ALA D 96 -13.34 -20.74 -28.24
CA ALA D 96 -14.27 -19.74 -28.74
C ALA D 96 -15.39 -20.38 -29.57
N ARG D 97 -15.05 -21.35 -30.40
CA ARG D 97 -16.10 -22.01 -31.18
C ARG D 97 -17.11 -22.69 -30.27
N LEU D 98 -16.63 -23.38 -29.24
CA LEU D 98 -17.54 -23.99 -28.28
C LEU D 98 -18.38 -22.93 -27.59
N GLU D 99 -17.77 -21.80 -27.24
CA GLU D 99 -18.53 -20.72 -26.61
C GLU D 99 -19.60 -20.19 -27.54
N THR D 100 -19.28 -20.01 -28.82
CA THR D 100 -20.27 -19.52 -29.77
C THR D 100 -21.47 -20.47 -29.86
N LEU D 101 -21.20 -21.77 -29.98
CA LEU D 101 -22.28 -22.74 -30.07
C LEU D 101 -23.19 -22.67 -28.84
N ASP D 102 -22.61 -22.46 -27.66
CA ASP D 102 -23.36 -22.49 -26.41
C ASP D 102 -24.10 -21.18 -26.14
N THR D 103 -23.56 -20.04 -26.59
CA THR D 103 -24.11 -18.74 -26.24
C THR D 103 -24.81 -18.03 -27.38
N GLY D 104 -24.48 -18.35 -28.63
CA GLY D 104 -24.97 -17.59 -29.75
C GLY D 104 -24.21 -16.32 -30.02
N LYS D 105 -23.17 -16.04 -29.27
CA LYS D 105 -22.40 -14.86 -29.59
C LYS D 105 -21.53 -15.15 -30.82
N PRO D 106 -21.35 -14.16 -31.71
CA PRO D 106 -20.56 -14.42 -32.92
C PRO D 106 -19.14 -14.86 -32.59
N LEU D 107 -18.57 -15.70 -33.45
CA LEU D 107 -17.17 -16.07 -33.31
C LEU D 107 -16.25 -14.86 -33.37
N SER D 108 -16.66 -13.81 -34.11
CA SER D 108 -15.86 -12.59 -34.17
C SER D 108 -15.65 -11.98 -32.78
N GLU D 109 -16.58 -12.22 -31.86
CA GLU D 109 -16.46 -11.81 -30.47
C GLU D 109 -15.73 -12.86 -29.64
N THR D 110 -16.22 -14.11 -29.65
CA THR D 110 -15.71 -15.09 -28.70
C THR D 110 -14.22 -15.34 -28.91
N ALA D 111 -13.76 -15.31 -30.17
CA ALA D 111 -12.36 -15.57 -30.45
C ALA D 111 -11.48 -14.37 -30.14
N ALA D 112 -12.06 -13.18 -30.00
CA ALA D 112 -11.27 -11.98 -29.74
C ALA D 112 -11.38 -11.44 -28.32
N VAL D 113 -12.41 -11.82 -27.57
CA VAL D 113 -12.69 -11.21 -26.28
C VAL D 113 -12.77 -12.24 -25.16
N ASP D 114 -13.63 -13.24 -25.31
CA ASP D 114 -14.04 -14.06 -24.15
C ASP D 114 -12.85 -14.78 -23.52
N ILE D 115 -12.07 -15.50 -24.32
CA ILE D 115 -10.93 -16.20 -23.74
C ILE D 115 -9.75 -15.25 -23.58
N VAL D 116 -9.59 -14.30 -24.50
CA VAL D 116 -8.46 -13.37 -24.42
C VAL D 116 -8.48 -12.63 -23.09
N THR D 117 -9.63 -12.05 -22.73
CA THR D 117 -9.72 -11.27 -21.50
C THR D 117 -9.88 -12.14 -20.27
N GLY D 118 -10.46 -13.32 -20.40
CA GLY D 118 -10.42 -14.26 -19.30
C GLY D 118 -8.99 -14.63 -18.96
N ALA D 119 -8.19 -14.96 -19.97
CA ALA D 119 -6.81 -15.32 -19.72
C ALA D 119 -6.01 -14.14 -19.21
N ASP D 120 -6.30 -12.93 -19.73
CA ASP D 120 -5.59 -11.75 -19.25
C ASP D 120 -5.72 -11.61 -17.74
N VAL D 121 -6.91 -11.89 -17.19
CA VAL D 121 -7.12 -11.72 -15.76
C VAL D 121 -6.39 -12.81 -14.99
N LEU D 122 -6.42 -14.04 -15.49
CA LEU D 122 -5.70 -15.13 -14.84
C LEU D 122 -4.21 -14.83 -14.84
N GLU D 123 -3.70 -14.31 -15.96
CA GLU D 123 -2.30 -13.96 -16.09
C GLU D 123 -1.93 -12.85 -15.12
N TYR D 124 -2.79 -11.85 -15.01
CA TYR D 124 -2.53 -10.76 -14.07
C TYR D 124 -2.38 -11.29 -12.65
N TYR D 125 -3.35 -12.09 -12.19
CA TYR D 125 -3.28 -12.53 -10.80
C TYR D 125 -2.14 -13.51 -10.56
N ALA D 126 -1.79 -14.31 -11.58
CA ALA D 126 -0.69 -15.24 -11.40
C ALA D 126 0.57 -14.51 -10.96
N GLY D 127 0.84 -13.34 -11.54
CA GLY D 127 2.03 -12.58 -11.21
C GLY D 127 1.95 -11.86 -9.88
N LEU D 128 0.74 -11.61 -9.37
CA LEU D 128 0.59 -10.90 -8.11
C LEU D 128 0.69 -11.80 -6.90
N ILE D 129 0.64 -13.13 -7.07
CA ILE D 129 0.64 -14.02 -5.90
C ILE D 129 1.81 -13.73 -4.97
N PRO D 130 3.05 -13.58 -5.46
CA PRO D 130 4.16 -13.33 -4.54
C PRO D 130 4.09 -11.97 -3.86
N ALA D 131 3.28 -11.04 -4.35
CA ALA D 131 3.17 -9.73 -3.73
C ALA D 131 2.12 -9.68 -2.63
N LEU D 132 1.40 -10.77 -2.39
CA LEU D 132 0.37 -10.80 -1.36
C LEU D 132 1.05 -10.84 0.00
N GLU D 133 0.94 -9.74 0.76
CA GLU D 133 1.69 -9.57 1.99
C GLU D 133 0.76 -9.13 3.11
N GLY D 134 1.12 -9.55 4.32
CA GLY D 134 0.52 -9.02 5.53
C GLY D 134 1.22 -7.77 6.00
N SER D 135 0.93 -7.40 7.26
CA SER D 135 1.46 -6.17 7.83
CA SER D 135 1.43 -6.16 7.84
C SER D 135 2.16 -6.45 9.15
N GLN D 136 2.88 -5.45 9.64
CA GLN D 136 3.50 -5.50 10.96
C GLN D 136 3.36 -4.13 11.60
N ILE D 137 2.95 -4.13 12.85
CA ILE D 137 2.59 -2.91 13.55
C ILE D 137 3.29 -2.93 14.90
N PRO D 138 4.27 -2.07 15.17
CA PRO D 138 4.85 -2.00 16.51
C PRO D 138 3.89 -1.28 17.44
N LEU D 139 3.70 -1.84 18.62
CA LEU D 139 2.91 -1.20 19.66
C LEU D 139 3.79 -0.47 20.64
N ARG D 140 4.88 -1.13 21.04
CA ARG D 140 5.81 -0.65 22.05
C ARG D 140 7.01 -1.57 21.98
N ASP D 141 8.07 -1.21 22.70
CA ASP D 141 9.29 -2.00 22.60
C ASP D 141 9.03 -3.46 22.92
N SER D 142 8.03 -3.74 23.77
CA SER D 142 7.80 -5.10 24.25
C SER D 142 6.64 -5.83 23.58
N SER D 143 6.01 -5.26 22.55
CA SER D 143 4.90 -5.96 21.91
C SER D 143 4.70 -5.46 20.49
N PHE D 144 4.42 -6.37 19.59
CA PHE D 144 4.13 -5.96 18.22
C PHE D 144 3.05 -6.89 17.69
N VAL D 145 2.41 -6.43 16.63
CA VAL D 145 1.37 -7.17 15.92
C VAL D 145 1.86 -7.42 14.50
N TYR D 146 1.57 -8.60 13.98
CA TYR D 146 1.71 -8.85 12.56
C TYR D 146 0.45 -9.55 12.05
N THR D 147 0.19 -9.40 10.75
CA THR D 147 -1.01 -9.98 10.17
C THR D 147 -0.66 -10.97 9.08
N ARG D 148 -1.54 -11.95 8.90
CA ARG D 148 -1.46 -12.88 7.79
C ARG D 148 -2.70 -12.73 6.93
N ARG D 149 -2.53 -12.83 5.63
CA ARG D 149 -3.64 -12.90 4.69
CA ARG D 149 -3.64 -12.90 4.69
C ARG D 149 -3.78 -14.37 4.31
N GLU D 150 -4.68 -15.06 5.01
CA GLU D 150 -4.84 -16.50 4.87
C GLU D 150 -5.95 -16.82 3.88
N PRO D 151 -5.85 -17.97 3.22
CA PRO D 151 -6.96 -18.40 2.34
C PRO D 151 -8.25 -18.52 3.10
N LEU D 152 -9.37 -18.23 2.42
CA LEU D 152 -10.68 -18.48 3.01
C LEU D 152 -10.94 -19.98 3.13
N GLY D 153 -10.39 -20.77 2.22
CA GLY D 153 -10.61 -22.20 2.21
C GLY D 153 -11.24 -22.68 0.92
N VAL D 154 -12.50 -23.08 1.01
CA VAL D 154 -13.31 -23.44 -0.14
C VAL D 154 -14.28 -22.30 -0.38
N VAL D 155 -14.29 -21.78 -1.61
CA VAL D 155 -15.21 -20.74 -2.04
C VAL D 155 -15.98 -21.28 -3.25
N ALA D 156 -17.11 -20.64 -3.54
CA ALA D 156 -17.94 -21.04 -4.65
C ALA D 156 -18.19 -19.86 -5.57
N GLY D 157 -18.15 -20.13 -6.86
CA GLY D 157 -18.52 -19.15 -7.87
C GLY D 157 -19.75 -19.64 -8.61
N ILE D 158 -20.68 -18.73 -8.85
CA ILE D 158 -21.91 -19.01 -9.59
C ILE D 158 -21.88 -18.07 -10.79
N GLY D 159 -21.78 -18.63 -11.99
CA GLY D 159 -21.58 -17.86 -13.18
C GLY D 159 -22.86 -17.56 -13.91
N ALA D 160 -22.78 -16.59 -14.81
CA ALA D 160 -23.89 -16.23 -15.70
C ALA D 160 -23.64 -16.78 -17.10
N TRP D 161 -24.63 -16.60 -17.96
CA TRP D 161 -24.60 -17.23 -19.28
C TRP D 161 -24.08 -16.35 -20.40
N ASN D 162 -23.94 -15.03 -20.17
CA ASN D 162 -23.56 -14.17 -21.29
C ASN D 162 -22.06 -14.25 -21.60
N TYR D 163 -21.20 -14.43 -20.60
CA TYR D 163 -19.76 -14.59 -20.79
C TYR D 163 -19.29 -15.81 -19.98
N PRO D 164 -19.64 -17.01 -20.44
CA PRO D 164 -19.45 -18.20 -19.57
C PRO D 164 -18.02 -18.43 -19.16
N ILE D 165 -17.09 -18.52 -20.10
CA ILE D 165 -15.73 -18.85 -19.70
C ILE D 165 -15.03 -17.65 -19.09
N GLN D 166 -15.29 -16.45 -19.58
CA GLN D 166 -14.66 -15.27 -19.00
C GLN D 166 -15.04 -15.11 -17.52
N ILE D 167 -16.32 -15.28 -17.19
CA ILE D 167 -16.75 -15.17 -15.80
C ILE D 167 -16.07 -16.24 -14.95
N ALA D 168 -16.01 -17.48 -15.47
CA ALA D 168 -15.32 -18.55 -14.76
C ALA D 168 -13.88 -18.19 -14.44
N LEU D 169 -13.18 -17.53 -15.37
CA LEU D 169 -11.80 -17.14 -15.14
C LEU D 169 -11.68 -15.95 -14.18
N TRP D 170 -12.54 -14.95 -14.33
CA TRP D 170 -12.48 -13.79 -13.47
C TRP D 170 -12.77 -14.13 -12.01
N LYS D 171 -13.57 -15.17 -11.77
CA LYS D 171 -13.83 -15.60 -10.40
C LYS D 171 -12.73 -16.55 -9.92
N SER D 172 -12.35 -17.52 -10.74
CA SER D 172 -11.41 -18.54 -10.28
C SER D 172 -10.00 -18.01 -10.17
N ALA D 173 -9.61 -17.06 -11.02
CA ALA D 173 -8.24 -16.54 -11.00
C ALA D 173 -7.85 -15.92 -9.66
N PRO D 174 -8.56 -14.93 -9.14
CA PRO D 174 -8.18 -14.39 -7.83
C PRO D 174 -8.38 -15.39 -6.70
N ALA D 175 -9.41 -16.24 -6.77
CA ALA D 175 -9.64 -17.21 -5.70
C ALA D 175 -8.49 -18.22 -5.61
N LEU D 176 -8.11 -18.81 -6.75
CA LEU D 176 -6.97 -19.71 -6.78
C LEU D 176 -5.68 -18.98 -6.43
N ALA D 177 -5.52 -17.77 -6.95
CA ALA D 177 -4.31 -17.01 -6.65
C ALA D 177 -4.20 -16.72 -5.15
N ALA D 178 -5.33 -16.57 -4.46
CA ALA D 178 -5.28 -16.29 -3.04
C ALA D 178 -5.09 -17.56 -2.21
N GLY D 179 -5.01 -18.72 -2.84
CA GLY D 179 -4.77 -19.95 -2.13
C GLY D 179 -5.99 -20.76 -1.83
N ASN D 180 -7.14 -20.42 -2.40
CA ASN D 180 -8.37 -21.15 -2.18
C ASN D 180 -8.58 -22.18 -3.28
N ALA D 181 -9.46 -23.13 -2.98
CA ALA D 181 -10.09 -23.97 -3.99
C ALA D 181 -11.44 -23.35 -4.31
N MET D 182 -11.86 -23.44 -5.57
CA MET D 182 -13.18 -22.96 -5.97
C MET D 182 -14.02 -24.08 -6.56
N ILE D 183 -15.28 -24.16 -6.14
CA ILE D 183 -16.30 -24.95 -6.81
C ILE D 183 -17.08 -24.00 -7.70
N PHE D 184 -17.10 -24.24 -9.01
CA PHE D 184 -17.76 -23.34 -9.94
C PHE D 184 -19.02 -24.01 -10.48
N LYS D 185 -20.14 -23.27 -10.40
CA LYS D 185 -21.41 -23.68 -10.98
C LYS D 185 -21.69 -22.77 -12.17
N PRO D 186 -21.52 -23.23 -13.39
CA PRO D 186 -21.88 -22.41 -14.54
C PRO D 186 -23.39 -22.31 -14.66
N SER D 187 -23.84 -21.32 -15.43
CA SER D 187 -25.25 -21.24 -15.73
C SER D 187 -25.68 -22.50 -16.49
N GLU D 188 -26.87 -23.00 -16.15
CA GLU D 188 -27.46 -24.13 -16.88
C GLU D 188 -27.67 -23.82 -18.35
N VAL D 189 -27.77 -22.54 -18.71
CA VAL D 189 -27.91 -22.17 -20.11
C VAL D 189 -26.63 -22.46 -20.88
N THR D 190 -25.46 -22.32 -20.24
CA THR D 190 -24.17 -22.32 -20.93
C THR D 190 -23.12 -23.03 -20.08
N PRO D 191 -23.22 -24.36 -19.93
CA PRO D 191 -22.31 -25.07 -19.03
C PRO D 191 -21.02 -25.60 -19.64
N LEU D 192 -20.81 -25.48 -20.95
CA LEU D 192 -19.83 -26.34 -21.60
C LEU D 192 -18.39 -25.87 -21.43
N THR D 193 -18.11 -24.56 -21.56
CA THR D 193 -16.71 -24.14 -21.53
C THR D 193 -16.11 -24.25 -20.12
N ALA D 194 -16.95 -24.15 -19.09
CA ALA D 194 -16.43 -24.27 -17.73
C ALA D 194 -15.83 -25.65 -17.51
N LEU D 195 -16.44 -26.67 -18.10
CA LEU D 195 -15.89 -28.02 -18.00
C LEU D 195 -14.56 -28.12 -18.73
N LYS D 196 -14.45 -27.45 -19.88
CA LYS D 196 -13.18 -27.42 -20.60
C LYS D 196 -12.11 -26.73 -19.75
N LEU D 197 -12.46 -25.65 -19.07
CA LEU D 197 -11.48 -24.96 -18.23
C LEU D 197 -10.97 -25.88 -17.12
N ALA D 198 -11.86 -26.67 -16.52
CA ALA D 198 -11.45 -27.57 -15.45
C ALA D 198 -10.38 -28.55 -15.94
N GLU D 199 -10.54 -29.06 -17.16
CA GLU D 199 -9.52 -29.93 -17.72
C GLU D 199 -8.21 -29.19 -17.94
N ILE D 200 -8.29 -27.95 -18.44
CA ILE D 200 -7.09 -27.17 -18.70
C ILE D 200 -6.33 -26.89 -17.43
N TYR D 201 -7.04 -26.51 -16.36
CA TYR D 201 -6.36 -26.28 -15.09
C TYR D 201 -5.60 -27.53 -14.65
N ARG D 202 -6.26 -28.70 -14.70
CA ARG D 202 -5.58 -29.93 -14.32
C ARG D 202 -4.37 -30.19 -15.19
N GLU D 203 -4.52 -29.99 -16.52
CA GLU D 203 -3.38 -30.17 -17.42
C GLU D 203 -2.22 -29.26 -17.05
N ALA D 204 -2.51 -28.07 -16.52
CA ALA D 204 -1.49 -27.12 -16.12
C ALA D 204 -0.81 -27.49 -14.81
N GLY D 205 -1.35 -28.46 -14.08
CA GLY D 205 -0.78 -28.84 -12.81
C GLY D 205 -1.54 -28.37 -11.60
N LEU D 206 -2.74 -27.84 -11.78
CA LEU D 206 -3.54 -27.48 -10.62
C LEU D 206 -3.85 -28.74 -9.82
N PRO D 207 -3.63 -28.75 -8.50
CA PRO D 207 -3.94 -29.94 -7.72
C PRO D 207 -5.40 -30.35 -7.83
N ASP D 208 -5.63 -31.67 -7.79
CA ASP D 208 -6.99 -32.19 -7.85
C ASP D 208 -7.84 -31.59 -6.75
N GLY D 209 -9.04 -31.15 -7.13
CA GLY D 209 -9.98 -30.59 -6.19
C GLY D 209 -9.94 -29.09 -6.09
N VAL D 210 -8.90 -28.44 -6.63
CA VAL D 210 -8.78 -27.00 -6.45
C VAL D 210 -9.78 -26.27 -7.33
N PHE D 211 -10.14 -26.84 -8.48
CA PHE D 211 -11.19 -26.26 -9.31
C PHE D 211 -12.13 -27.39 -9.74
N ASN D 212 -13.27 -27.48 -9.06
CA ASN D 212 -14.33 -28.44 -9.36
C ASN D 212 -15.46 -27.69 -10.04
N VAL D 213 -16.11 -28.35 -11.00
CA VAL D 213 -17.19 -27.73 -11.75
C VAL D 213 -18.43 -28.59 -11.60
N LEU D 214 -19.53 -27.96 -11.18
CA LEU D 214 -20.79 -28.64 -10.90
C LEU D 214 -21.88 -27.98 -11.74
N PRO D 215 -22.12 -28.43 -12.96
CA PRO D 215 -23.29 -27.97 -13.72
C PRO D 215 -24.57 -28.35 -12.98
N GLY D 216 -25.61 -27.58 -13.26
CA GLY D 216 -26.90 -27.82 -12.65
C GLY D 216 -27.75 -26.58 -12.77
N ILE D 217 -28.93 -26.65 -12.18
CA ILE D 217 -29.86 -25.51 -12.22
C ILE D 217 -29.72 -24.71 -10.93
N GLY D 218 -30.07 -23.43 -11.00
CA GLY D 218 -29.88 -22.55 -9.87
C GLY D 218 -30.70 -22.95 -8.66
N ALA D 219 -31.94 -23.36 -8.89
CA ALA D 219 -32.84 -23.68 -7.79
C ALA D 219 -32.39 -24.89 -6.99
N GLU D 220 -31.53 -25.76 -7.54
CA GLU D 220 -31.05 -26.91 -6.81
C GLU D 220 -29.53 -26.81 -6.58
N THR D 221 -28.72 -26.92 -7.62
CA THR D 221 -27.27 -26.97 -7.41
C THR D 221 -26.77 -25.67 -6.82
N GLY D 222 -27.22 -24.54 -7.36
CA GLY D 222 -26.78 -23.26 -6.82
C GLY D 222 -27.16 -23.11 -5.36
N GLN D 223 -28.39 -23.49 -5.02
CA GLN D 223 -28.84 -23.37 -3.64
C GLN D 223 -28.06 -24.30 -2.72
N TYR D 224 -27.73 -25.51 -3.18
CA TYR D 224 -26.95 -26.42 -2.34
C TYR D 224 -25.58 -25.81 -2.03
N LEU D 225 -24.99 -25.08 -2.99
CA LEU D 225 -23.70 -24.45 -2.74
C LEU D 225 -23.82 -23.34 -1.70
N THR D 226 -24.83 -22.47 -1.84
CA THR D 226 -24.98 -21.35 -0.92
C THR D 226 -25.29 -21.83 0.49
N GLU D 227 -25.84 -23.03 0.65
CA GLU D 227 -26.21 -23.55 1.95
C GLU D 227 -25.11 -24.37 2.61
N HIS D 228 -24.11 -24.81 1.87
CA HIS D 228 -23.18 -25.76 2.44
C HIS D 228 -22.42 -25.13 3.60
N PRO D 229 -22.28 -25.82 4.73
CA PRO D 229 -21.65 -25.18 5.90
C PRO D 229 -20.15 -24.96 5.76
N ASP D 230 -19.47 -25.66 4.85
CA ASP D 230 -18.01 -25.58 4.76
C ASP D 230 -17.54 -24.70 3.60
N ILE D 231 -18.44 -23.94 2.97
CA ILE D 231 -18.07 -22.98 1.95
C ILE D 231 -18.01 -21.60 2.59
N ALA D 232 -16.88 -20.91 2.42
CA ALA D 232 -16.58 -19.68 3.16
C ALA D 232 -17.02 -18.42 2.44
N LYS D 233 -17.20 -18.48 1.13
CA LYS D 233 -17.57 -17.32 0.34
C LYS D 233 -18.27 -17.76 -0.92
N ILE D 234 -19.25 -16.97 -1.35
CA ILE D 234 -19.97 -17.17 -2.59
C ILE D 234 -19.73 -15.94 -3.45
N SER D 235 -19.39 -16.14 -4.71
CA SER D 235 -19.29 -15.05 -5.66
C SER D 235 -20.30 -15.32 -6.77
N PHE D 236 -21.21 -14.37 -6.98
CA PHE D 236 -22.36 -14.56 -7.85
C PHE D 236 -22.39 -13.46 -8.90
N THR D 237 -22.65 -13.86 -10.13
CA THR D 237 -22.93 -12.94 -11.23
C THR D 237 -24.26 -13.35 -11.85
N GLY D 238 -25.16 -12.39 -12.00
CA GLY D 238 -26.48 -12.70 -12.52
C GLY D 238 -27.43 -11.54 -12.31
N GLY D 239 -28.73 -11.88 -12.28
CA GLY D 239 -29.76 -10.88 -12.09
C GLY D 239 -29.99 -10.49 -10.63
N VAL D 240 -30.65 -9.34 -10.46
CA VAL D 240 -30.90 -8.82 -9.12
C VAL D 240 -31.76 -9.78 -8.29
N ALA D 241 -32.82 -10.34 -8.89
CA ALA D 241 -33.71 -11.19 -8.10
C ALA D 241 -32.97 -12.41 -7.59
N SER D 242 -32.30 -13.13 -8.50
CA SER D 242 -31.54 -14.31 -8.12
C SER D 242 -30.48 -13.96 -7.09
N GLY D 243 -29.88 -12.77 -7.22
CA GLY D 243 -28.87 -12.35 -6.26
C GLY D 243 -29.39 -12.24 -4.84
N LYS D 244 -30.57 -11.61 -4.66
CA LYS D 244 -31.10 -11.45 -3.32
C LYS D 244 -31.37 -12.80 -2.68
N LYS D 245 -31.85 -13.76 -3.47
CA LYS D 245 -32.05 -15.11 -2.96
C LYS D 245 -30.71 -15.72 -2.54
N VAL D 246 -29.70 -15.58 -3.40
CA VAL D 246 -28.40 -16.16 -3.09
C VAL D 246 -27.87 -15.56 -1.79
N MET D 247 -27.88 -14.23 -1.68
CA MET D 247 -27.25 -13.60 -0.53
C MET D 247 -28.00 -13.92 0.76
N ALA D 248 -29.34 -14.02 0.68
CA ALA D 248 -30.12 -14.41 1.85
C ALA D 248 -29.76 -15.82 2.31
N ASN D 249 -29.80 -16.79 1.39
CA ASN D 249 -29.54 -18.17 1.75
C ASN D 249 -28.12 -18.37 2.25
N SER D 250 -27.16 -17.58 1.72
CA SER D 250 -25.78 -17.68 2.19
C SER D 250 -25.64 -17.19 3.63
N ALA D 251 -26.43 -16.17 4.00
CA ALA D 251 -26.41 -15.68 5.37
C ALA D 251 -27.15 -16.63 6.30
N ALA D 252 -28.34 -17.09 5.88
CA ALA D 252 -29.16 -17.95 6.72
C ALA D 252 -28.46 -19.26 7.05
N SER D 253 -27.60 -19.75 6.14
CA SER D 253 -26.97 -21.06 6.34
C SER D 253 -25.74 -21.01 7.23
N SER D 254 -24.68 -20.32 6.77
CA SER D 254 -23.42 -20.37 7.51
C SER D 254 -22.70 -19.02 7.56
N LEU D 255 -23.38 -17.92 7.25
CA LEU D 255 -22.78 -16.60 7.33
C LEU D 255 -21.57 -16.49 6.41
N LYS D 256 -21.81 -16.72 5.13
CA LYS D 256 -20.72 -16.67 4.16
C LYS D 256 -20.43 -15.23 3.77
N GLU D 257 -19.16 -14.97 3.48
CA GLU D 257 -18.80 -13.77 2.73
C GLU D 257 -19.42 -13.87 1.34
N VAL D 258 -19.86 -12.73 0.79
CA VAL D 258 -20.59 -12.73 -0.47
C VAL D 258 -20.05 -11.62 -1.36
N THR D 259 -19.96 -11.91 -2.66
CA THR D 259 -19.69 -10.95 -3.72
C THR D 259 -20.76 -11.11 -4.78
N MET D 260 -21.28 -9.99 -5.26
CA MET D 260 -22.35 -10.01 -6.24
C MET D 260 -22.08 -8.97 -7.32
N GLU D 261 -22.09 -9.43 -8.56
CA GLU D 261 -21.99 -8.61 -9.77
C GLU D 261 -23.34 -8.77 -10.47
N LEU D 262 -24.21 -7.77 -10.35
CA LEU D 262 -25.56 -7.86 -10.87
C LEU D 262 -25.69 -6.96 -12.09
N GLY D 263 -26.91 -6.79 -12.57
CA GLY D 263 -27.14 -6.00 -13.77
C GLY D 263 -27.15 -4.51 -13.45
N GLY D 264 -27.48 -3.73 -14.48
CA GLY D 264 -27.57 -2.29 -14.34
C GLY D 264 -28.49 -1.71 -15.39
N LYS D 265 -28.72 -0.40 -15.27
CA LYS D 265 -29.34 0.41 -16.31
C LYS D 265 -28.45 1.64 -16.49
N SER D 266 -27.30 1.43 -17.13
CA SER D 266 -26.19 2.38 -17.06
C SER D 266 -26.43 3.56 -18.00
N PRO D 267 -26.14 4.78 -17.57
CA PRO D 267 -26.34 5.94 -18.44
C PRO D 267 -25.11 6.30 -19.26
N LEU D 268 -25.36 6.64 -20.52
CA LEU D 268 -24.36 7.23 -21.40
C LEU D 268 -24.76 8.68 -21.64
N ILE D 269 -23.94 9.60 -21.14
CA ILE D 269 -24.20 11.04 -21.20
C ILE D 269 -23.38 11.63 -22.33
N ILE D 270 -24.07 12.14 -23.35
CA ILE D 270 -23.45 12.86 -24.45
C ILE D 270 -23.51 14.35 -24.12
N ALA D 271 -22.34 14.99 -24.07
CA ALA D 271 -22.26 16.40 -23.73
C ALA D 271 -22.59 17.29 -24.93
N GLU D 272 -22.88 18.55 -24.62
CA GLU D 272 -23.23 19.52 -25.65
C GLU D 272 -22.09 19.78 -26.62
N ASP D 273 -20.84 19.54 -26.21
CA ASP D 273 -19.68 19.73 -27.07
C ASP D 273 -19.16 18.42 -27.65
N ALA D 274 -19.93 17.35 -27.55
CA ALA D 274 -19.47 16.05 -28.04
C ALA D 274 -19.55 15.99 -29.56
N ASN D 275 -18.56 15.34 -30.15
CA ASN D 275 -18.64 14.96 -31.56
C ASN D 275 -19.66 13.83 -31.71
N LEU D 276 -20.64 14.03 -32.60
CA LEU D 276 -21.75 13.09 -32.65
C LEU D 276 -21.40 11.79 -33.36
N ASP D 277 -20.38 11.78 -34.24
CA ASP D 277 -19.92 10.52 -34.79
C ASP D 277 -19.27 9.66 -33.70
N LEU D 278 -18.44 10.27 -32.86
CA LEU D 278 -17.87 9.55 -31.73
C LEU D 278 -18.96 9.10 -30.75
N ALA D 279 -19.90 10.00 -30.43
CA ALA D 279 -20.96 9.65 -29.50
C ALA D 279 -21.80 8.49 -30.02
N ALA D 280 -22.09 8.50 -31.32
CA ALA D 280 -22.88 7.42 -31.92
C ALA D 280 -22.12 6.09 -31.89
N ASP D 281 -20.82 6.13 -32.17
CA ASP D 281 -20.03 4.89 -32.09
C ASP D 281 -20.04 4.33 -30.67
N ILE D 282 -19.87 5.20 -29.67
CA ILE D 282 -19.88 4.74 -28.28
C ILE D 282 -21.24 4.16 -27.93
N ALA D 283 -22.33 4.84 -28.32
CA ALA D 283 -23.66 4.35 -28.01
C ALA D 283 -23.91 2.99 -28.65
N MET D 284 -23.42 2.80 -29.89
CA MET D 284 -23.58 1.52 -30.55
C MET D 284 -22.86 0.41 -29.80
N MET D 285 -21.59 0.63 -29.48
CA MET D 285 -20.82 -0.40 -28.78
C MET D 285 -21.38 -0.64 -27.38
N ALA D 286 -22.01 0.36 -26.78
CA ALA D 286 -22.58 0.23 -25.46
C ALA D 286 -23.93 -0.46 -25.45
N ASN D 287 -24.49 -0.81 -26.62
CA ASN D 287 -25.84 -1.38 -26.65
C ASN D 287 -25.99 -2.69 -27.41
N PHE D 288 -25.19 -2.89 -28.45
CA PHE D 288 -25.43 -3.99 -29.36
C PHE D 288 -24.33 -5.03 -29.40
N TYR D 289 -23.28 -4.88 -28.59
CA TYR D 289 -22.29 -5.93 -28.46
C TYR D 289 -22.89 -7.12 -27.73
N SER D 290 -22.50 -8.32 -28.13
CA SER D 290 -23.07 -9.56 -27.59
C SER D 290 -24.58 -9.50 -27.66
N SER D 291 -25.10 -8.90 -28.74
CA SER D 291 -26.55 -8.76 -28.95
C SER D 291 -27.22 -8.09 -27.76
N GLY D 292 -26.53 -7.17 -27.12
CA GLY D 292 -27.11 -6.43 -26.02
C GLY D 292 -27.14 -7.16 -24.69
N GLN D 293 -26.48 -8.31 -24.58
CA GLN D 293 -26.49 -9.11 -23.36
C GLN D 293 -25.25 -8.86 -22.51
N VAL D 294 -25.05 -7.60 -22.11
CA VAL D 294 -23.87 -7.20 -21.34
C VAL D 294 -24.36 -6.40 -20.13
N CYS D 295 -23.92 -6.80 -18.94
CA CYS D 295 -24.39 -6.17 -17.71
C CYS D 295 -24.11 -4.68 -17.67
N THR D 296 -23.01 -4.23 -18.26
CA THR D 296 -22.56 -2.85 -18.18
C THR D 296 -23.12 -1.96 -19.29
N ASN D 297 -24.02 -2.48 -20.11
CA ASN D 297 -24.42 -1.74 -21.30
C ASN D 297 -25.04 -0.39 -20.94
N GLY D 298 -24.73 0.62 -21.74
CA GLY D 298 -25.22 1.96 -21.55
C GLY D 298 -26.58 2.11 -22.20
N THR D 299 -27.61 1.52 -21.59
CA THR D 299 -28.91 1.36 -22.22
C THR D 299 -29.79 2.59 -22.08
N ARG D 300 -29.38 3.59 -21.29
CA ARG D 300 -30.02 4.89 -21.24
C ARG D 300 -29.04 5.89 -21.85
N VAL D 301 -29.32 6.34 -23.06
CA VAL D 301 -28.45 7.28 -23.76
C VAL D 301 -29.09 8.66 -23.68
N PHE D 302 -28.44 9.55 -22.93
CA PHE D 302 -28.91 10.92 -22.77
C PHE D 302 -28.23 11.81 -23.80
N VAL D 303 -29.02 12.50 -24.60
CA VAL D 303 -28.48 13.36 -25.67
C VAL D 303 -29.09 14.75 -25.50
N PRO D 304 -28.32 15.82 -25.73
CA PRO D 304 -28.92 17.16 -25.68
C PRO D 304 -30.03 17.31 -26.71
N ALA D 305 -31.11 17.98 -26.31
CA ALA D 305 -32.24 18.17 -27.20
C ALA D 305 -31.82 18.78 -28.54
N LYS D 306 -30.90 19.75 -28.52
CA LYS D 306 -30.54 20.44 -29.76
C LYS D 306 -29.87 19.51 -30.79
N PHE D 307 -29.27 18.41 -30.34
CA PHE D 307 -28.60 17.46 -31.22
C PHE D 307 -29.37 16.16 -31.39
N LYS D 308 -30.57 16.06 -30.80
CA LYS D 308 -31.25 14.77 -30.74
C LYS D 308 -31.54 14.22 -32.14
N ALA D 309 -32.05 15.07 -33.04
CA ALA D 309 -32.41 14.62 -34.38
C ALA D 309 -31.18 14.11 -35.14
N GLU D 310 -30.08 14.85 -35.07
CA GLU D 310 -28.86 14.42 -35.77
C GLU D 310 -28.31 13.14 -35.18
N PHE D 311 -28.32 13.00 -33.86
CA PHE D 311 -27.84 11.78 -33.23
C PHE D 311 -28.67 10.58 -33.68
N GLU D 312 -30.00 10.74 -33.70
CA GLU D 312 -30.87 9.66 -34.15
C GLU D 312 -30.53 9.23 -35.57
N HIS D 313 -30.22 10.19 -36.45
CA HIS D 313 -29.81 9.85 -37.80
C HIS D 313 -28.51 9.05 -37.81
N LYS D 314 -27.54 9.47 -37.00
CA LYS D 314 -26.27 8.79 -36.97
C LYS D 314 -26.39 7.38 -36.40
N ILE D 315 -27.30 7.19 -35.44
CA ILE D 315 -27.53 5.85 -34.88
C ILE D 315 -28.16 4.94 -35.94
N LEU D 316 -29.16 5.45 -36.65
CA LEU D 316 -29.83 4.64 -37.66
C LEU D 316 -28.87 4.20 -38.75
N GLU D 317 -27.99 5.12 -39.18
CA GLU D 317 -27.01 4.75 -40.20
C GLU D 317 -26.13 3.60 -39.72
N ARG D 318 -25.66 3.66 -38.46
CA ARG D 318 -24.79 2.61 -37.96
C ARG D 318 -25.55 1.31 -37.73
N VAL D 319 -26.81 1.39 -37.29
CA VAL D 319 -27.62 0.20 -37.11
C VAL D 319 -27.79 -0.54 -38.44
N GLY D 320 -27.88 0.19 -39.55
CA GLY D 320 -28.01 -0.42 -40.85
C GLY D 320 -26.82 -1.27 -41.28
N ARG D 321 -25.65 -1.02 -40.71
CA ARG D 321 -24.43 -1.79 -41.01
C ARG D 321 -24.29 -3.05 -40.17
N ILE D 322 -25.17 -3.25 -39.18
CA ILE D 322 -25.09 -4.45 -38.36
C ILE D 322 -25.33 -5.68 -39.22
N ARG D 323 -24.50 -6.70 -39.02
CA ARG D 323 -24.46 -7.91 -39.86
C ARG D 323 -24.82 -9.13 -39.02
N ALA D 324 -26.11 -9.48 -39.05
CA ALA D 324 -26.56 -10.75 -38.48
C ALA D 324 -26.38 -11.85 -39.51
N GLY D 325 -26.07 -13.05 -39.04
CA GLY D 325 -25.95 -14.18 -39.95
C GLY D 325 -25.17 -15.34 -39.32
N ASP D 326 -24.55 -16.13 -40.18
CA ASP D 326 -23.74 -17.26 -39.76
C ASP D 326 -22.74 -16.83 -38.69
N LEU D 327 -22.86 -17.42 -37.50
CA LEU D 327 -22.06 -16.97 -36.35
C LEU D 327 -20.57 -17.29 -36.52
N PHE D 328 -20.24 -18.19 -37.43
CA PHE D 328 -18.85 -18.52 -37.73
C PHE D 328 -18.30 -17.75 -38.92
N ALA D 329 -19.11 -16.89 -39.54
CA ALA D 329 -18.64 -16.04 -40.62
C ALA D 329 -17.84 -14.87 -40.08
N ASP D 330 -16.80 -14.49 -40.82
CA ASP D 330 -15.89 -13.44 -40.35
C ASP D 330 -16.60 -12.11 -40.15
N ASP D 331 -17.48 -11.74 -41.08
CA ASP D 331 -18.09 -10.42 -41.04
C ASP D 331 -19.32 -10.34 -40.13
N THR D 332 -19.78 -11.46 -39.58
CA THR D 332 -20.90 -11.43 -38.65
C THR D 332 -20.49 -10.76 -37.34
N ASN D 333 -21.30 -9.80 -36.87
CA ASN D 333 -21.05 -9.11 -35.62
C ASN D 333 -22.30 -9.00 -34.74
N PHE D 334 -23.32 -9.81 -35.01
CA PHE D 334 -24.57 -9.76 -34.26
C PHE D 334 -25.14 -11.17 -34.24
N GLY D 335 -25.55 -11.62 -33.06
CA GLY D 335 -26.03 -12.96 -32.90
C GLY D 335 -27.44 -13.03 -32.37
N PRO D 336 -27.97 -14.24 -32.28
CA PRO D 336 -29.24 -14.45 -31.59
C PRO D 336 -29.04 -14.30 -30.10
N LEU D 337 -30.16 -14.18 -29.37
CA LEU D 337 -30.09 -14.21 -27.92
C LEU D 337 -29.82 -15.63 -27.41
N VAL D 338 -29.41 -15.70 -26.14
CA VAL D 338 -28.86 -16.94 -25.62
C VAL D 338 -29.90 -18.06 -25.59
N SER D 339 -31.19 -17.71 -25.56
CA SER D 339 -32.22 -18.73 -25.46
C SER D 339 -33.55 -18.14 -25.91
N PHE D 340 -34.48 -19.03 -26.21
CA PHE D 340 -35.80 -18.64 -26.69
C PHE D 340 -36.65 -18.09 -25.55
N PRO D 341 -36.58 -18.67 -24.36
CA PRO D 341 -37.25 -18.02 -23.20
C PRO D 341 -36.77 -16.61 -22.93
N HIS D 342 -35.45 -16.35 -23.10
CA HIS D 342 -34.93 -14.99 -22.93
C HIS D 342 -35.46 -14.06 -24.00
N ARG D 343 -35.54 -14.54 -25.24
CA ARG D 343 -36.09 -13.70 -26.31
C ARG D 343 -37.52 -13.30 -25.97
N GLN D 344 -38.32 -14.23 -25.44
CA GLN D 344 -39.67 -13.87 -25.07
C GLN D 344 -39.69 -12.75 -24.04
N ASN D 345 -38.81 -12.81 -23.04
CA ASN D 345 -38.78 -11.73 -22.06
C ASN D 345 -38.36 -10.42 -22.72
N VAL D 346 -37.36 -10.46 -23.59
CA VAL D 346 -36.94 -9.24 -24.27
C VAL D 346 -38.08 -8.68 -25.11
N LEU D 347 -38.80 -9.55 -25.82
CA LEU D 347 -39.94 -9.08 -26.61
C LEU D 347 -41.02 -8.48 -25.73
N ARG D 348 -41.22 -9.03 -24.53
CA ARG D 348 -42.17 -8.44 -23.59
C ARG D 348 -41.81 -7.00 -23.27
N TYR D 349 -40.51 -6.72 -23.08
CA TYR D 349 -40.10 -5.34 -22.81
C TYR D 349 -40.31 -4.45 -24.02
N ILE D 350 -39.99 -4.95 -25.22
CA ILE D 350 -40.16 -4.13 -26.42
C ILE D 350 -41.63 -3.74 -26.58
N GLU D 351 -42.54 -4.69 -26.39
CA GLU D 351 -43.96 -4.35 -26.50
C GLU D 351 -44.38 -3.36 -25.41
N SER D 352 -43.72 -3.41 -24.25
CA SER D 352 -43.96 -2.40 -23.21
C SER D 352 -43.54 -1.01 -23.69
N GLY D 353 -42.43 -0.92 -24.41
CA GLY D 353 -41.99 0.37 -24.91
C GLY D 353 -42.97 0.96 -25.90
N LYS D 354 -43.50 0.12 -26.79
CA LYS D 354 -44.49 0.60 -27.77
C LYS D 354 -45.74 1.12 -27.07
N SER D 355 -46.27 0.35 -26.11
CA SER D 355 -47.54 0.69 -25.51
C SER D 355 -47.45 1.90 -24.58
N GLU D 356 -46.28 2.20 -24.03
CA GLU D 356 -46.09 3.34 -23.14
C GLU D 356 -45.73 4.63 -23.88
N GLY D 357 -45.74 4.62 -25.21
CA GLY D 357 -45.61 5.83 -25.98
C GLY D 357 -44.20 6.17 -26.43
N ALA D 358 -43.23 5.29 -26.22
CA ALA D 358 -41.92 5.51 -26.78
C ALA D 358 -41.97 5.35 -28.30
N ARG D 359 -41.18 6.15 -29.00
CA ARG D 359 -41.16 6.14 -30.47
C ARG D 359 -40.12 5.14 -30.96
N LEU D 360 -40.56 4.20 -31.78
CA LEU D 360 -39.70 3.15 -32.31
C LEU D 360 -38.89 3.69 -33.50
N LEU D 361 -37.57 3.77 -33.32
CA LEU D 361 -36.67 4.21 -34.38
C LEU D 361 -36.24 3.10 -35.33
N CYS D 362 -36.09 1.87 -34.85
CA CYS D 362 -35.77 0.76 -35.73
C CYS D 362 -35.98 -0.56 -34.97
N GLY D 363 -36.03 -1.65 -35.73
CA GLY D 363 -36.13 -2.94 -35.09
C GLY D 363 -37.48 -3.15 -34.41
N GLY D 364 -37.43 -3.88 -33.30
CA GLY D 364 -38.60 -4.15 -32.49
C GLY D 364 -39.25 -5.48 -32.76
N ASP D 365 -38.70 -6.29 -33.66
CA ASP D 365 -39.31 -7.57 -34.00
C ASP D 365 -38.21 -8.61 -34.13
N VAL D 366 -38.63 -9.89 -34.14
CA VAL D 366 -37.71 -10.97 -34.46
C VAL D 366 -37.26 -10.86 -35.91
N LEU D 367 -36.11 -11.47 -36.20
CA LEU D 367 -35.60 -11.60 -37.55
C LEU D 367 -36.16 -12.86 -38.19
N LYS D 368 -36.46 -12.78 -39.48
CA LYS D 368 -37.15 -13.84 -40.21
C LYS D 368 -36.40 -14.17 -41.49
N GLY D 369 -36.68 -15.36 -42.03
CA GLY D 369 -36.11 -15.81 -43.27
C GLY D 369 -35.20 -17.00 -43.07
N GLU D 370 -34.60 -17.44 -44.19
CA GLU D 370 -33.67 -18.55 -44.15
C GLU D 370 -32.51 -18.23 -43.22
N GLY D 371 -32.23 -19.16 -42.29
CA GLY D 371 -31.15 -19.01 -41.36
C GLY D 371 -31.50 -18.27 -40.08
N PHE D 372 -32.69 -17.69 -39.99
CA PHE D 372 -33.12 -16.95 -38.81
C PHE D 372 -34.35 -17.52 -38.16
N ASP D 373 -35.20 -18.23 -38.92
CA ASP D 373 -36.46 -18.72 -38.37
C ASP D 373 -36.22 -19.72 -37.24
N ASN D 374 -35.08 -20.40 -37.24
CA ASN D 374 -34.78 -21.42 -36.25
C ASN D 374 -33.93 -20.91 -35.09
N GLY D 375 -33.56 -19.62 -35.09
CA GLY D 375 -32.76 -19.07 -34.02
C GLY D 375 -33.52 -18.06 -33.18
N ALA D 376 -32.99 -17.74 -32.00
CA ALA D 376 -33.65 -16.83 -31.08
C ALA D 376 -33.23 -15.38 -31.35
N TRP D 377 -33.52 -14.92 -32.57
CA TRP D 377 -33.07 -13.60 -33.00
C TRP D 377 -34.06 -12.50 -32.63
N VAL D 378 -33.51 -11.37 -32.18
CA VAL D 378 -34.23 -10.11 -32.07
C VAL D 378 -33.45 -9.04 -32.81
N ALA D 379 -34.14 -8.26 -33.63
CA ALA D 379 -33.49 -7.21 -34.40
C ALA D 379 -32.96 -6.12 -33.48
N PRO D 380 -31.86 -5.46 -33.85
CA PRO D 380 -31.40 -4.29 -33.09
C PRO D 380 -32.52 -3.26 -33.02
N THR D 381 -32.84 -2.83 -31.80
CA THR D 381 -34.02 -2.03 -31.53
C THR D 381 -33.60 -0.74 -30.81
N VAL D 382 -34.17 0.37 -31.27
CA VAL D 382 -33.90 1.69 -30.68
C VAL D 382 -35.22 2.38 -30.42
N PHE D 383 -35.43 2.81 -29.18
CA PHE D 383 -36.54 3.68 -28.80
C PHE D 383 -35.98 5.08 -28.52
N THR D 384 -36.73 6.10 -28.92
CA THR D 384 -36.42 7.48 -28.61
C THR D 384 -37.70 8.14 -28.08
N ASP D 385 -37.62 9.44 -27.78
CA ASP D 385 -38.70 10.14 -27.08
C ASP D 385 -39.00 9.49 -25.73
N CYS D 386 -37.99 8.91 -25.10
CA CYS D 386 -38.22 8.19 -23.86
C CYS D 386 -38.29 9.13 -22.67
N THR D 387 -39.03 8.70 -21.64
CA THR D 387 -39.18 9.44 -20.41
C THR D 387 -38.85 8.53 -19.24
N ASP D 388 -38.50 9.14 -18.10
CA ASP D 388 -37.93 8.41 -16.98
C ASP D 388 -38.92 7.44 -16.31
N ASP D 389 -40.21 7.54 -16.59
CA ASP D 389 -41.19 6.65 -15.98
C ASP D 389 -41.43 5.38 -16.78
N MET D 390 -40.90 5.28 -18.00
CA MET D 390 -41.18 4.13 -18.85
C MET D 390 -40.50 2.87 -18.32
N THR D 391 -41.16 1.73 -18.53
CA THR D 391 -40.62 0.46 -18.06
C THR D 391 -39.30 0.13 -18.73
N ILE D 392 -39.19 0.35 -20.05
CA ILE D 392 -37.96 0.08 -20.76
C ILE D 392 -36.81 0.95 -20.26
N VAL D 393 -37.13 2.11 -19.70
CA VAL D 393 -36.07 2.99 -19.20
C VAL D 393 -35.66 2.61 -17.79
N ARG D 394 -36.58 2.07 -17.00
CA ARG D 394 -36.29 1.81 -15.59
C ARG D 394 -35.69 0.44 -15.33
N GLU D 395 -35.94 -0.55 -16.19
CA GLU D 395 -35.62 -1.94 -15.89
C GLU D 395 -34.59 -2.47 -16.88
N GLU D 396 -33.68 -3.30 -16.38
CA GLU D 396 -32.69 -3.90 -17.27
C GLU D 396 -33.39 -4.88 -18.22
N ILE D 397 -33.11 -4.73 -19.51
CA ILE D 397 -33.70 -5.57 -20.54
C ILE D 397 -32.77 -6.72 -20.90
N PHE D 398 -31.47 -6.47 -20.95
CA PHE D 398 -30.50 -7.49 -21.29
C PHE D 398 -30.76 -8.03 -22.70
N GLY D 399 -31.14 -7.12 -23.59
CA GLY D 399 -31.24 -7.42 -24.99
C GLY D 399 -30.89 -6.18 -25.78
N PRO D 400 -30.92 -6.27 -27.11
CA PRO D 400 -30.46 -5.14 -27.94
C PRO D 400 -31.53 -4.05 -28.08
N VAL D 401 -31.72 -3.30 -27.00
CA VAL D 401 -32.77 -2.28 -26.93
C VAL D 401 -32.13 -1.03 -26.34
N MET D 402 -31.84 -0.05 -27.19
CA MET D 402 -31.32 1.24 -26.77
C MET D 402 -32.47 2.19 -26.50
N SER D 403 -32.37 2.94 -25.39
CA SER D 403 -33.32 3.99 -25.07
C SER D 403 -32.62 5.35 -25.12
N ILE D 404 -33.12 6.25 -25.97
CA ILE D 404 -32.59 7.59 -26.15
C ILE D 404 -33.47 8.57 -25.41
N LEU D 405 -32.87 9.42 -24.58
CA LEU D 405 -33.57 10.41 -23.76
C LEU D 405 -32.98 11.79 -23.98
N SER D 406 -33.83 12.78 -24.18
CA SER D 406 -33.38 14.16 -24.38
CA SER D 406 -33.37 14.16 -24.38
C SER D 406 -33.19 14.86 -23.03
N TYR D 407 -32.25 15.81 -23.01
CA TYR D 407 -32.02 16.62 -21.81
C TYR D 407 -31.56 18.02 -22.22
N ASP D 408 -31.65 18.95 -21.27
CA ASP D 408 -31.41 20.37 -21.53
C ASP D 408 -30.19 20.94 -20.83
N ASP D 409 -29.89 20.54 -19.59
CA ASP D 409 -28.79 21.13 -18.86
C ASP D 409 -28.06 20.07 -18.03
N GLU D 410 -26.83 20.42 -17.63
CA GLU D 410 -25.94 19.45 -17.00
C GLU D 410 -26.48 18.96 -15.67
N ALA D 411 -27.01 19.88 -14.85
CA ALA D 411 -27.54 19.47 -13.56
C ALA D 411 -28.66 18.46 -13.73
N GLU D 412 -29.52 18.67 -14.72
CA GLU D 412 -30.63 17.77 -14.95
C GLU D 412 -30.14 16.38 -15.30
N VAL D 413 -29.20 16.29 -16.24
CA VAL D 413 -28.82 14.97 -16.72
C VAL D 413 -28.13 14.19 -15.62
N ILE D 414 -27.38 14.88 -14.75
CA ILE D 414 -26.75 14.18 -13.63
C ILE D 414 -27.80 13.62 -12.68
N ARG D 415 -28.79 14.44 -12.32
CA ARG D 415 -29.87 13.96 -11.45
C ARG D 415 -30.57 12.76 -12.06
N ARG D 416 -30.90 12.83 -13.36
CA ARG D 416 -31.63 11.74 -14.00
C ARG D 416 -30.73 10.51 -14.18
N ALA D 417 -29.46 10.71 -14.51
CA ALA D 417 -28.56 9.57 -14.62
C ALA D 417 -28.50 8.81 -13.29
N ASN D 418 -28.49 9.52 -12.17
CA ASN D 418 -28.40 8.92 -10.84
C ASN D 418 -29.74 8.45 -10.29
N ALA D 419 -30.86 8.81 -10.90
CA ALA D 419 -32.18 8.52 -10.35
C ALA D 419 -32.58 7.08 -10.69
N THR D 420 -31.90 6.15 -10.05
CA THR D 420 -32.10 4.73 -10.31
C THR D 420 -31.58 3.93 -9.12
N GLU D 421 -32.17 2.75 -8.93
CA GLU D 421 -31.66 1.81 -7.94
C GLU D 421 -30.38 1.10 -8.42
N TYR D 422 -30.11 1.10 -9.72
CA TYR D 422 -28.92 0.49 -10.29
C TYR D 422 -27.70 1.40 -10.12
N GLY D 423 -26.53 0.79 -10.20
CA GLY D 423 -25.29 1.51 -9.95
C GLY D 423 -24.04 0.99 -10.62
N LEU D 424 -24.19 0.27 -11.74
CA LEU D 424 -23.07 -0.52 -12.23
C LEU D 424 -22.05 0.34 -12.99
N ALA D 425 -22.47 0.94 -14.09
CA ALA D 425 -21.54 1.67 -14.95
C ALA D 425 -22.16 2.99 -15.36
N ALA D 426 -21.32 3.82 -15.99
CA ALA D 426 -21.73 5.11 -16.52
C ALA D 426 -20.64 5.63 -17.44
N GLY D 427 -20.98 6.62 -18.25
CA GLY D 427 -19.99 7.22 -19.12
C GLY D 427 -20.43 8.57 -19.61
N VAL D 428 -19.43 9.36 -20.03
CA VAL D 428 -19.65 10.69 -20.59
C VAL D 428 -18.81 10.83 -21.85
N VAL D 429 -19.35 11.53 -22.85
CA VAL D 429 -18.62 11.86 -24.06
C VAL D 429 -18.49 13.38 -24.12
N THR D 430 -17.25 13.87 -24.01
CA THR D 430 -16.96 15.30 -24.07
C THR D 430 -15.47 15.51 -24.27
N PRO D 431 -15.07 16.50 -25.07
CA PRO D 431 -13.65 16.87 -25.17
C PRO D 431 -13.16 17.83 -24.11
N ASP D 432 -14.02 18.28 -23.21
CA ASP D 432 -13.67 19.31 -22.25
C ASP D 432 -13.09 18.70 -20.97
N LEU D 433 -11.93 19.21 -20.56
CA LEU D 433 -11.25 18.69 -19.38
C LEU D 433 -12.14 18.75 -18.15
N ASN D 434 -12.66 19.94 -17.84
CA ASN D 434 -13.42 20.12 -16.61
C ASN D 434 -14.71 19.31 -16.64
N ARG D 435 -15.40 19.33 -17.77
CA ARG D 435 -16.69 18.67 -17.86
C ARG D 435 -16.56 17.17 -17.67
N ALA D 436 -15.54 16.55 -18.27
CA ALA D 436 -15.41 15.10 -18.16
C ALA D 436 -15.24 14.67 -16.71
N HIS D 437 -14.28 15.26 -16.00
CA HIS D 437 -14.01 14.88 -14.62
C HIS D 437 -15.12 15.36 -13.69
N ARG D 438 -15.63 16.57 -13.92
CA ARG D 438 -16.67 17.10 -13.06
C ARG D 438 -17.93 16.25 -13.09
N ILE D 439 -18.35 15.84 -14.29
CA ILE D 439 -19.56 15.04 -14.40
C ILE D 439 -19.32 13.65 -13.84
N ILE D 440 -18.21 13.01 -14.20
CA ILE D 440 -17.97 11.65 -13.77
C ILE D 440 -17.90 11.57 -12.25
N HIS D 441 -17.31 12.58 -11.61
CA HIS D 441 -17.18 12.51 -10.16
C HIS D 441 -18.52 12.49 -9.46
N GLN D 442 -19.59 12.97 -10.11
CA GLN D 442 -20.91 13.06 -9.51
C GLN D 442 -21.82 11.86 -9.83
N LEU D 443 -21.41 10.93 -10.69
CA LEU D 443 -22.28 9.83 -11.08
C LEU D 443 -22.14 8.68 -10.08
N GLU D 444 -23.26 8.06 -9.76
CA GLU D 444 -23.29 7.00 -8.74
C GLU D 444 -23.16 5.63 -9.41
N ALA D 445 -21.92 5.36 -9.86
CA ALA D 445 -21.60 4.11 -10.54
C ALA D 445 -20.14 3.74 -10.28
N GLY D 446 -19.87 2.43 -10.29
CA GLY D 446 -18.56 1.90 -9.98
C GLY D 446 -17.59 1.88 -11.15
N ILE D 447 -18.13 1.88 -12.37
CA ILE D 447 -17.36 1.72 -13.61
C ILE D 447 -17.70 2.90 -14.49
N CYS D 448 -16.76 3.81 -14.68
CA CYS D 448 -17.04 5.03 -15.44
C CYS D 448 -16.07 5.15 -16.61
N TRP D 449 -16.63 5.40 -17.79
CA TRP D 449 -15.85 5.51 -19.02
C TRP D 449 -15.98 6.92 -19.59
N ILE D 450 -14.85 7.52 -19.93
CA ILE D 450 -14.80 8.83 -20.57
C ILE D 450 -14.37 8.63 -22.02
N ASN D 451 -15.24 9.02 -22.95
CA ASN D 451 -14.96 8.95 -24.38
C ASN D 451 -14.63 7.52 -24.83
N SER D 452 -15.30 6.54 -24.23
CA SER D 452 -15.13 5.15 -24.60
CA SER D 452 -15.15 5.15 -24.62
C SER D 452 -16.24 4.36 -23.92
N TRP D 453 -16.24 3.04 -24.16
CA TRP D 453 -17.14 2.17 -23.44
C TRP D 453 -16.60 0.74 -23.47
N GLY D 454 -16.77 0.02 -22.36
CA GLY D 454 -16.65 -1.43 -22.33
C GLY D 454 -15.30 -1.98 -21.87
N GLU D 455 -14.23 -1.19 -21.93
CA GLU D 455 -12.92 -1.76 -21.63
C GLU D 455 -12.81 -2.02 -20.13
N SER D 456 -12.34 -3.21 -19.78
CA SER D 456 -12.32 -3.69 -18.40
C SER D 456 -10.96 -4.30 -18.10
N PRO D 457 -9.93 -3.46 -17.96
CA PRO D 457 -8.58 -4.00 -17.78
C PRO D 457 -8.48 -4.82 -16.50
N ALA D 458 -7.60 -5.82 -16.54
CA ALA D 458 -7.43 -6.67 -15.38
C ALA D 458 -7.07 -5.85 -14.14
N GLU D 459 -6.39 -4.71 -14.31
CA GLU D 459 -5.93 -3.89 -13.21
C GLU D 459 -7.03 -3.07 -12.56
N MET D 460 -8.18 -2.94 -13.20
CA MET D 460 -9.19 -1.98 -12.83
C MET D 460 -10.29 -2.66 -12.04
N PRO D 461 -10.48 -2.35 -10.74
CA PRO D 461 -11.61 -2.94 -10.01
C PRO D 461 -12.93 -2.52 -10.61
N VAL D 462 -13.86 -3.48 -10.73
CA VAL D 462 -15.16 -3.22 -11.33
C VAL D 462 -16.24 -3.88 -10.48
N GLY D 463 -17.33 -3.15 -10.29
CA GLY D 463 -18.48 -3.64 -9.57
C GLY D 463 -19.46 -2.49 -9.38
N GLY D 464 -20.58 -2.82 -8.75
CA GLY D 464 -21.73 -1.92 -8.73
C GLY D 464 -21.91 -1.14 -7.45
N TYR D 465 -22.45 0.06 -7.60
CA TYR D 465 -23.09 0.80 -6.51
C TYR D 465 -24.52 0.30 -6.32
N LYS D 466 -25.08 0.60 -5.14
CA LYS D 466 -26.52 0.44 -4.84
C LYS D 466 -26.96 -0.98 -5.16
N HIS D 467 -28.01 -1.18 -5.95
CA HIS D 467 -28.53 -2.52 -6.20
C HIS D 467 -27.74 -3.28 -7.25
N SER D 468 -26.69 -2.70 -7.82
CA SER D 468 -25.98 -3.39 -8.89
C SER D 468 -24.86 -4.31 -8.41
N GLY D 469 -24.49 -4.28 -7.15
CA GLY D 469 -23.50 -5.27 -6.71
C GLY D 469 -23.01 -5.06 -5.31
N ILE D 470 -22.28 -6.06 -4.84
CA ILE D 470 -21.57 -6.05 -3.57
C ILE D 470 -20.14 -6.47 -3.89
N GLY D 471 -19.17 -5.70 -3.42
CA GLY D 471 -17.78 -6.03 -3.67
C GLY D 471 -17.32 -5.69 -5.09
N ARG D 472 -16.14 -6.18 -5.41
CA ARG D 472 -15.52 -5.86 -6.68
C ARG D 472 -14.87 -7.10 -7.26
N GLU D 473 -14.64 -7.06 -8.57
CA GLU D 473 -13.80 -8.00 -9.28
C GLU D 473 -12.67 -7.25 -9.98
N ASN D 474 -11.58 -7.99 -10.26
CA ASN D 474 -10.36 -7.52 -10.89
C ASN D 474 -9.61 -6.53 -10.00
N GLY D 475 -8.38 -6.20 -10.38
CA GLY D 475 -7.53 -5.33 -9.58
C GLY D 475 -6.91 -6.04 -8.38
N VAL D 476 -5.97 -5.35 -7.75
CA VAL D 476 -5.27 -5.93 -6.61
CA VAL D 476 -5.27 -5.94 -6.61
C VAL D 476 -6.25 -6.18 -5.46
N MET D 477 -7.23 -5.30 -5.28
CA MET D 477 -8.11 -5.43 -4.13
C MET D 477 -8.88 -6.74 -4.14
N THR D 478 -9.20 -7.24 -5.33
CA THR D 478 -9.99 -8.46 -5.39
C THR D 478 -9.18 -9.68 -5.00
N LEU D 479 -7.87 -9.66 -5.26
CA LEU D 479 -7.02 -10.71 -4.72
C LEU D 479 -7.08 -10.71 -3.20
N GLN D 480 -7.02 -9.53 -2.59
CA GLN D 480 -7.06 -9.43 -1.13
C GLN D 480 -8.40 -9.91 -0.57
N SER D 481 -9.49 -9.63 -1.27
CA SER D 481 -10.81 -9.98 -0.79
C SER D 481 -11.04 -11.48 -0.81
N TYR D 482 -10.17 -12.23 -1.46
CA TYR D 482 -10.23 -13.68 -1.41
C TYR D 482 -9.31 -14.25 -0.34
N THR D 483 -8.77 -13.38 0.51
CA THR D 483 -8.07 -13.80 1.72
C THR D 483 -8.83 -13.22 2.92
N GLN D 484 -8.53 -13.77 4.09
CA GLN D 484 -9.04 -13.23 5.34
C GLN D 484 -7.86 -12.85 6.20
N VAL D 485 -8.00 -11.74 6.92
CA VAL D 485 -6.93 -11.23 7.76
C VAL D 485 -6.92 -11.94 9.10
N LYS D 486 -5.75 -12.45 9.49
CA LYS D 486 -5.52 -12.93 10.85
C LYS D 486 -4.54 -11.97 11.50
N SER D 487 -4.93 -11.38 12.61
CA SER D 487 -4.08 -10.50 13.40
C SER D 487 -3.48 -11.27 14.56
N ILE D 488 -2.18 -11.11 14.77
CA ILE D 488 -1.42 -11.86 15.76
C ILE D 488 -0.62 -10.86 16.59
N GLN D 489 -0.89 -10.82 17.90
CA GLN D 489 -0.13 -9.99 18.83
C GLN D 489 0.90 -10.82 19.56
N VAL D 490 2.15 -10.37 19.51
CA VAL D 490 3.24 -10.98 20.26
C VAL D 490 3.50 -10.11 21.47
N GLU D 491 3.17 -10.62 22.66
CA GLU D 491 3.39 -9.88 23.90
C GLU D 491 4.65 -10.43 24.56
N MET D 492 5.70 -9.64 24.55
CA MET D 492 6.96 -10.04 25.13
C MET D 492 7.14 -9.52 26.53
N GLY D 493 6.21 -8.68 26.99
CA GLY D 493 6.21 -8.18 28.35
C GLY D 493 5.47 -9.09 29.30
N PRO D 494 5.58 -8.84 30.59
CA PRO D 494 4.85 -9.64 31.58
C PRO D 494 3.38 -9.28 31.58
N PHE D 495 2.53 -10.29 31.44
CA PHE D 495 1.09 -10.10 31.39
C PHE D 495 0.56 -9.78 32.77
N GLN D 496 -0.30 -8.77 32.86
CA GLN D 496 -0.85 -8.31 34.12
C GLN D 496 -2.31 -8.72 34.17
N SER D 497 -2.66 -9.47 35.21
CA SER D 497 -4.06 -9.79 35.48
C SER D 497 -4.53 -8.89 36.63
N ILE D 498 -5.78 -8.42 36.52
CA ILE D 498 -6.38 -7.67 37.61
C ILE D 498 -7.02 -8.56 38.65
N PHE D 499 -7.01 -9.88 38.46
CA PHE D 499 -7.62 -10.80 39.42
C PHE D 499 -6.63 -11.47 40.37
P 5GP E . 40.26 -3.84 -4.56
O1P 5GP E . 41.28 -2.82 -4.07
O2P 5GP E . 40.62 -4.55 -5.84
O3P 5GP E . 38.86 -3.25 -4.61
O5' 5GP E . 40.19 -5.01 -3.47
C5' 5GP E . 40.90 -4.96 -2.25
C4' 5GP E . 40.02 -4.64 -1.08
O4' 5GP E . 38.65 -4.44 -1.55
C3' 5GP E . 39.94 -5.72 -0.01
O3' 5GP E . 39.67 -5.13 1.27
C2' 5GP E . 38.72 -6.53 -0.46
O2' 5GP E . 38.13 -7.32 0.54
C1' 5GP E . 37.80 -5.40 -0.94
N9 5GP E . 36.80 -5.81 -1.93
C8 5GP E . 37.06 -6.09 -3.25
N7 5GP E . 35.99 -6.41 -3.93
C5 5GP E . 34.95 -6.33 -3.00
C6 5GP E . 33.56 -6.58 -3.17
O6 5GP E . 32.96 -6.93 -4.20
N1 5GP E . 32.86 -6.39 -1.98
C2 5GP E . 33.42 -6.01 -0.79
N2 5GP E . 32.58 -5.87 0.26
N3 5GP E . 34.73 -5.79 -0.62
C4 5GP E . 35.44 -5.96 -1.77
C1 PGE F . 46.79 -4.42 8.55
O1 PGE F . 46.16 -3.80 9.66
C2 PGE F . 45.91 -5.54 8.06
O2 PGE F . 45.26 -5.13 6.87
C3 PGE F . 45.22 -6.10 5.84
C4 PGE F . 44.85 -5.56 4.48
O4 PGE F . 46.87 -2.32 1.77
C6 PGE F . 46.84 -2.99 3.00
C5 PGE F . 45.57 -3.83 3.02
O3 PGE F . 45.41 -4.28 4.34
P 5GP G . -31.44 -12.51 23.17
O1P 5GP G . -31.12 -11.16 22.55
O2P 5GP G . -32.42 -13.30 22.32
O3P 5GP G . -31.75 -12.37 24.65
O5' 5GP G . -30.06 -13.32 23.10
C5' 5GP G . -29.84 -14.46 23.92
C4' 5GP G . -28.69 -15.28 23.41
O4' 5GP G . -27.83 -14.38 22.62
C3' 5GP G . -27.78 -15.88 24.47
O3' 5GP G . -27.13 -17.04 23.95
C2' 5GP G . -26.76 -14.76 24.70
O2' 5GP G . -25.53 -15.21 25.25
C1' 5GP G . -26.58 -14.21 23.28
N9 5GP G . -26.28 -12.78 23.22
C8 5GP G . -27.10 -11.77 23.65
N7 5GP G . -26.60 -10.57 23.47
C5 5GP G . -25.37 -10.80 22.89
C6 5GP G . -24.37 -9.89 22.47
O6 5GP G . -24.40 -8.65 22.55
N1 5GP G . -23.27 -10.54 21.93
C2 5GP G . -23.14 -11.90 21.80
N2 5GP G . -22.00 -12.35 21.24
N3 5GP G . -24.07 -12.77 22.19
C4 5GP G . -25.15 -12.16 22.73
C1 PGE H . -7.56 -3.60 31.54
O1 PGE H . -6.59 -2.65 31.98
C2 PGE H . -6.85 -4.76 30.89
O2 PGE H . -7.76 -5.80 30.65
C3 PGE H . -8.65 -5.62 29.56
C4 PGE H . -9.57 -6.80 29.32
O4 PGE H . -10.48 -9.43 26.71
C6 PGE H . -10.78 -9.26 28.08
C5 PGE H . -9.50 -9.17 28.91
O3 PGE H . -8.89 -7.90 28.74
CL CL I . -20.00 12.27 36.77
P 5GP J . 24.11 32.18 -2.98
O1P 5GP J . 25.57 32.57 -2.85
O2P 5GP J . 23.10 33.04 -2.25
O3P 5GP J . 23.89 30.70 -2.71
O5' 5GP J . 23.73 32.36 -4.53
C5' 5GP J . 24.42 31.66 -5.56
C4' 5GP J . 23.48 31.22 -6.65
O4' 5GP J . 22.52 30.29 -6.07
C3' 5GP J . 22.65 32.33 -7.29
O3' 5GP J . 22.34 32.00 -8.64
C2' 5GP J . 21.37 32.31 -6.47
O2' 5GP J . 20.23 32.82 -7.12
C1' 5GP J . 21.20 30.81 -6.19
N9 5GP J . 20.48 30.53 -4.94
C8 5GP J . 20.77 31.06 -3.70
N7 5GP J . 19.96 30.64 -2.75
C5 5GP J . 19.09 29.77 -3.41
C6 5GP J . 18.00 29.01 -2.90
O6 5GP J . 17.60 28.96 -1.72
N1 5GP J . 17.39 28.26 -3.90
C2 5GP J . 17.77 28.25 -5.23
N2 5GP J . 17.06 27.46 -6.05
N3 5GP J . 18.79 28.97 -5.72
C4 5GP J . 19.40 29.70 -4.75
CL CL K . -14.49 -27.77 -33.88
#